data_7QWK
#
_entry.id   7QWK
#
_cell.length_a   73.799
_cell.length_b   77.795
_cell.length_c   101.690
_cell.angle_alpha   89.860
_cell.angle_beta   90.050
_cell.angle_gamma   68.580
#
_symmetry.space_group_name_H-M   'P 1'
#
loop_
_entity.id
_entity.type
_entity.pdbx_description
1 polymer 'eIF-2-alpha kinase GCN2'
2 non-polymer (2~{S})-~{N}-[(1~{S})-1-[4-[(6-pyridin-4-ylquinazolin-2-yl)amino]phenyl]ethyl]piperidine-2-carboxamide
3 non-polymer 'DIMETHYL SULFOXIDE'
4 water water
#
_entity_poly.entity_id   1
_entity_poly.type   'polypeptide(L)'
_entity_poly.pdbx_seq_one_letter_code
;SETQRQFSRYFIEFEELQLLGKGAFGAVIKVQNKLDGCCYAVKRIPINPASRQFRRIKGEVTLLSRLHHENIVRYYNAWI
ERHERPSVTTEAVHYLYIQMEYCEKSTLRDTIDQGLYRDTVRLWRLFREILDGLAYIHEKGMIHRNLKPVNIFLDSDDHV
KIGDFGLATDHLAFSADSKQDDQTGDLIKSDPSGHLTGMVGTALYVSPEVQGSTKSAYNQKVDLFSLGIIFFEMSYHPMV
TASERIFVLNQLRDPTSPKFPEDFDDGEHAKQKSVISWLLNHDPAKRPTATELLKSELLPPPQMEESELHEVLHHTLT
;
_entity_poly.pdbx_strand_id   A,B,C,D,E,F,G,H
#
# COMPACT_ATOMS: atom_id res chain seq x y z
N PHE A 7 25.82 69.02 -14.31
CA PHE A 7 24.56 69.42 -14.95
C PHE A 7 23.36 68.70 -14.30
N SER A 8 23.00 67.47 -14.76
CA SER A 8 21.88 66.74 -14.16
C SER A 8 22.33 65.88 -12.98
N ARG A 9 21.78 66.11 -11.78
CA ARG A 9 22.12 65.35 -10.57
C ARG A 9 21.93 63.86 -10.78
N TYR A 10 20.82 63.50 -11.47
CA TYR A 10 20.44 62.14 -11.81
C TYR A 10 21.53 61.45 -12.65
N PHE A 11 21.95 62.07 -13.77
CA PHE A 11 22.98 61.55 -14.68
C PHE A 11 24.38 61.61 -14.10
N ILE A 12 24.68 62.61 -13.26
CA ILE A 12 25.99 62.73 -12.66
C ILE A 12 26.21 61.62 -11.61
N GLU A 13 25.26 61.41 -10.71
CA GLU A 13 25.43 60.50 -9.58
C GLU A 13 25.08 59.04 -9.82
N PHE A 14 24.17 58.77 -10.74
CA PHE A 14 23.68 57.41 -11.00
C PHE A 14 24.00 56.87 -12.39
N GLU A 15 24.15 55.54 -12.49
CA GLU A 15 24.29 54.81 -13.76
C GLU A 15 22.95 54.05 -14.01
N GLU A 16 22.21 54.38 -15.09
CA GLU A 16 20.96 53.72 -15.47
C GLU A 16 21.20 52.23 -15.80
N LEU A 17 20.47 51.33 -15.13
CA LEU A 17 20.65 49.89 -15.33
C LEU A 17 19.54 49.30 -16.15
N GLN A 18 18.30 49.70 -15.88
CA GLN A 18 17.16 49.07 -16.50
C GLN A 18 15.94 49.89 -16.25
N LEU A 19 15.01 49.92 -17.22
CA LEU A 19 13.76 50.62 -17.06
C LEU A 19 12.77 49.63 -16.42
N LEU A 20 12.31 49.95 -15.21
CA LEU A 20 11.40 49.09 -14.47
C LEU A 20 9.96 49.39 -14.83
N GLY A 21 9.71 50.65 -15.14
CA GLY A 21 8.36 51.10 -15.42
C GLY A 21 8.33 52.30 -16.32
N LYS A 22 7.34 52.30 -17.18
CA LYS A 22 7.11 53.33 -18.17
C LYS A 22 5.62 53.60 -18.32
N GLY A 23 5.33 54.88 -18.29
CA GLY A 23 4.02 55.46 -18.52
C GLY A 23 4.28 56.57 -19.51
N ALA A 24 3.22 57.20 -20.05
CA ALA A 24 3.43 58.32 -20.96
C ALA A 24 3.78 59.56 -20.13
N PHE A 25 3.36 59.55 -18.83
CA PHE A 25 3.47 60.59 -17.81
C PHE A 25 4.34 60.21 -16.57
N GLY A 26 5.42 59.46 -16.80
CA GLY A 26 6.32 59.01 -15.73
C GLY A 26 7.10 57.74 -16.03
N ALA A 27 8.16 57.47 -15.26
CA ALA A 27 8.99 56.29 -15.45
C ALA A 27 9.76 55.90 -14.18
N VAL A 28 10.02 54.59 -14.00
CA VAL A 28 10.80 54.10 -12.86
C VAL A 28 12.01 53.43 -13.47
N ILE A 29 13.20 53.75 -12.98
CA ILE A 29 14.45 53.21 -13.48
C ILE A 29 15.25 52.58 -12.31
N LYS A 30 15.93 51.45 -12.57
CA LYS A 30 16.83 50.78 -11.65
C LYS A 30 18.13 51.41 -11.97
N VAL A 31 18.74 52.01 -10.96
CA VAL A 31 19.99 52.74 -11.14
C VAL A 31 20.96 52.22 -10.14
N GLN A 32 22.24 52.47 -10.38
CA GLN A 32 23.27 52.15 -9.41
C GLN A 32 23.91 53.48 -9.08
N ASN A 33 24.01 53.82 -7.78
CA ASN A 33 24.70 55.05 -7.33
C ASN A 33 26.18 54.84 -7.50
N LYS A 34 26.84 55.77 -8.17
CA LYS A 34 28.28 55.67 -8.47
C LYS A 34 29.19 55.66 -7.26
N LEU A 35 28.83 56.43 -6.23
CA LEU A 35 29.63 56.50 -5.02
C LEU A 35 29.47 55.30 -4.10
N ASP A 36 28.23 54.89 -3.75
CA ASP A 36 27.98 53.80 -2.78
C ASP A 36 27.79 52.39 -3.39
N GLY A 37 27.71 52.32 -4.73
CA GLY A 37 27.57 51.06 -5.47
C GLY A 37 26.27 50.29 -5.29
N CYS A 38 25.28 50.90 -4.61
CA CYS A 38 23.97 50.36 -4.35
C CYS A 38 23.05 50.57 -5.50
N CYS A 39 22.07 49.66 -5.61
CA CYS A 39 20.98 49.75 -6.55
C CYS A 39 19.80 50.36 -5.87
N TYR A 40 19.15 51.27 -6.61
CA TYR A 40 17.94 51.95 -6.21
C TYR A 40 16.94 51.94 -7.36
N ALA A 41 15.66 52.17 -7.04
CA ALA A 41 14.54 52.39 -7.98
C ALA A 41 14.27 53.92 -7.93
N VAL A 42 14.48 54.60 -9.07
CA VAL A 42 14.30 56.05 -9.18
C VAL A 42 13.10 56.32 -10.06
N LYS A 43 12.04 56.89 -9.46
CA LYS A 43 10.81 57.27 -10.13
C LYS A 43 11.00 58.70 -10.64
N ARG A 44 10.70 58.97 -11.91
CA ARG A 44 10.81 60.30 -12.53
C ARG A 44 9.40 60.71 -12.96
N ILE A 45 8.95 61.89 -12.53
CA ILE A 45 7.62 62.43 -12.82
C ILE A 45 7.69 63.88 -13.34
N PRO A 46 7.11 64.19 -14.51
CA PRO A 46 7.09 65.59 -14.95
C PRO A 46 6.15 66.39 -14.04
N ILE A 47 6.56 67.58 -13.63
CA ILE A 47 5.76 68.44 -12.75
C ILE A 47 5.66 69.90 -13.28
N ASN A 48 4.60 70.60 -12.86
CA ASN A 48 4.34 72.01 -13.16
C ASN A 48 4.49 72.73 -11.80
N PRO A 49 5.65 73.36 -11.46
CA PRO A 49 5.79 73.95 -10.11
C PRO A 49 4.84 75.11 -9.76
N ALA A 50 4.30 75.79 -10.79
CA ALA A 50 3.33 76.86 -10.57
C ALA A 50 1.92 76.29 -10.84
N SER A 51 1.54 75.24 -10.06
CA SER A 51 0.26 74.54 -10.16
C SER A 51 -0.14 73.83 -8.87
N ARG A 52 -1.42 73.45 -8.76
CA ARG A 52 -1.98 72.73 -7.62
C ARG A 52 -1.55 71.26 -7.65
N GLN A 53 -1.21 70.74 -8.86
CA GLN A 53 -0.73 69.36 -9.07
C GLN A 53 0.59 69.21 -8.31
N PHE A 54 1.52 70.19 -8.46
CA PHE A 54 2.78 70.21 -7.72
C PHE A 54 2.58 70.51 -6.23
N ARG A 55 1.48 71.19 -5.87
CA ARG A 55 1.23 71.44 -4.45
C ARG A 55 0.89 70.09 -3.80
N ARG A 56 0.04 69.28 -4.51
CA ARG A 56 -0.40 67.93 -4.13
C ARG A 56 0.76 66.94 -4.12
N ILE A 57 1.64 66.95 -5.17
CA ILE A 57 2.80 66.05 -5.28
C ILE A 57 3.76 66.29 -4.12
N LYS A 58 4.09 67.57 -3.82
CA LYS A 58 4.97 67.94 -2.71
C LYS A 58 4.41 67.50 -1.37
N GLY A 59 3.08 67.52 -1.24
CA GLY A 59 2.40 67.06 -0.03
C GLY A 59 2.58 65.58 0.19
N GLU A 60 2.47 64.80 -0.90
CA GLU A 60 2.65 63.34 -0.88
C GLU A 60 4.13 62.97 -0.54
N VAL A 61 5.10 63.73 -1.12
CA VAL A 61 6.54 63.60 -0.88
C VAL A 61 6.88 63.88 0.60
N THR A 62 6.13 64.79 1.24
CA THR A 62 6.25 65.16 2.65
C THR A 62 5.83 64.00 3.57
N LEU A 63 4.72 63.34 3.25
CA LEU A 63 4.20 62.22 4.03
C LEU A 63 5.14 61.00 3.96
N LEU A 64 5.56 60.65 2.70
CA LEU A 64 6.45 59.56 2.30
C LEU A 64 7.79 59.67 3.04
N SER A 65 8.37 60.85 3.09
CA SER A 65 9.63 61.15 3.74
C SER A 65 9.59 60.95 5.25
N ARG A 66 8.38 60.78 5.82
CA ARG A 66 8.17 60.57 7.26
C ARG A 66 7.86 59.13 7.62
N LEU A 67 7.73 58.25 6.63
CA LEU A 67 7.48 56.83 6.91
C LEU A 67 8.81 56.15 7.32
N HIS A 68 8.77 55.24 8.26
CA HIS A 68 9.94 54.52 8.76
C HIS A 68 9.41 53.22 9.41
N HIS A 69 9.38 52.13 8.62
CA HIS A 69 8.87 50.82 9.00
C HIS A 69 9.49 49.75 8.08
N GLU A 70 9.76 48.54 8.59
CA GLU A 70 10.36 47.47 7.78
C GLU A 70 9.47 46.96 6.65
N ASN A 71 8.15 47.28 6.66
CA ASN A 71 7.20 46.81 5.64
C ASN A 71 6.77 47.92 4.72
N ILE A 72 7.60 48.99 4.65
CA ILE A 72 7.43 50.15 3.77
C ILE A 72 8.72 50.31 2.94
N VAL A 73 8.58 50.46 1.61
CA VAL A 73 9.77 50.67 0.79
C VAL A 73 10.52 51.91 1.33
N ARG A 74 11.77 51.70 1.74
CA ARG A 74 12.69 52.71 2.25
C ARG A 74 12.92 53.86 1.24
N TYR A 75 12.59 55.10 1.65
CA TYR A 75 12.80 56.35 0.92
C TYR A 75 14.27 56.82 1.17
N TYR A 76 14.90 57.39 0.12
CA TYR A 76 16.27 57.89 0.19
C TYR A 76 16.40 59.41 -0.09
N ASN A 77 15.72 59.89 -1.14
CA ASN A 77 15.78 61.26 -1.60
C ASN A 77 14.67 61.59 -2.58
N ALA A 78 14.48 62.88 -2.79
CA ALA A 78 13.56 63.50 -3.72
C ALA A 78 14.14 64.86 -4.01
N TRP A 79 14.13 65.27 -5.29
CA TRP A 79 14.70 66.51 -5.79
C TRP A 79 14.08 66.83 -7.13
N ILE A 80 14.19 68.09 -7.53
CA ILE A 80 13.69 68.58 -8.80
C ILE A 80 14.85 69.07 -9.64
N GLU A 81 14.74 68.80 -10.94
CA GLU A 81 15.67 69.23 -11.95
C GLU A 81 14.90 70.02 -12.99
N ARG A 82 15.46 71.17 -13.38
CA ARG A 82 14.94 72.03 -14.44
C ARG A 82 15.85 71.73 -15.62
N HIS A 83 15.31 71.08 -16.66
CA HIS A 83 16.05 70.72 -17.86
C HIS A 83 15.45 71.45 -19.06
N VAL A 93 10.45 72.66 -18.73
CA VAL A 93 10.39 71.26 -18.28
C VAL A 93 11.00 71.07 -16.88
N HIS A 94 10.17 70.62 -15.92
CA HIS A 94 10.57 70.29 -14.55
C HIS A 94 10.26 68.82 -14.27
N TYR A 95 11.25 68.09 -13.74
CA TYR A 95 11.10 66.69 -13.36
C TYR A 95 11.35 66.52 -11.88
N LEU A 96 10.47 65.76 -11.21
CA LEU A 96 10.62 65.35 -9.83
C LEU A 96 11.23 63.92 -9.84
N TYR A 97 12.37 63.73 -9.14
CA TYR A 97 12.98 62.40 -9.00
C TYR A 97 12.80 61.92 -7.55
N ILE A 98 12.32 60.66 -7.34
CA ILE A 98 12.14 60.04 -6.02
C ILE A 98 13.00 58.79 -6.03
N GLN A 99 14.05 58.74 -5.19
CA GLN A 99 14.97 57.63 -5.08
C GLN A 99 14.56 56.73 -3.90
N MET A 100 14.18 55.49 -4.19
CA MET A 100 13.69 54.52 -3.18
C MET A 100 14.61 53.33 -3.09
N GLU A 101 14.33 52.38 -2.18
CA GLU A 101 15.11 51.14 -2.19
C GLU A 101 14.67 50.31 -3.39
N TYR A 102 15.59 49.53 -3.90
CA TYR A 102 15.33 48.61 -4.99
C TYR A 102 15.06 47.25 -4.33
N CYS A 103 13.83 46.72 -4.53
CA CYS A 103 13.40 45.43 -4.03
C CYS A 103 13.70 44.33 -5.06
N GLU A 104 14.69 43.49 -4.75
CA GLU A 104 15.25 42.48 -5.63
C GLU A 104 14.26 41.40 -6.12
N LYS A 105 13.28 41.00 -5.28
CA LYS A 105 12.35 39.93 -5.65
C LYS A 105 11.04 40.47 -6.26
N SER A 106 11.13 41.63 -6.91
CA SER A 106 10.05 42.36 -7.60
C SER A 106 8.77 42.58 -6.77
N THR A 107 7.56 42.40 -7.36
CA THR A 107 6.28 42.76 -6.75
C THR A 107 5.43 41.57 -6.29
N LEU A 108 4.37 41.84 -5.49
CA LEU A 108 3.42 40.80 -5.02
C LEU A 108 2.63 40.20 -6.22
N ARG A 109 2.46 40.97 -7.32
CA ARG A 109 1.75 40.45 -8.49
C ARG A 109 2.48 39.21 -9.02
N ASP A 110 3.81 39.32 -9.17
CA ASP A 110 4.71 38.28 -9.62
C ASP A 110 4.61 37.03 -8.75
N THR A 111 4.56 37.19 -7.40
CA THR A 111 4.45 36.08 -6.45
C THR A 111 3.12 35.34 -6.63
N ILE A 112 2.01 36.11 -6.74
CA ILE A 112 0.64 35.62 -6.92
C ILE A 112 0.57 34.75 -8.16
N ASP A 113 1.07 35.27 -9.28
CA ASP A 113 1.06 34.60 -10.58
C ASP A 113 1.99 33.36 -10.62
N GLN A 114 2.97 33.29 -9.72
CA GLN A 114 3.85 32.12 -9.65
C GLN A 114 3.35 31.08 -8.61
N GLY A 115 2.07 31.16 -8.24
CA GLY A 115 1.44 30.21 -7.34
C GLY A 115 1.69 30.32 -5.86
N LEU A 116 1.58 31.55 -5.32
CA LEU A 116 1.74 31.79 -3.88
C LEU A 116 0.76 30.98 -3.03
N TYR A 117 -0.48 30.82 -3.53
CA TYR A 117 -1.59 30.12 -2.88
C TYR A 117 -1.27 28.72 -2.32
N ARG A 118 -0.38 27.97 -2.98
CA ARG A 118 0.02 26.64 -2.52
C ARG A 118 0.88 26.69 -1.26
N ASP A 119 1.58 27.85 -1.05
CA ASP A 119 2.48 28.11 0.08
C ASP A 119 1.78 28.81 1.26
N THR A 120 1.03 28.03 2.04
CA THR A 120 0.26 28.39 3.22
C THR A 120 1.05 29.19 4.27
N VAL A 121 2.27 28.75 4.64
CA VAL A 121 3.12 29.41 5.67
C VAL A 121 3.63 30.79 5.17
N ARG A 122 4.01 30.89 3.90
CA ARG A 122 4.50 32.11 3.27
C ARG A 122 3.33 33.10 3.08
N LEU A 123 2.17 32.59 2.57
CA LEU A 123 0.91 33.31 2.32
C LEU A 123 0.46 34.08 3.56
N TRP A 124 0.41 33.40 4.72
CA TRP A 124 0.03 33.99 5.99
C TRP A 124 1.12 34.93 6.53
N ARG A 125 2.41 34.69 6.19
CA ARG A 125 3.45 35.60 6.66
C ARG A 125 3.36 36.90 5.86
N LEU A 126 3.09 36.82 4.56
CA LEU A 126 3.06 38.01 3.72
C LEU A 126 1.85 38.88 3.96
N PHE A 127 0.73 38.28 4.35
CA PHE A 127 -0.49 39.00 4.63
C PHE A 127 -0.35 39.76 5.94
N ARG A 128 0.31 39.14 6.92
CA ARG A 128 0.58 39.76 8.21
C ARG A 128 1.55 40.94 8.04
N GLU A 129 2.50 40.85 7.08
CA GLU A 129 3.49 41.91 6.82
C GLU A 129 2.84 43.09 6.11
N ILE A 130 1.90 42.84 5.17
CA ILE A 130 1.13 43.90 4.52
C ILE A 130 0.33 44.59 5.63
N LEU A 131 -0.29 43.79 6.56
CA LEU A 131 -1.05 44.26 7.72
C LEU A 131 -0.24 45.17 8.63
N ASP A 132 0.98 44.76 9.05
CA ASP A 132 1.87 45.57 9.89
C ASP A 132 2.22 46.91 9.21
N GLY A 133 2.47 46.88 7.90
CA GLY A 133 2.78 48.07 7.11
C GLY A 133 1.60 49.02 7.15
N LEU A 134 0.41 48.49 6.86
CA LEU A 134 -0.87 49.16 6.84
C LEU A 134 -1.22 49.78 8.21
N ALA A 135 -1.11 49.01 9.30
CA ALA A 135 -1.38 49.48 10.67
C ALA A 135 -0.50 50.69 11.00
N TYR A 136 0.80 50.63 10.63
CA TYR A 136 1.76 51.72 10.81
C TYR A 136 1.32 52.99 10.06
N ILE A 137 0.93 52.85 8.79
CA ILE A 137 0.50 53.96 7.92
C ILE A 137 -0.79 54.59 8.51
N HIS A 138 -1.65 53.75 9.11
CA HIS A 138 -2.89 54.24 9.70
C HIS A 138 -2.63 54.93 11.04
N GLU A 139 -1.71 54.37 11.85
CA GLU A 139 -1.28 54.95 13.13
C GLU A 139 -0.64 56.34 12.91
N LYS A 140 -0.08 56.59 11.70
CA LYS A 140 0.53 57.87 11.33
C LYS A 140 -0.47 58.78 10.58
N GLY A 141 -1.75 58.44 10.69
CA GLY A 141 -2.88 59.14 10.09
C GLY A 141 -2.90 59.19 8.59
N MET A 142 -2.36 58.16 7.91
CA MET A 142 -2.28 58.14 6.44
C MET A 142 -3.10 57.04 5.77
N ILE A 143 -3.37 57.22 4.47
CA ILE A 143 -4.11 56.27 3.65
C ILE A 143 -3.30 55.94 2.38
N HIS A 144 -3.32 54.67 1.94
CA HIS A 144 -2.59 54.32 0.73
C HIS A 144 -3.30 54.78 -0.55
N ARG A 145 -4.57 54.49 -0.65
CA ARG A 145 -5.36 54.89 -1.79
C ARG A 145 -5.06 54.15 -3.08
N ASN A 146 -4.06 53.30 -3.09
CA ASN A 146 -3.81 52.52 -4.29
C ASN A 146 -3.18 51.21 -3.99
N LEU A 147 -3.75 50.55 -3.01
CA LEU A 147 -3.28 49.29 -2.65
C LEU A 147 -3.66 48.24 -3.70
N LYS A 148 -2.66 47.70 -4.36
CA LYS A 148 -2.77 46.62 -5.33
C LYS A 148 -1.48 45.78 -5.32
N PRO A 149 -1.51 44.50 -5.76
CA PRO A 149 -0.29 43.66 -5.69
C PRO A 149 0.93 44.19 -6.44
N VAL A 150 0.75 45.00 -7.51
CA VAL A 150 1.87 45.60 -8.27
C VAL A 150 2.61 46.70 -7.46
N ASN A 151 1.91 47.31 -6.49
CA ASN A 151 2.39 48.36 -5.62
C ASN A 151 2.99 47.82 -4.31
N ILE A 152 3.08 46.47 -4.14
CA ILE A 152 3.66 45.82 -2.97
C ILE A 152 4.86 45.08 -3.48
N PHE A 153 6.02 45.33 -2.89
CA PHE A 153 7.24 44.71 -3.35
C PHE A 153 7.80 43.69 -2.38
N LEU A 154 8.66 42.83 -2.87
CA LEU A 154 9.32 41.86 -2.02
C LEU A 154 10.79 42.09 -2.10
N ASP A 155 11.47 42.07 -0.95
CA ASP A 155 12.94 42.22 -0.94
C ASP A 155 13.64 40.84 -1.04
N SER A 156 14.99 40.82 -1.03
CA SER A 156 15.78 39.60 -1.15
C SER A 156 15.53 38.59 0.00
N ASP A 157 15.24 39.07 1.22
CA ASP A 157 14.94 38.21 2.37
C ASP A 157 13.46 37.77 2.39
N ASP A 158 12.73 38.02 1.28
CA ASP A 158 11.31 37.70 1.06
C ASP A 158 10.34 38.48 1.98
N HIS A 159 10.71 39.72 2.36
CA HIS A 159 9.84 40.59 3.16
C HIS A 159 9.05 41.57 2.29
N VAL A 160 7.82 41.85 2.72
CA VAL A 160 6.90 42.77 2.04
C VAL A 160 7.31 44.21 2.30
N LYS A 161 7.31 45.03 1.25
CA LYS A 161 7.56 46.47 1.32
C LYS A 161 6.45 47.15 0.50
N ILE A 162 5.53 47.86 1.16
CA ILE A 162 4.45 48.61 0.50
C ILE A 162 5.07 49.84 -0.21
N GLY A 163 4.75 50.01 -1.49
CA GLY A 163 5.27 51.12 -2.32
C GLY A 163 4.25 51.83 -3.16
N ASP A 164 4.66 52.40 -4.32
CA ASP A 164 3.74 53.18 -5.16
C ASP A 164 3.53 52.70 -6.61
N PHE A 165 4.61 52.36 -7.40
CA PHE A 165 4.61 51.93 -8.82
C PHE A 165 3.54 52.60 -9.74
N GLY A 166 3.13 53.82 -9.41
CA GLY A 166 2.15 54.56 -10.18
C GLY A 166 2.78 55.29 -11.34
N LEU A 167 2.22 55.08 -12.55
CA LEU A 167 2.67 55.66 -13.81
C LEU A 167 2.45 57.17 -13.84
N GLY A 201 -11.00 48.40 -16.14
CA GLY A 201 -9.86 49.03 -15.49
C GLY A 201 -9.43 48.36 -14.20
N THR A 202 -8.50 49.02 -13.46
CA THR A 202 -7.94 48.55 -12.18
C THR A 202 -8.78 48.97 -10.93
N ALA A 203 -9.99 49.53 -11.17
CA ALA A 203 -10.92 49.97 -10.13
C ALA A 203 -11.50 48.80 -9.27
N LEU A 204 -11.08 47.54 -9.56
CA LEU A 204 -11.49 46.32 -8.84
C LEU A 204 -10.97 46.29 -7.39
N TYR A 205 -10.00 47.17 -7.05
CA TYR A 205 -9.40 47.30 -5.71
C TYR A 205 -10.01 48.47 -4.92
N VAL A 206 -10.67 49.39 -5.63
CA VAL A 206 -11.30 50.58 -5.05
C VAL A 206 -12.55 50.19 -4.25
N SER A 207 -12.57 50.58 -2.96
CA SER A 207 -13.66 50.34 -1.98
C SER A 207 -15.02 50.91 -2.46
N PRO A 208 -16.20 50.33 -2.06
CA PRO A 208 -17.49 50.86 -2.54
C PRO A 208 -17.82 52.29 -2.08
N GLU A 209 -17.31 52.71 -0.89
CA GLU A 209 -17.56 54.03 -0.31
C GLU A 209 -16.84 55.19 -1.04
N VAL A 210 -16.26 54.93 -2.24
CA VAL A 210 -15.61 55.93 -3.11
C VAL A 210 -16.58 56.24 -4.28
N GLN A 211 -17.52 57.18 -3.98
CA GLN A 211 -18.61 57.74 -4.79
C GLN A 211 -19.05 59.08 -4.15
N GLY A 212 -19.99 59.78 -4.80
CA GLY A 212 -20.50 61.11 -4.40
C GLY A 212 -20.77 61.36 -2.94
N SER A 213 -21.72 60.60 -2.35
CA SER A 213 -22.15 60.68 -0.95
C SER A 213 -22.18 59.27 -0.35
N THR A 214 -21.20 58.92 0.53
CA THR A 214 -21.12 57.59 1.15
C THR A 214 -20.31 57.64 2.47
N TYR A 218 -14.67 58.63 3.58
CA TYR A 218 -14.00 57.34 3.38
C TYR A 218 -12.59 57.38 4.00
N ASN A 219 -12.45 56.75 5.18
CA ASN A 219 -11.20 56.74 5.96
C ASN A 219 -10.30 55.50 5.70
N GLN A 220 -9.45 55.15 6.68
CA GLN A 220 -8.48 54.05 6.69
C GLN A 220 -9.04 52.68 6.26
N LYS A 221 -10.37 52.51 6.31
CA LYS A 221 -11.06 51.27 5.92
C LYS A 221 -11.09 51.04 4.39
N VAL A 222 -10.63 52.01 3.59
CA VAL A 222 -10.57 51.91 2.13
C VAL A 222 -9.47 50.92 1.73
N ASP A 223 -8.33 51.00 2.43
CA ASP A 223 -7.15 50.17 2.31
C ASP A 223 -7.43 48.72 2.67
N LEU A 224 -8.26 48.51 3.71
CA LEU A 224 -8.66 47.18 4.15
C LEU A 224 -9.61 46.48 3.17
N PHE A 225 -10.45 47.23 2.40
CA PHE A 225 -11.26 46.57 1.38
C PHE A 225 -10.28 46.03 0.33
N SER A 226 -9.38 46.89 -0.21
CA SER A 226 -8.35 46.54 -1.21
C SER A 226 -7.53 45.33 -0.76
N LEU A 227 -7.23 45.26 0.55
CA LEU A 227 -6.50 44.17 1.18
C LEU A 227 -7.24 42.85 1.00
N GLY A 228 -8.58 42.87 1.16
CA GLY A 228 -9.47 41.73 0.97
C GLY A 228 -9.41 41.15 -0.43
N ILE A 229 -9.27 42.02 -1.45
CA ILE A 229 -9.12 41.60 -2.84
C ILE A 229 -7.74 40.90 -3.02
N ILE A 230 -6.66 41.52 -2.50
CA ILE A 230 -5.26 41.08 -2.53
C ILE A 230 -5.10 39.72 -1.84
N PHE A 231 -5.58 39.59 -0.59
CA PHE A 231 -5.52 38.33 0.15
C PHE A 231 -6.28 37.24 -0.61
N PHE A 232 -7.36 37.59 -1.32
CA PHE A 232 -8.07 36.58 -2.10
C PHE A 232 -7.18 36.10 -3.24
N GLU A 233 -6.62 37.07 -4.00
CA GLU A 233 -5.72 36.78 -5.09
C GLU A 233 -4.51 35.94 -4.61
N MET A 234 -4.03 36.19 -3.38
CA MET A 234 -2.90 35.51 -2.76
C MET A 234 -3.27 34.09 -2.33
N SER A 235 -4.55 33.88 -1.95
CA SER A 235 -5.06 32.61 -1.43
C SER A 235 -5.69 31.76 -2.53
N TYR A 236 -5.81 32.34 -3.73
CA TYR A 236 -6.41 31.70 -4.90
C TYR A 236 -5.37 31.41 -5.98
N HIS A 237 -5.65 30.45 -6.87
CA HIS A 237 -4.75 30.09 -7.95
C HIS A 237 -4.59 31.27 -8.95
N PRO A 238 -3.44 31.38 -9.67
CA PRO A 238 -3.26 32.50 -10.62
C PRO A 238 -4.37 32.59 -11.66
N MET A 239 -4.82 33.82 -11.92
CA MET A 239 -5.85 34.12 -12.91
C MET A 239 -5.13 34.88 -14.03
N VAL A 240 -4.41 34.11 -14.88
CA VAL A 240 -3.58 34.59 -16.01
C VAL A 240 -4.37 35.37 -17.05
N THR A 241 -5.62 34.97 -17.29
CA THR A 241 -6.51 35.59 -18.27
C THR A 241 -7.28 36.75 -17.62
N ALA A 242 -7.38 37.89 -18.34
CA ALA A 242 -8.06 39.12 -17.91
C ALA A 242 -9.53 38.87 -17.60
N SER A 243 -10.28 38.27 -18.55
CA SER A 243 -11.70 37.93 -18.40
C SER A 243 -11.97 37.11 -17.12
N GLU A 244 -11.07 36.16 -16.79
CA GLU A 244 -11.15 35.33 -15.60
C GLU A 244 -11.00 36.19 -14.35
N ARG A 245 -10.06 37.17 -14.38
CA ARG A 245 -9.77 38.10 -13.29
C ARG A 245 -10.93 39.05 -13.06
N ILE A 246 -11.40 39.76 -14.11
CA ILE A 246 -12.52 40.71 -14.00
C ILE A 246 -13.80 40.01 -13.50
N PHE A 247 -14.04 38.76 -13.92
CA PHE A 247 -15.22 37.99 -13.50
C PHE A 247 -15.15 37.60 -12.03
N VAL A 248 -14.12 36.82 -11.66
CA VAL A 248 -13.89 36.30 -10.31
C VAL A 248 -13.86 37.41 -9.26
N LEU A 249 -13.15 38.53 -9.55
CA LEU A 249 -13.04 39.65 -8.61
C LEU A 249 -14.27 40.57 -8.57
N ASN A 250 -15.06 40.67 -9.66
CA ASN A 250 -16.28 41.49 -9.63
C ASN A 250 -17.34 40.79 -8.78
N GLN A 251 -17.31 39.43 -8.77
CA GLN A 251 -18.15 38.54 -7.98
C GLN A 251 -17.87 38.68 -6.48
N LEU A 252 -16.67 39.18 -6.13
CA LEU A 252 -16.20 39.43 -4.76
C LEU A 252 -16.72 40.77 -4.24
N ARG A 253 -16.88 41.76 -5.15
CA ARG A 253 -17.36 43.11 -4.84
C ARG A 253 -18.91 43.24 -4.89
N ASP A 254 -19.63 42.10 -5.00
CA ASP A 254 -21.09 42.02 -5.03
C ASP A 254 -21.66 42.52 -3.67
N PRO A 255 -22.60 43.51 -3.69
CA PRO A 255 -23.16 44.04 -2.43
C PRO A 255 -23.86 43.01 -1.54
N THR A 256 -24.53 42.01 -2.15
CA THR A 256 -25.24 40.94 -1.43
C THR A 256 -24.21 40.12 -0.64
N SER A 257 -23.36 39.34 -1.35
CA SER A 257 -22.33 38.53 -0.71
C SER A 257 -21.07 38.41 -1.60
N PRO A 258 -19.86 38.41 -1.01
CA PRO A 258 -18.65 38.22 -1.84
C PRO A 258 -18.56 36.76 -2.28
N LYS A 259 -18.90 36.50 -3.56
CA LYS A 259 -18.93 35.17 -4.17
C LYS A 259 -17.54 34.52 -4.27
N PHE A 260 -17.20 33.69 -3.25
CA PHE A 260 -15.96 32.92 -3.21
C PHE A 260 -16.10 31.75 -4.22
N PRO A 261 -15.22 31.67 -5.26
CA PRO A 261 -15.35 30.62 -6.30
C PRO A 261 -15.53 29.18 -5.83
N GLU A 262 -16.14 28.36 -6.71
CA GLU A 262 -16.42 26.94 -6.46
C GLU A 262 -15.19 26.17 -6.00
N ASP A 263 -14.03 26.44 -6.62
CA ASP A 263 -12.76 25.79 -6.28
C ASP A 263 -12.00 26.49 -5.13
N PHE A 264 -12.75 27.24 -4.31
CA PHE A 264 -12.27 27.90 -3.10
C PHE A 264 -13.21 27.37 -2.01
N ASP A 265 -12.86 26.17 -1.47
CA ASP A 265 -13.65 25.42 -0.49
C ASP A 265 -13.29 25.70 0.96
N ASP A 266 -14.30 25.61 1.84
CA ASP A 266 -14.17 25.81 3.29
C ASP A 266 -13.38 24.68 3.99
N GLY A 267 -12.87 23.73 3.21
CA GLY A 267 -12.05 22.64 3.72
C GLY A 267 -10.65 23.11 4.05
N GLU A 268 -9.94 23.60 3.02
CA GLU A 268 -8.56 24.07 3.13
C GLU A 268 -8.43 25.62 3.10
N HIS A 269 -9.58 26.34 2.96
CA HIS A 269 -9.59 27.81 2.90
C HIS A 269 -10.55 28.49 3.90
N ALA A 270 -10.94 27.79 4.98
CA ALA A 270 -11.88 28.31 5.98
C ALA A 270 -11.36 29.57 6.68
N LYS A 271 -10.12 29.51 7.25
CA LYS A 271 -9.49 30.65 7.92
C LYS A 271 -9.32 31.86 6.98
N GLN A 272 -8.99 31.64 5.69
CA GLN A 272 -8.84 32.68 4.67
C GLN A 272 -10.19 33.30 4.30
N LYS A 273 -11.23 32.45 4.06
CA LYS A 273 -12.61 32.81 3.71
C LYS A 273 -13.21 33.79 4.74
N SER A 274 -12.97 33.54 6.04
CA SER A 274 -13.43 34.39 7.14
C SER A 274 -12.81 35.81 7.00
N VAL A 275 -11.46 35.87 6.97
CA VAL A 275 -10.66 37.09 6.84
C VAL A 275 -11.01 37.88 5.54
N ILE A 276 -11.17 37.18 4.40
CA ILE A 276 -11.48 37.85 3.14
C ILE A 276 -12.91 38.43 3.16
N SER A 277 -13.88 37.67 3.73
CA SER A 277 -15.28 38.07 3.83
C SER A 277 -15.45 39.23 4.78
N TRP A 278 -14.68 39.24 5.88
CA TRP A 278 -14.70 40.29 6.89
C TRP A 278 -14.13 41.59 6.30
N LEU A 279 -12.97 41.50 5.59
CA LEU A 279 -12.32 42.66 4.96
C LEU A 279 -13.12 43.20 3.80
N LEU A 280 -13.78 42.31 3.04
CA LEU A 280 -14.53 42.69 1.85
C LEU A 280 -15.97 43.16 2.12
N ASN A 281 -16.33 43.33 3.41
CA ASN A 281 -17.65 43.79 3.83
C ASN A 281 -17.99 45.19 3.27
N HIS A 282 -19.13 45.27 2.52
CA HIS A 282 -19.67 46.48 1.89
C HIS A 282 -19.79 47.67 2.85
N ASP A 283 -20.08 47.38 4.12
CA ASP A 283 -20.19 48.42 5.14
C ASP A 283 -18.86 48.54 5.87
N PRO A 284 -18.11 49.62 5.58
CA PRO A 284 -16.79 49.92 6.15
C PRO A 284 -16.69 49.71 7.66
N ALA A 285 -17.69 50.18 8.41
CA ALA A 285 -17.68 50.05 9.87
C ALA A 285 -17.62 48.58 10.31
N LYS A 286 -18.13 47.67 9.45
CA LYS A 286 -18.15 46.20 9.62
C LYS A 286 -16.79 45.53 9.35
N ARG A 287 -15.82 46.27 8.75
CA ARG A 287 -14.47 45.79 8.47
C ARG A 287 -13.59 45.92 9.71
N PRO A 288 -12.56 45.08 9.89
CA PRO A 288 -11.68 45.26 11.06
C PRO A 288 -10.66 46.35 10.78
N THR A 289 -9.89 46.74 11.82
CA THR A 289 -8.76 47.64 11.58
C THR A 289 -7.60 46.67 11.32
N ALA A 290 -6.46 47.19 10.86
CA ALA A 290 -5.27 46.38 10.63
C ALA A 290 -4.80 45.76 11.96
N THR A 291 -4.74 46.57 13.07
CA THR A 291 -4.36 46.06 14.40
C THR A 291 -5.43 45.07 14.90
N GLU A 292 -6.72 45.35 14.62
CA GLU A 292 -7.85 44.49 15.00
C GLU A 292 -7.70 43.13 14.34
N LEU A 293 -7.23 43.11 13.07
CA LEU A 293 -6.99 41.88 12.34
C LEU A 293 -5.70 41.21 12.82
N LEU A 294 -4.74 41.99 13.36
CA LEU A 294 -3.48 41.48 13.89
C LEU A 294 -3.64 40.86 15.27
N LYS A 295 -4.47 41.46 16.14
CA LYS A 295 -4.72 40.98 17.52
C LYS A 295 -5.90 40.00 17.58
N SER A 296 -6.25 39.43 16.42
CA SER A 296 -7.34 38.46 16.24
C SER A 296 -6.87 37.05 16.59
N PHE B 7 17.97 37.76 -39.29
CA PHE B 7 17.31 36.68 -40.04
C PHE B 7 16.43 35.79 -39.13
N SER B 8 15.76 34.76 -39.71
CA SER B 8 14.82 33.85 -39.05
C SER B 8 15.42 32.89 -38.03
N ARG B 9 14.85 32.90 -36.80
CA ARG B 9 15.24 32.02 -35.70
C ARG B 9 14.90 30.58 -36.07
N TYR B 10 13.72 30.37 -36.70
CA TYR B 10 13.25 29.08 -37.20
C TYR B 10 14.30 28.42 -38.09
N PHE B 11 14.74 29.12 -39.17
CA PHE B 11 15.74 28.60 -40.11
C PHE B 11 17.16 28.50 -39.54
N ILE B 12 17.56 29.39 -38.63
CA ILE B 12 18.90 29.34 -38.05
C ILE B 12 19.05 28.25 -36.98
N GLU B 13 18.07 28.12 -36.08
CA GLU B 13 18.20 27.17 -34.98
C GLU B 13 17.63 25.78 -35.23
N PHE B 14 16.82 25.63 -36.27
CA PHE B 14 16.15 24.38 -36.57
C PHE B 14 16.39 23.86 -38.01
N GLU B 15 16.29 22.55 -38.17
CA GLU B 15 16.40 21.87 -39.46
C GLU B 15 15.05 21.21 -39.73
N GLU B 16 14.39 21.56 -40.84
CA GLU B 16 13.11 20.98 -41.25
C GLU B 16 13.25 19.49 -41.61
N LEU B 17 12.36 18.63 -41.05
CA LEU B 17 12.44 17.20 -41.29
C LEU B 17 11.29 16.64 -42.10
N GLN B 18 10.05 17.02 -41.75
CA GLN B 18 8.86 16.46 -42.38
C GLN B 18 7.68 17.32 -42.08
N LEU B 19 6.77 17.49 -43.07
CA LEU B 19 5.53 18.23 -42.87
C LEU B 19 4.55 17.30 -42.12
N LEU B 20 4.03 17.74 -40.98
CA LEU B 20 3.10 16.89 -40.22
C LEU B 20 1.66 17.30 -40.51
N GLY B 21 1.49 18.54 -40.91
CA GLY B 21 0.19 19.09 -41.19
C GLY B 21 0.30 20.41 -41.89
N LYS B 22 -0.78 20.74 -42.62
CA LYS B 22 -0.96 21.97 -43.37
C LYS B 22 -2.46 22.19 -43.59
N GLY B 23 -2.91 23.38 -43.20
CA GLY B 23 -4.28 23.83 -43.35
C GLY B 23 -4.25 25.25 -43.87
N ALA B 24 -5.41 25.89 -43.87
CA ALA B 24 -5.58 27.26 -44.34
C ALA B 24 -4.98 28.28 -43.38
N PHE B 25 -5.05 28.01 -42.07
CA PHE B 25 -4.55 28.95 -41.06
C PHE B 25 -3.34 28.42 -40.28
N GLY B 26 -2.56 27.53 -40.90
CA GLY B 26 -1.36 27.00 -40.26
C GLY B 26 -0.73 25.75 -40.85
N ALA B 27 0.46 25.45 -40.34
CA ALA B 27 1.24 24.25 -40.66
C ALA B 27 1.85 23.68 -39.37
N VAL B 28 2.07 22.38 -39.35
CA VAL B 28 2.82 21.75 -38.26
C VAL B 28 3.98 21.05 -38.95
N ILE B 29 5.21 21.32 -38.53
CA ILE B 29 6.41 20.72 -39.12
C ILE B 29 7.25 20.03 -38.04
N LYS B 30 7.78 18.87 -38.36
CA LYS B 30 8.73 18.12 -37.53
C LYS B 30 10.08 18.73 -37.83
N VAL B 31 10.80 19.19 -36.80
CA VAL B 31 12.10 19.86 -36.95
C VAL B 31 13.11 19.21 -36.05
N GLN B 32 14.39 19.43 -36.33
CA GLN B 32 15.44 19.02 -35.40
C GLN B 32 16.16 20.30 -34.99
N ASN B 33 16.36 20.53 -33.68
CA ASN B 33 17.13 21.67 -33.17
C ASN B 33 18.60 21.34 -33.39
N LYS B 34 19.33 22.23 -34.06
CA LYS B 34 20.73 22.06 -34.41
C LYS B 34 21.64 21.93 -33.20
N LEU B 35 21.32 22.61 -32.12
CA LEU B 35 22.12 22.56 -30.91
C LEU B 35 21.89 21.32 -30.04
N ASP B 36 20.65 21.10 -29.53
CA ASP B 36 20.38 19.95 -28.64
C ASP B 36 20.16 18.62 -29.39
N GLY B 37 19.83 18.68 -30.68
CA GLY B 37 19.62 17.51 -31.52
C GLY B 37 18.28 16.81 -31.44
N CYS B 38 17.34 17.32 -30.62
CA CYS B 38 16.02 16.75 -30.44
C CYS B 38 15.12 17.11 -31.55
N CYS B 39 14.04 16.32 -31.71
CA CYS B 39 12.97 16.57 -32.67
C CYS B 39 11.81 17.22 -31.96
N TYR B 40 11.20 18.21 -32.62
CA TYR B 40 10.08 18.94 -32.09
C TYR B 40 9.06 19.12 -33.20
N ALA B 41 7.81 19.38 -32.81
CA ALA B 41 6.71 19.71 -33.70
C ALA B 41 6.50 21.23 -33.51
N VAL B 42 6.82 22.00 -34.54
CA VAL B 42 6.65 23.45 -34.51
C VAL B 42 5.35 23.78 -35.26
N LYS B 43 4.43 24.43 -34.57
CA LYS B 43 3.17 24.91 -35.18
C LYS B 43 3.40 26.37 -35.57
N ARG B 44 3.12 26.71 -36.84
CA ARG B 44 3.29 28.08 -37.38
C ARG B 44 1.93 28.65 -37.72
N ILE B 45 1.55 29.77 -37.09
CA ILE B 45 0.25 30.42 -37.34
C ILE B 45 0.40 31.87 -37.84
N PRO B 46 -0.33 32.34 -38.89
CA PRO B 46 -0.26 33.77 -39.25
C PRO B 46 -0.97 34.60 -38.16
N ILE B 47 -0.42 35.79 -37.83
CA ILE B 47 -0.98 36.68 -36.81
C ILE B 47 -0.84 38.14 -37.23
N ASN B 48 -1.78 38.98 -36.78
CA ASN B 48 -1.73 40.42 -36.96
C ASN B 48 -1.51 40.96 -35.52
N PRO B 49 -0.30 41.40 -35.12
CA PRO B 49 -0.10 41.79 -33.72
C PRO B 49 -1.01 42.91 -33.21
N ALA B 50 -1.29 43.94 -34.04
CA ALA B 50 -2.15 45.04 -33.65
C ALA B 50 -3.63 44.76 -33.99
N SER B 51 -4.17 43.69 -33.36
CA SER B 51 -5.56 43.24 -33.51
C SER B 51 -6.09 42.71 -32.17
N ARG B 52 -7.41 42.50 -32.08
CA ARG B 52 -8.06 41.96 -30.88
C ARG B 52 -7.82 40.45 -30.76
N GLN B 53 -7.80 39.74 -31.90
CA GLN B 53 -7.57 38.30 -31.98
C GLN B 53 -6.18 37.91 -31.44
N PHE B 54 -5.10 38.64 -31.82
CA PHE B 54 -3.75 38.37 -31.32
C PHE B 54 -3.67 38.50 -29.81
N ARG B 55 -4.30 39.56 -29.24
CA ARG B 55 -4.34 39.75 -27.78
C ARG B 55 -4.96 38.50 -27.09
N ARG B 56 -5.93 37.82 -27.77
CA ARG B 56 -6.56 36.60 -27.29
C ARG B 56 -5.63 35.42 -27.49
N ILE B 57 -4.95 35.31 -28.69
CA ILE B 57 -3.99 34.23 -29.04
C ILE B 57 -2.82 34.23 -28.02
N LYS B 58 -2.29 35.43 -27.67
CA LYS B 58 -1.24 35.65 -26.68
C LYS B 58 -1.73 35.15 -25.30
N GLY B 59 -3.04 35.27 -25.05
CA GLY B 59 -3.67 34.75 -23.85
C GLY B 59 -3.64 33.23 -23.85
N GLU B 60 -3.88 32.62 -25.03
CA GLU B 60 -3.87 31.16 -25.17
C GLU B 60 -2.46 30.59 -25.13
N VAL B 61 -1.46 31.37 -25.57
CA VAL B 61 -0.04 31.01 -25.50
C VAL B 61 0.37 30.99 -24.00
N THR B 62 -0.06 32.03 -23.24
CA THR B 62 0.12 32.21 -21.78
C THR B 62 -0.45 30.99 -21.00
N LEU B 63 -1.64 30.53 -21.39
CA LEU B 63 -2.27 29.38 -20.75
C LEU B 63 -1.48 28.11 -21.01
N LEU B 64 -1.07 27.89 -22.28
CA LEU B 64 -0.28 26.74 -22.74
C LEU B 64 1.07 26.67 -22.02
N SER B 65 1.75 27.80 -21.86
CA SER B 65 3.04 27.85 -21.17
C SER B 65 3.02 27.46 -19.70
N ARG B 66 1.83 27.44 -19.08
CA ARG B 66 1.62 27.16 -17.66
C ARG B 66 1.14 25.74 -17.38
N LEU B 67 0.92 24.94 -18.44
CA LEU B 67 0.49 23.55 -18.31
C LEU B 67 1.70 22.69 -18.10
N HIS B 68 1.59 21.71 -17.20
CA HIS B 68 2.70 20.86 -16.84
C HIS B 68 2.13 19.58 -16.23
N HIS B 69 1.90 18.59 -17.10
CA HIS B 69 1.30 17.32 -16.73
C HIS B 69 1.78 16.31 -17.73
N GLU B 70 1.84 15.03 -17.32
CA GLU B 70 2.25 13.93 -18.19
C GLU B 70 1.31 13.65 -19.36
N ASN B 71 0.06 14.10 -19.31
CA ASN B 71 -0.90 13.81 -20.38
C ASN B 71 -1.23 15.04 -21.21
N ILE B 72 -0.32 16.04 -21.20
CA ILE B 72 -0.40 17.29 -22.00
C ILE B 72 0.88 17.36 -22.84
N VAL B 73 0.74 17.68 -24.13
CA VAL B 73 1.94 17.83 -25.00
C VAL B 73 2.80 18.95 -24.37
N ARG B 74 4.07 18.64 -24.07
CA ARG B 74 5.04 19.53 -23.48
C ARG B 74 5.37 20.72 -24.39
N TYR B 75 5.16 21.95 -23.85
CA TYR B 75 5.48 23.21 -24.47
C TYR B 75 6.96 23.54 -24.26
N TYR B 76 7.65 24.08 -25.32
CA TYR B 76 9.06 24.49 -25.19
C TYR B 76 9.27 25.99 -25.32
N ASN B 77 8.67 26.57 -26.37
CA ASN B 77 8.80 27.98 -26.70
C ASN B 77 7.74 28.46 -27.66
N ALA B 78 7.55 29.75 -27.70
CA ALA B 78 6.69 30.42 -28.63
C ALA B 78 7.39 31.75 -28.97
N TRP B 79 7.50 32.08 -30.26
CA TRP B 79 8.12 33.34 -30.72
C TRP B 79 7.36 33.86 -31.93
N ILE B 80 7.60 35.12 -32.27
CA ILE B 80 6.98 35.79 -33.41
C ILE B 80 8.03 36.34 -34.35
N GLU B 81 7.93 35.97 -35.62
CA GLU B 81 8.84 36.42 -36.67
C GLU B 81 8.06 37.30 -37.63
N ARG B 82 8.64 38.45 -38.07
CA ARG B 82 8.03 39.33 -39.08
C ARG B 82 8.65 39.06 -40.46
N HIS B 83 7.81 38.94 -41.52
CA HIS B 83 8.27 38.69 -42.89
C HIS B 83 7.43 39.46 -43.90
N VAL B 93 3.46 40.65 -42.99
CA VAL B 93 2.97 39.36 -42.51
C VAL B 93 3.80 38.90 -41.28
N HIS B 94 3.10 38.44 -40.23
CA HIS B 94 3.73 37.97 -39.00
C HIS B 94 3.32 36.54 -38.74
N TYR B 95 4.26 35.71 -38.26
CA TYR B 95 3.96 34.32 -37.91
C TYR B 95 4.25 34.10 -36.46
N LEU B 96 3.41 33.28 -35.81
CA LEU B 96 3.60 32.85 -34.43
C LEU B 96 4.09 31.42 -34.54
N TYR B 97 5.29 31.13 -33.99
CA TYR B 97 5.85 29.78 -33.94
C TYR B 97 5.69 29.27 -32.53
N ILE B 98 5.31 28.01 -32.38
CA ILE B 98 5.12 27.35 -31.07
C ILE B 98 5.80 26.02 -31.18
N GLN B 99 6.89 25.83 -30.43
CA GLN B 99 7.72 24.63 -30.41
C GLN B 99 7.19 23.68 -29.28
N MET B 100 6.60 22.52 -29.69
CA MET B 100 6.01 21.50 -28.79
C MET B 100 6.83 20.25 -28.83
N GLU B 101 6.54 19.26 -27.96
CA GLU B 101 7.25 18.01 -28.11
C GLU B 101 6.76 17.32 -29.37
N TYR B 102 7.59 16.46 -29.94
CA TYR B 102 7.19 15.65 -31.08
C TYR B 102 6.72 14.33 -30.46
N CYS B 103 5.49 13.88 -30.79
CA CYS B 103 4.94 12.61 -30.29
C CYS B 103 5.06 11.59 -31.41
N GLU B 104 5.93 10.61 -31.20
CA GLU B 104 6.38 9.57 -32.12
C GLU B 104 5.31 8.66 -32.66
N LYS B 105 4.23 8.40 -31.88
CA LYS B 105 3.15 7.52 -32.28
C LYS B 105 1.95 8.26 -32.83
N SER B 106 2.16 9.44 -33.40
CA SER B 106 1.13 10.25 -34.03
C SER B 106 -0.09 10.54 -33.12
N THR B 107 -1.34 10.38 -33.64
CA THR B 107 -2.59 10.72 -32.94
C THR B 107 -3.40 9.53 -32.50
N LEU B 108 -4.45 9.79 -31.70
CA LEU B 108 -5.40 8.77 -31.23
C LEU B 108 -6.27 8.29 -32.43
N ARG B 109 -6.45 9.17 -33.44
CA ARG B 109 -7.22 8.94 -34.65
C ARG B 109 -6.61 7.80 -35.43
N ASP B 110 -5.29 7.74 -35.47
CA ASP B 110 -4.56 6.69 -36.15
C ASP B 110 -4.67 5.37 -35.38
N THR B 111 -4.60 5.42 -34.04
CA THR B 111 -4.74 4.25 -33.17
C THR B 111 -6.14 3.61 -33.35
N ILE B 112 -7.21 4.43 -33.25
CA ILE B 112 -8.62 4.06 -33.45
C ILE B 112 -8.77 3.36 -34.80
N ASP B 113 -8.23 3.98 -35.89
CA ASP B 113 -8.25 3.53 -37.28
C ASP B 113 -7.42 2.26 -37.57
N GLN B 114 -6.74 1.73 -36.54
CA GLN B 114 -5.94 0.50 -36.57
C GLN B 114 -6.59 -0.59 -35.74
N GLY B 115 -7.74 -0.30 -35.14
CA GLY B 115 -8.48 -1.28 -34.34
C GLY B 115 -8.14 -1.36 -32.87
N LEU B 116 -8.14 -0.20 -32.18
CA LEU B 116 -7.93 -0.10 -30.73
C LEU B 116 -9.10 -0.78 -30.00
N TYR B 117 -10.31 -0.75 -30.62
CA TYR B 117 -11.54 -1.31 -30.06
C TYR B 117 -11.40 -2.76 -29.61
N ARG B 118 -10.50 -3.54 -30.27
CA ARG B 118 -10.21 -4.94 -29.98
C ARG B 118 -9.22 -5.15 -28.82
N ASP B 119 -8.71 -4.06 -28.21
CA ASP B 119 -7.70 -4.16 -27.12
C ASP B 119 -8.14 -3.40 -25.84
N THR B 120 -8.98 -4.10 -25.07
CA THR B 120 -9.67 -3.74 -23.84
C THR B 120 -8.76 -3.13 -22.78
N VAL B 121 -7.58 -3.74 -22.53
CA VAL B 121 -6.64 -3.21 -21.54
C VAL B 121 -6.09 -1.84 -21.99
N ARG B 122 -5.71 -1.70 -23.28
CA ARG B 122 -5.17 -0.47 -23.85
C ARG B 122 -6.24 0.63 -23.90
N LEU B 123 -7.44 0.30 -24.44
CA LEU B 123 -8.64 1.14 -24.56
C LEU B 123 -8.94 1.87 -23.22
N TRP B 124 -9.03 1.12 -22.09
CA TRP B 124 -9.25 1.69 -20.77
C TRP B 124 -8.09 2.49 -20.24
N ARG B 125 -6.80 2.04 -20.41
CA ARG B 125 -5.65 2.84 -19.93
C ARG B 125 -5.59 4.18 -20.69
N LEU B 126 -5.80 4.17 -21.99
CA LEU B 126 -5.77 5.41 -22.80
C LEU B 126 -6.91 6.33 -22.43
N PHE B 127 -8.06 5.77 -22.01
CA PHE B 127 -9.22 6.53 -21.59
C PHE B 127 -8.95 7.21 -20.24
N ARG B 128 -8.30 6.48 -19.31
CA ARG B 128 -7.93 6.98 -17.99
C ARG B 128 -6.96 8.14 -18.16
N GLU B 129 -6.01 8.01 -19.10
CA GLU B 129 -4.99 9.05 -19.35
C GLU B 129 -5.59 10.34 -19.93
N ILE B 130 -6.57 10.25 -20.85
CA ILE B 130 -7.25 11.45 -21.36
C ILE B 130 -7.99 12.13 -20.20
N LEU B 131 -8.60 11.32 -19.28
CA LEU B 131 -9.33 11.77 -18.11
C LEU B 131 -8.41 12.44 -17.15
N ASP B 132 -7.21 11.89 -16.92
CA ASP B 132 -6.22 12.56 -16.06
C ASP B 132 -5.87 13.92 -16.68
N GLY B 133 -5.57 13.94 -17.99
CA GLY B 133 -5.24 15.16 -18.70
C GLY B 133 -6.33 16.20 -18.58
N LEU B 134 -7.59 15.80 -18.82
CA LEU B 134 -8.77 16.67 -18.71
C LEU B 134 -8.94 17.17 -17.28
N ALA B 135 -8.89 16.28 -16.29
CA ALA B 135 -9.05 16.62 -14.88
C ALA B 135 -8.02 17.69 -14.50
N TYR B 136 -6.78 17.54 -15.00
CA TYR B 136 -5.69 18.47 -14.77
C TYR B 136 -5.98 19.86 -15.34
N ILE B 137 -6.35 19.93 -16.62
CA ILE B 137 -6.73 21.16 -17.36
C ILE B 137 -7.87 21.89 -16.62
N HIS B 138 -8.92 21.13 -16.19
CA HIS B 138 -10.12 21.67 -15.51
C HIS B 138 -9.81 22.19 -14.12
N GLU B 139 -8.85 21.55 -13.43
CA GLU B 139 -8.35 21.98 -12.12
C GLU B 139 -7.76 23.41 -12.28
N LYS B 140 -6.91 23.62 -13.31
CA LYS B 140 -6.32 24.94 -13.59
C LYS B 140 -7.31 25.89 -14.30
N GLY B 141 -8.59 25.54 -14.27
CA GLY B 141 -9.68 26.34 -14.82
C GLY B 141 -9.73 26.54 -16.31
N MET B 142 -9.11 25.63 -17.06
CA MET B 142 -9.11 25.73 -18.51
C MET B 142 -10.02 24.68 -19.10
N ILE B 143 -10.32 24.82 -20.39
CA ILE B 143 -11.16 23.93 -21.18
C ILE B 143 -10.46 23.72 -22.54
N HIS B 144 -10.56 22.56 -23.15
CA HIS B 144 -9.92 22.35 -24.42
C HIS B 144 -10.74 22.97 -25.52
N ARG B 145 -12.00 22.59 -25.58
CA ARG B 145 -12.99 23.05 -26.56
C ARG B 145 -12.82 22.65 -28.03
N ASN B 146 -11.89 21.77 -28.30
CA ASN B 146 -11.73 21.25 -29.64
C ASN B 146 -11.33 19.80 -29.58
N LEU B 147 -11.66 19.16 -28.48
CA LEU B 147 -11.37 17.77 -28.20
C LEU B 147 -11.94 16.75 -29.18
N LYS B 148 -11.05 16.14 -29.93
CA LYS B 148 -11.37 15.08 -30.88
C LYS B 148 -10.13 14.18 -31.02
N PRO B 149 -10.24 13.03 -31.67
CA PRO B 149 -9.06 12.14 -31.68
C PRO B 149 -7.78 12.68 -32.37
N VAL B 150 -7.89 13.53 -33.41
CA VAL B 150 -6.72 14.15 -34.09
C VAL B 150 -5.91 15.08 -33.17
N ASN B 151 -6.56 15.60 -32.10
CA ASN B 151 -5.94 16.54 -31.16
C ASN B 151 -5.29 15.84 -29.97
N ILE B 152 -5.44 14.50 -29.90
CA ILE B 152 -4.89 13.64 -28.85
C ILE B 152 -3.71 12.88 -29.43
N PHE B 153 -2.54 13.07 -28.84
CA PHE B 153 -1.36 12.40 -29.38
C PHE B 153 -0.88 11.24 -28.54
N LEU B 154 -0.01 10.41 -29.08
CA LEU B 154 0.60 9.30 -28.37
C LEU B 154 2.12 9.35 -28.54
N ASP B 155 2.84 9.26 -27.42
CA ASP B 155 4.29 9.31 -27.38
C ASP B 155 4.84 7.89 -27.57
N SER B 156 6.18 7.75 -27.66
CA SER B 156 6.84 6.47 -27.91
C SER B 156 6.53 5.39 -26.86
N ASP B 157 6.20 5.81 -25.62
CA ASP B 157 5.84 4.92 -24.50
C ASP B 157 4.32 4.64 -24.49
N ASP B 158 3.60 4.94 -25.60
CA ASP B 158 2.15 4.75 -25.72
C ASP B 158 1.35 5.54 -24.66
N HIS B 159 1.90 6.68 -24.21
CA HIS B 159 1.22 7.58 -23.27
C HIS B 159 0.50 8.70 -24.03
N VAL B 160 -0.71 9.00 -23.58
CA VAL B 160 -1.61 10.01 -24.12
C VAL B 160 -1.11 11.40 -23.79
N LYS B 161 -1.18 12.31 -24.78
CA LYS B 161 -0.81 13.72 -24.67
C LYS B 161 -1.84 14.54 -25.40
N ILE B 162 -2.65 15.27 -24.68
CA ILE B 162 -3.65 16.16 -25.28
C ILE B 162 -2.93 17.40 -25.85
N GLY B 163 -3.19 17.74 -27.09
CA GLY B 163 -2.56 18.90 -27.74
C GLY B 163 -3.54 19.57 -28.67
N ASP B 164 -3.07 19.99 -29.85
CA ASP B 164 -3.91 20.63 -30.86
C ASP B 164 -3.31 20.50 -32.25
N PHE B 165 -4.10 19.96 -33.19
CA PHE B 165 -3.77 19.76 -34.60
C PHE B 165 -4.66 20.63 -35.48
N GLY B 166 -5.33 21.62 -34.88
CA GLY B 166 -6.19 22.54 -35.61
C GLY B 166 -5.38 23.49 -36.45
N LEU B 167 -5.52 23.39 -37.77
CA LEU B 167 -4.77 24.22 -38.71
C LEU B 167 -5.67 25.21 -39.45
N ALA B 168 -6.90 25.43 -38.93
CA ALA B 168 -7.89 26.32 -39.55
C ALA B 168 -8.69 27.18 -38.54
N THR B 169 -8.28 27.20 -37.25
CA THR B 169 -8.99 27.95 -36.20
C THR B 169 -8.07 28.86 -35.36
N ASP B 170 -7.98 28.58 -34.02
CA ASP B 170 -7.19 29.30 -33.01
C ASP B 170 -6.28 28.34 -32.20
N HIS B 171 -6.49 28.20 -30.85
CA HIS B 171 -5.68 27.33 -29.98
C HIS B 171 -6.42 26.21 -29.20
N LEU B 172 -5.62 25.32 -28.54
CA LEU B 172 -6.05 24.17 -27.75
C LEU B 172 -6.80 24.60 -26.52
N ALA B 173 -6.10 25.20 -25.54
CA ALA B 173 -6.65 25.61 -24.27
C ALA B 173 -7.27 27.00 -24.31
N PHE B 174 -8.38 27.19 -23.59
CA PHE B 174 -9.14 28.43 -23.44
C PHE B 174 -9.57 28.59 -21.98
N GLY B 201 -18.99 17.41 -39.30
CA GLY B 201 -18.09 16.37 -38.82
C GLY B 201 -17.38 16.76 -37.54
N THR B 202 -16.93 18.04 -37.49
CA THR B 202 -16.27 18.63 -36.33
C THR B 202 -17.33 18.96 -35.28
N ALA B 203 -18.57 19.26 -35.75
CA ALA B 203 -19.74 19.57 -34.93
C ALA B 203 -20.22 18.33 -34.18
N LEU B 204 -19.83 17.12 -34.65
CA LEU B 204 -20.18 15.83 -34.01
C LEU B 204 -19.60 15.67 -32.60
N TYR B 205 -18.52 16.39 -32.30
CA TYR B 205 -17.85 16.36 -31.01
C TYR B 205 -18.34 17.51 -30.12
N VAL B 206 -18.88 18.59 -30.73
CA VAL B 206 -19.37 19.77 -30.01
C VAL B 206 -20.69 19.48 -29.27
N SER B 207 -20.71 19.78 -27.97
CA SER B 207 -21.85 19.68 -27.06
C SER B 207 -23.15 20.38 -27.58
N PRO B 208 -24.38 19.92 -27.22
CA PRO B 208 -25.60 20.61 -27.71
C PRO B 208 -25.78 22.03 -27.17
N GLU B 209 -25.41 22.29 -25.90
CA GLU B 209 -25.49 23.61 -25.24
C GLU B 209 -24.55 24.68 -25.86
N VAL B 210 -23.79 24.30 -26.91
CA VAL B 210 -22.85 25.21 -27.59
C VAL B 210 -23.36 25.45 -29.02
N GLN B 211 -24.48 24.80 -29.39
CA GLN B 211 -25.09 24.89 -30.71
C GLN B 211 -26.55 25.36 -30.62
N TYR B 218 -19.63 28.31 -22.39
CA TYR B 218 -18.96 27.01 -22.41
C TYR B 218 -18.22 26.74 -21.10
N ASN B 219 -18.42 25.52 -20.53
CA ASN B 219 -17.78 25.08 -19.28
C ASN B 219 -17.06 23.71 -19.43
N GLN B 220 -16.52 23.18 -18.31
CA GLN B 220 -15.77 21.92 -18.23
C GLN B 220 -16.54 20.68 -18.70
N LYS B 221 -17.87 20.77 -18.87
CA LYS B 221 -18.71 19.67 -19.29
C LYS B 221 -18.77 19.49 -20.81
N VAL B 222 -18.40 20.52 -21.57
CA VAL B 222 -18.35 20.46 -23.04
C VAL B 222 -17.27 19.44 -23.52
N ASP B 223 -16.07 19.45 -22.87
CA ASP B 223 -14.91 18.56 -23.08
C ASP B 223 -15.27 17.10 -22.82
N LEU B 224 -15.97 16.85 -21.68
CA LEU B 224 -16.43 15.53 -21.26
C LEU B 224 -17.53 14.99 -22.15
N PHE B 225 -18.23 15.86 -22.88
CA PHE B 225 -19.22 15.44 -23.87
C PHE B 225 -18.43 14.88 -25.07
N SER B 226 -17.45 15.66 -25.58
CA SER B 226 -16.57 15.25 -26.69
C SER B 226 -15.91 13.90 -26.37
N LEU B 227 -15.42 13.70 -25.12
CA LEU B 227 -14.81 12.44 -24.64
C LEU B 227 -15.75 11.23 -24.80
N GLY B 228 -17.07 11.45 -24.63
CA GLY B 228 -18.09 10.42 -24.78
C GLY B 228 -18.12 9.92 -26.20
N ILE B 229 -18.07 10.85 -27.18
CA ILE B 229 -18.00 10.48 -28.60
C ILE B 229 -16.66 9.76 -28.88
N ILE B 230 -15.54 10.25 -28.25
CA ILE B 230 -14.21 9.70 -28.42
C ILE B 230 -14.15 8.29 -27.89
N PHE B 231 -14.51 8.09 -26.61
CA PHE B 231 -14.51 6.73 -26.03
C PHE B 231 -15.32 5.78 -26.87
N PHE B 232 -16.49 6.22 -27.40
CA PHE B 232 -17.28 5.36 -28.28
C PHE B 232 -16.44 4.93 -29.47
N GLU B 233 -15.83 5.90 -30.19
CA GLU B 233 -14.96 5.63 -31.33
C GLU B 233 -13.83 4.67 -30.94
N MET B 234 -13.15 4.94 -29.84
CA MET B 234 -12.09 4.06 -29.35
C MET B 234 -12.59 2.64 -29.07
N SER B 235 -13.93 2.46 -28.83
CA SER B 235 -14.57 1.20 -28.46
C SER B 235 -15.29 0.49 -29.60
N TYR B 236 -15.44 1.16 -30.74
CA TYR B 236 -16.12 0.69 -31.92
C TYR B 236 -15.13 0.47 -33.06
N HIS B 237 -15.47 -0.42 -34.01
CA HIS B 237 -14.62 -0.73 -35.17
C HIS B 237 -14.34 0.51 -36.02
N PRO B 238 -13.14 0.65 -36.65
CA PRO B 238 -12.90 1.86 -37.48
C PRO B 238 -13.98 2.05 -38.54
N MET B 239 -14.49 3.26 -38.66
CA MET B 239 -15.52 3.52 -39.66
C MET B 239 -14.87 3.88 -41.02
N VAL B 240 -14.79 2.86 -41.89
CA VAL B 240 -14.18 2.88 -43.24
C VAL B 240 -14.76 3.97 -44.15
N THR B 241 -16.09 4.20 -44.09
CA THR B 241 -16.80 5.21 -44.89
C THR B 241 -17.14 6.44 -44.05
N ALA B 242 -17.04 7.64 -44.66
CA ALA B 242 -17.38 8.91 -44.02
C ALA B 242 -18.91 8.97 -43.78
N SER B 243 -19.68 8.31 -44.68
CA SER B 243 -21.14 8.17 -44.63
C SER B 243 -21.55 7.38 -43.38
N GLU B 244 -20.80 6.30 -43.07
CA GLU B 244 -21.02 5.46 -41.89
C GLU B 244 -20.76 6.27 -40.61
N ARG B 245 -19.63 7.01 -40.59
CA ARG B 245 -19.20 7.85 -39.48
C ARG B 245 -20.18 8.97 -39.13
N ILE B 246 -20.76 9.63 -40.16
CA ILE B 246 -21.76 10.69 -39.95
C ILE B 246 -23.08 10.09 -39.41
N PHE B 247 -23.46 8.90 -39.89
CA PHE B 247 -24.68 8.21 -39.50
C PHE B 247 -24.63 7.67 -38.08
N VAL B 248 -23.57 6.88 -37.77
CA VAL B 248 -23.37 6.21 -36.47
C VAL B 248 -23.24 7.23 -35.32
N LEU B 249 -22.42 8.28 -35.51
CA LEU B 249 -22.18 9.31 -34.49
C LEU B 249 -23.33 10.34 -34.34
N ASN B 250 -24.26 10.40 -35.33
CA ASN B 250 -25.43 11.28 -35.24
C ASN B 250 -26.48 10.64 -34.34
N GLN B 251 -26.71 9.32 -34.51
CA GLN B 251 -27.64 8.49 -33.71
C GLN B 251 -27.22 8.49 -32.22
N LEU B 252 -25.90 8.46 -31.99
CA LEU B 252 -25.24 8.47 -30.68
C LEU B 252 -25.49 9.83 -29.99
N ARG B 253 -25.78 10.88 -30.78
CA ARG B 253 -26.07 12.23 -30.27
C ARG B 253 -27.57 12.50 -29.96
N ASP B 254 -28.47 11.49 -30.21
CA ASP B 254 -29.91 11.59 -29.95
C ASP B 254 -30.19 12.22 -28.58
N PRO B 255 -31.00 13.32 -28.53
CA PRO B 255 -31.26 13.98 -27.23
C PRO B 255 -31.99 13.12 -26.22
N THR B 256 -32.83 12.18 -26.69
CA THR B 256 -33.62 11.26 -25.86
C THR B 256 -32.71 10.35 -25.04
N SER B 257 -31.77 9.64 -25.72
CA SER B 257 -30.76 8.72 -25.18
C SER B 257 -29.85 8.29 -26.35
N PRO B 258 -28.51 8.15 -26.14
CA PRO B 258 -27.63 7.74 -27.24
C PRO B 258 -28.03 6.42 -27.90
N LYS B 259 -28.11 6.43 -29.24
CA LYS B 259 -28.42 5.22 -30.02
C LYS B 259 -27.13 4.63 -30.52
N PHE B 260 -26.71 3.55 -29.86
CA PHE B 260 -25.49 2.79 -30.18
C PHE B 260 -25.83 1.89 -31.36
N PRO B 261 -24.86 1.44 -32.20
CA PRO B 261 -25.23 0.57 -33.33
C PRO B 261 -25.46 -0.86 -32.86
N GLU B 262 -26.26 -1.62 -33.66
CA GLU B 262 -26.69 -3.01 -33.42
C GLU B 262 -25.56 -3.99 -33.03
N ASP B 263 -24.40 -3.89 -33.72
CA ASP B 263 -23.23 -4.75 -33.47
C ASP B 263 -22.54 -4.46 -32.13
N PHE B 264 -22.63 -3.21 -31.65
CA PHE B 264 -22.07 -2.80 -30.36
C PHE B 264 -23.02 -3.32 -29.25
N ASP B 265 -22.87 -4.61 -28.90
CA ASP B 265 -23.74 -5.30 -27.93
C ASP B 265 -23.46 -5.00 -26.48
N ASP B 266 -24.51 -5.09 -25.64
CA ASP B 266 -24.44 -4.88 -24.19
C ASP B 266 -23.76 -6.07 -23.50
N GLY B 267 -23.85 -7.26 -24.11
CA GLY B 267 -23.25 -8.49 -23.59
C GLY B 267 -21.73 -8.52 -23.61
N GLU B 268 -21.09 -7.57 -24.34
CA GLU B 268 -19.65 -7.46 -24.45
C GLU B 268 -19.15 -6.08 -24.03
N HIS B 269 -19.96 -5.04 -24.31
CA HIS B 269 -19.63 -3.64 -24.03
C HIS B 269 -20.61 -3.00 -23.03
N ALA B 270 -20.90 -3.70 -21.90
CA ALA B 270 -21.80 -3.19 -20.86
C ALA B 270 -21.17 -2.00 -20.13
N LYS B 271 -19.94 -2.18 -19.60
CA LYS B 271 -19.18 -1.17 -18.87
C LYS B 271 -18.96 0.09 -19.68
N GLN B 272 -18.61 -0.05 -20.97
CA GLN B 272 -18.35 1.07 -21.88
C GLN B 272 -19.55 1.90 -22.18
N LYS B 273 -20.67 1.27 -22.61
CA LYS B 273 -21.92 1.95 -22.96
C LYS B 273 -22.48 2.71 -21.77
N SER B 274 -22.27 2.23 -20.52
CA SER B 274 -22.66 2.94 -19.29
C SER B 274 -21.92 4.28 -19.26
N VAL B 275 -20.58 4.21 -19.38
CA VAL B 275 -19.68 5.37 -19.40
C VAL B 275 -20.06 6.36 -20.50
N ILE B 276 -20.17 5.88 -21.74
CA ILE B 276 -20.49 6.71 -22.91
C ILE B 276 -21.88 7.42 -22.78
N SER B 277 -22.89 6.75 -22.20
CA SER B 277 -24.24 7.31 -22.02
C SER B 277 -24.19 8.43 -21.01
N TRP B 278 -23.44 8.22 -19.93
CA TRP B 278 -23.24 9.18 -18.85
C TRP B 278 -22.56 10.45 -19.37
N LEU B 279 -21.47 10.30 -20.12
CA LEU B 279 -20.73 11.42 -20.72
C LEU B 279 -21.54 12.13 -21.77
N LEU B 280 -22.41 11.39 -22.45
CA LEU B 280 -23.17 11.96 -23.56
C LEU B 280 -24.50 12.62 -23.16
N ASN B 281 -24.85 12.59 -21.85
CA ASN B 281 -26.08 13.18 -21.33
C ASN B 281 -26.28 14.60 -21.87
N HIS B 282 -27.46 14.89 -22.44
CA HIS B 282 -27.77 16.21 -23.01
C HIS B 282 -27.62 17.35 -22.00
N ASP B 283 -28.06 17.12 -20.76
CA ASP B 283 -27.94 18.07 -19.68
C ASP B 283 -26.46 18.00 -19.21
N PRO B 284 -25.74 19.14 -19.33
CA PRO B 284 -24.41 19.29 -18.69
C PRO B 284 -24.29 18.84 -17.21
N ALA B 285 -25.35 19.01 -16.42
CA ALA B 285 -25.34 18.64 -15.00
C ALA B 285 -25.48 17.13 -14.75
N LYS B 286 -26.01 16.37 -15.72
CA LYS B 286 -26.17 14.91 -15.55
C LYS B 286 -25.00 14.10 -16.16
N ARG B 287 -23.90 14.82 -16.47
CA ARG B 287 -22.64 14.29 -16.98
C ARG B 287 -21.66 14.28 -15.80
N PRO B 288 -20.70 13.33 -15.74
CA PRO B 288 -19.72 13.40 -14.64
C PRO B 288 -18.62 14.43 -14.89
N THR B 289 -17.89 14.81 -13.80
CA THR B 289 -16.68 15.59 -13.97
C THR B 289 -15.61 14.52 -14.30
N ALA B 290 -14.39 14.93 -14.72
CA ALA B 290 -13.34 13.94 -15.02
C ALA B 290 -12.94 13.24 -13.73
N THR B 291 -12.81 13.98 -12.61
CA THR B 291 -12.46 13.38 -11.31
C THR B 291 -13.51 12.38 -10.89
N GLU B 292 -14.81 12.73 -11.02
CA GLU B 292 -15.96 11.88 -10.69
C GLU B 292 -15.92 10.58 -11.49
N LEU B 293 -15.60 10.64 -12.79
CA LEU B 293 -15.50 9.46 -13.64
C LEU B 293 -14.29 8.61 -13.26
N LEU B 294 -13.20 9.23 -12.77
CA LEU B 294 -12.00 8.51 -12.35
C LEU B 294 -12.29 7.74 -11.08
N LYS B 295 -12.75 8.43 -10.01
CA LYS B 295 -13.05 7.85 -8.70
C LYS B 295 -14.12 6.74 -8.78
N SER B 296 -14.97 6.77 -9.82
CA SER B 296 -16.00 5.76 -10.10
C SER B 296 -15.35 4.46 -10.62
N PHE C 7 -25.31 -21.01 -30.28
CA PHE C 7 -24.09 -20.44 -29.71
C PHE C 7 -23.39 -21.52 -28.77
N SER C 8 -22.99 -21.15 -27.54
CA SER C 8 -22.32 -22.03 -26.57
C SER C 8 -23.34 -22.66 -25.60
N ARG C 9 -23.25 -23.99 -25.35
CA ARG C 9 -24.12 -24.73 -24.44
C ARG C 9 -24.19 -24.08 -23.06
N TYR C 10 -23.01 -23.71 -22.50
CA TYR C 10 -22.88 -23.04 -21.21
C TYR C 10 -23.77 -21.77 -21.15
N PHE C 11 -23.59 -20.82 -22.12
CA PHE C 11 -24.33 -19.57 -22.24
C PHE C 11 -25.81 -19.76 -22.61
N ILE C 12 -26.10 -20.75 -23.46
CA ILE C 12 -27.50 -20.97 -23.85
C ILE C 12 -28.33 -21.48 -22.68
N GLU C 13 -27.79 -22.45 -21.94
CA GLU C 13 -28.50 -23.14 -20.86
C GLU C 13 -28.43 -22.54 -19.44
N PHE C 14 -27.43 -21.71 -19.14
CA PHE C 14 -27.25 -21.17 -17.79
C PHE C 14 -27.17 -19.67 -17.73
N GLU C 15 -27.74 -19.09 -16.66
CA GLU C 15 -27.58 -17.66 -16.33
C GLU C 15 -26.43 -17.61 -15.30
N GLU C 16 -25.37 -16.83 -15.58
CA GLU C 16 -24.25 -16.66 -14.64
C GLU C 16 -24.74 -15.76 -13.49
N LEU C 17 -24.52 -16.20 -12.25
CA LEU C 17 -24.96 -15.43 -11.07
C LEU C 17 -23.78 -14.83 -10.34
N GLN C 18 -22.69 -15.57 -10.16
CA GLN C 18 -21.58 -15.09 -9.39
C GLN C 18 -20.33 -15.92 -9.60
N LEU C 19 -19.19 -15.24 -9.66
CA LEU C 19 -17.90 -15.91 -9.76
C LEU C 19 -17.52 -16.36 -8.36
N LEU C 20 -17.38 -17.67 -8.18
CA LEU C 20 -17.05 -18.28 -6.90
C LEU C 20 -15.56 -18.42 -6.75
N GLY C 21 -14.87 -18.53 -7.87
CA GLY C 21 -13.42 -18.68 -7.88
C GLY C 21 -12.79 -18.46 -9.23
N LYS C 22 -11.59 -17.86 -9.22
CA LYS C 22 -10.84 -17.54 -10.42
C LYS C 22 -9.34 -17.81 -10.22
N GLY C 23 -8.82 -18.76 -10.98
CA GLY C 23 -7.41 -19.09 -11.04
C GLY C 23 -6.87 -18.45 -12.30
N ALA C 24 -5.55 -18.61 -12.57
CA ALA C 24 -4.96 -18.05 -13.80
C ALA C 24 -5.52 -18.80 -15.02
N PHE C 25 -5.71 -20.14 -14.89
CA PHE C 25 -6.24 -21.01 -15.95
C PHE C 25 -7.35 -21.92 -15.38
N GLY C 26 -8.51 -21.31 -15.10
CA GLY C 26 -9.65 -22.01 -14.53
C GLY C 26 -10.55 -21.11 -13.67
N ALA C 27 -11.85 -21.37 -13.68
CA ALA C 27 -12.82 -20.57 -12.94
C ALA C 27 -14.02 -21.40 -12.50
N VAL C 28 -14.63 -21.03 -11.35
CA VAL C 28 -15.84 -21.70 -10.83
C VAL C 28 -16.93 -20.62 -10.74
N ILE C 29 -18.04 -20.84 -11.43
CA ILE C 29 -19.15 -19.94 -11.49
C ILE C 29 -20.42 -20.56 -10.87
N LYS C 30 -21.21 -19.75 -10.15
CA LYS C 30 -22.51 -20.12 -9.61
C LYS C 30 -23.41 -19.70 -10.75
N VAL C 31 -24.18 -20.67 -11.26
CA VAL C 31 -25.06 -20.46 -12.40
C VAL C 31 -26.44 -20.88 -12.00
N GLN C 32 -27.44 -20.44 -12.75
CA GLN C 32 -28.78 -20.99 -12.54
C GLN C 32 -29.14 -21.65 -13.86
N ASN C 33 -29.63 -22.90 -13.82
CA ASN C 33 -30.08 -23.58 -15.05
C ASN C 33 -31.42 -22.99 -15.50
N LYS C 34 -31.50 -22.50 -16.72
CA LYS C 34 -32.76 -21.86 -17.19
C LYS C 34 -34.00 -22.77 -17.18
N LEU C 35 -33.81 -24.05 -17.46
CA LEU C 35 -34.91 -25.01 -17.53
C LEU C 35 -35.37 -25.49 -16.13
N ASP C 36 -34.49 -26.10 -15.32
CA ASP C 36 -34.90 -26.63 -14.02
C ASP C 36 -34.91 -25.59 -12.85
N GLY C 37 -34.33 -24.41 -13.08
CA GLY C 37 -34.29 -23.33 -12.10
C GLY C 37 -33.37 -23.50 -10.91
N CYS C 38 -32.60 -24.60 -10.84
CA CYS C 38 -31.62 -24.86 -9.78
C CYS C 38 -30.32 -24.14 -10.05
N CYS C 39 -29.54 -23.95 -8.95
CA CYS C 39 -28.21 -23.38 -8.89
C CYS C 39 -27.21 -24.51 -8.87
N TYR C 40 -26.13 -24.32 -9.64
CA TYR C 40 -25.03 -25.23 -9.77
C TYR C 40 -23.73 -24.45 -9.70
N ALA C 41 -22.63 -25.10 -9.36
CA ALA C 41 -21.29 -24.59 -9.40
C ALA C 41 -20.67 -25.25 -10.64
N VAL C 42 -20.34 -24.42 -11.65
CA VAL C 42 -19.75 -24.87 -12.91
C VAL C 42 -18.28 -24.51 -12.91
N LYS C 43 -17.42 -25.52 -12.97
CA LYS C 43 -15.96 -25.36 -13.05
C LYS C 43 -15.62 -25.36 -14.55
N ARG C 44 -14.86 -24.37 -15.00
CA ARG C 44 -14.42 -24.25 -16.40
C ARG C 44 -12.90 -24.24 -16.40
N ILE C 45 -12.31 -25.15 -17.20
CA ILE C 45 -10.87 -25.38 -17.33
C ILE C 45 -10.43 -25.33 -18.83
N PRO C 46 -9.34 -24.60 -19.20
CA PRO C 46 -8.88 -24.65 -20.59
C PRO C 46 -8.11 -25.96 -20.83
N ILE C 47 -8.40 -26.64 -21.93
CA ILE C 47 -7.76 -27.93 -22.22
C ILE C 47 -7.20 -28.01 -23.66
N ASN C 48 -6.15 -28.82 -23.81
CA ASN C 48 -5.46 -29.11 -25.06
C ASN C 48 -5.88 -30.56 -25.37
N PRO C 49 -6.92 -30.83 -26.22
CA PRO C 49 -7.36 -32.22 -26.43
C PRO C 49 -6.30 -33.21 -26.93
N ALA C 50 -5.34 -32.71 -27.75
CA ALA C 50 -4.25 -33.52 -28.26
C ALA C 50 -3.04 -33.33 -27.32
N SER C 51 -3.19 -33.85 -26.08
CA SER C 51 -2.20 -33.81 -25.00
C SER C 51 -2.46 -34.87 -23.94
N ARG C 52 -1.43 -35.14 -23.11
CA ARG C 52 -1.48 -36.09 -21.99
C ARG C 52 -2.14 -35.40 -20.81
N GLN C 53 -2.18 -34.04 -20.84
CA GLN C 53 -2.84 -33.22 -19.83
C GLN C 53 -4.34 -33.50 -19.92
N PHE C 54 -4.92 -33.46 -21.15
CA PHE C 54 -6.34 -33.79 -21.34
C PHE C 54 -6.63 -35.27 -21.06
N ARG C 55 -5.70 -36.17 -21.42
CA ARG C 55 -5.90 -37.60 -21.17
C ARG C 55 -6.08 -37.87 -19.67
N ARG C 56 -5.26 -37.18 -18.83
CA ARG C 56 -5.32 -37.25 -17.37
C ARG C 56 -6.61 -36.59 -16.84
N ILE C 57 -6.98 -35.38 -17.37
CA ILE C 57 -8.22 -34.66 -17.00
C ILE C 57 -9.43 -35.54 -17.25
N LYS C 58 -9.61 -36.02 -18.50
CA LYS C 58 -10.67 -36.93 -18.92
C LYS C 58 -10.74 -38.13 -17.99
N GLY C 59 -9.59 -38.62 -17.55
CA GLY C 59 -9.47 -39.78 -16.68
C GLY C 59 -10.00 -39.53 -15.29
N GLU C 60 -9.69 -38.35 -14.73
CA GLU C 60 -10.16 -37.96 -13.40
C GLU C 60 -11.68 -37.64 -13.44
N VAL C 61 -12.20 -37.16 -14.60
CA VAL C 61 -13.62 -36.90 -14.88
C VAL C 61 -14.38 -38.24 -14.89
N THR C 62 -13.75 -39.31 -15.39
CA THR C 62 -14.27 -40.68 -15.43
C THR C 62 -14.50 -41.20 -14.00
N LEU C 63 -13.53 -41.00 -13.11
CA LEU C 63 -13.62 -41.42 -11.69
C LEU C 63 -14.73 -40.66 -10.97
N LEU C 64 -14.78 -39.32 -11.15
CA LEU C 64 -15.73 -38.35 -10.57
C LEU C 64 -17.18 -38.70 -10.93
N SER C 65 -17.41 -39.06 -12.19
CA SER C 65 -18.73 -39.43 -12.68
C SER C 65 -19.27 -40.72 -12.05
N ARG C 66 -18.39 -41.52 -11.43
CA ARG C 66 -18.75 -42.79 -10.78
C ARG C 66 -19.10 -42.64 -9.32
N LEU C 67 -18.70 -41.52 -8.70
CA LEU C 67 -18.97 -41.33 -7.26
C LEU C 67 -20.48 -41.08 -6.98
N HIS C 68 -21.02 -41.70 -5.92
CA HIS C 68 -22.42 -41.60 -5.53
C HIS C 68 -22.49 -41.87 -4.02
N HIS C 69 -22.44 -40.79 -3.21
CA HIS C 69 -22.41 -40.79 -1.76
C HIS C 69 -22.93 -39.43 -1.25
N GLU C 70 -23.68 -39.43 -0.12
CA GLU C 70 -24.24 -38.20 0.45
C GLU C 70 -23.18 -37.20 0.92
N ASN C 71 -21.93 -37.65 1.19
CA ASN C 71 -20.85 -36.76 1.65
C ASN C 71 -19.88 -36.39 0.54
N ILE C 72 -20.32 -36.60 -0.70
CA ILE C 72 -19.60 -36.28 -1.92
C ILE C 72 -20.45 -35.26 -2.70
N VAL C 73 -19.85 -34.17 -3.16
CA VAL C 73 -20.53 -33.15 -3.96
C VAL C 73 -21.12 -33.88 -5.21
N ARG C 74 -22.43 -33.78 -5.39
CA ARG C 74 -23.12 -34.44 -6.49
C ARG C 74 -22.70 -33.86 -7.86
N TYR C 75 -22.22 -34.73 -8.73
CA TYR C 75 -21.82 -34.48 -10.12
C TYR C 75 -23.10 -34.51 -11.00
N TYR C 76 -23.22 -33.55 -11.94
CA TYR C 76 -24.36 -33.48 -12.86
C TYR C 76 -24.00 -33.74 -14.32
N ASN C 77 -22.94 -33.10 -14.82
CA ASN C 77 -22.53 -33.17 -16.21
C ASN C 77 -21.13 -32.61 -16.41
N ALA C 78 -20.53 -33.01 -17.52
CA ALA C 78 -19.22 -32.55 -17.98
C ALA C 78 -19.25 -32.62 -19.50
N TRP C 79 -18.75 -31.57 -20.15
CA TRP C 79 -18.74 -31.44 -21.61
C TRP C 79 -17.63 -30.51 -22.03
N ILE C 80 -17.26 -30.62 -23.32
CA ILE C 80 -16.26 -29.76 -23.93
C ILE C 80 -16.89 -28.90 -25.00
N GLU C 81 -16.40 -27.67 -25.09
CA GLU C 81 -16.78 -26.65 -26.06
C GLU C 81 -15.52 -26.10 -26.68
N ARG C 82 -15.55 -25.92 -28.01
CA ARG C 82 -14.49 -25.31 -28.79
C ARG C 82 -15.01 -23.95 -29.21
N HIS C 83 -14.21 -22.90 -28.94
CA HIS C 83 -14.53 -21.51 -29.26
C HIS C 83 -13.37 -20.89 -30.03
N VAL C 93 -8.78 -22.99 -29.13
CA VAL C 93 -9.12 -22.95 -27.70
C VAL C 93 -10.34 -23.88 -27.37
N HIS C 94 -10.15 -24.76 -26.34
CA HIS C 94 -11.15 -25.71 -25.83
C HIS C 94 -11.34 -25.54 -24.32
N TYR C 95 -12.59 -25.55 -23.88
CA TYR C 95 -12.94 -25.47 -22.47
C TYR C 95 -13.69 -26.68 -22.00
N LEU C 96 -13.22 -27.27 -20.89
CA LEU C 96 -13.90 -28.35 -20.21
C LEU C 96 -14.77 -27.70 -19.12
N TYR C 97 -16.05 -28.08 -19.05
CA TYR C 97 -17.01 -27.59 -18.05
C TYR C 97 -17.49 -28.76 -17.18
N ILE C 98 -17.48 -28.55 -15.85
CA ILE C 98 -17.95 -29.57 -14.89
C ILE C 98 -19.05 -28.95 -14.06
N GLN C 99 -20.30 -29.39 -14.27
CA GLN C 99 -21.46 -28.90 -13.54
C GLN C 99 -21.66 -29.78 -12.28
N MET C 100 -21.54 -29.19 -11.05
CA MET C 100 -21.69 -29.90 -9.76
C MET C 100 -22.87 -29.33 -8.99
N GLU C 101 -23.28 -29.95 -7.85
CA GLU C 101 -24.30 -29.27 -7.01
C GLU C 101 -23.70 -28.00 -6.41
N TYR C 102 -24.54 -27.01 -6.19
CA TYR C 102 -24.09 -25.81 -5.50
C TYR C 102 -24.37 -26.01 -3.99
N CYS C 103 -23.33 -25.90 -3.15
CA CYS C 103 -23.41 -26.00 -1.69
C CYS C 103 -23.59 -24.58 -1.07
N GLU C 104 -24.75 -24.34 -0.44
CA GLU C 104 -25.15 -23.02 0.09
C GLU C 104 -24.32 -22.42 1.22
N LYS C 105 -23.80 -23.25 2.17
CA LYS C 105 -23.04 -22.77 3.34
C LYS C 105 -21.55 -22.74 3.08
N SER C 106 -21.14 -22.44 1.85
CA SER C 106 -19.72 -22.36 1.45
C SER C 106 -18.92 -23.61 1.81
N THR C 107 -17.68 -23.41 2.27
CA THR C 107 -16.68 -24.46 2.57
C THR C 107 -16.43 -24.68 4.07
N LEU C 108 -15.68 -25.75 4.42
CA LEU C 108 -15.28 -26.06 5.80
C LEU C 108 -14.36 -24.95 6.35
N ARG C 109 -13.58 -24.29 5.45
CA ARG C 109 -12.68 -23.20 5.77
C ARG C 109 -13.44 -22.07 6.48
N ASP C 110 -14.60 -21.68 5.93
CA ASP C 110 -15.43 -20.63 6.51
C ASP C 110 -15.96 -21.05 7.86
N THR C 111 -16.45 -22.31 7.98
CA THR C 111 -16.96 -22.88 9.23
C THR C 111 -15.86 -22.78 10.32
N ILE C 112 -14.63 -23.24 9.99
CA ILE C 112 -13.48 -23.23 10.90
C ILE C 112 -13.25 -21.82 11.45
N ASP C 113 -13.02 -20.83 10.55
CA ASP C 113 -12.72 -19.44 10.88
C ASP C 113 -13.89 -18.74 11.61
N GLN C 114 -15.10 -19.29 11.52
CA GLN C 114 -16.22 -18.74 12.27
C GLN C 114 -16.31 -19.38 13.66
N GLY C 115 -15.26 -20.11 14.05
CA GLY C 115 -15.11 -20.74 15.35
C GLY C 115 -15.93 -21.99 15.58
N LEU C 116 -15.75 -23.02 14.71
CA LEU C 116 -16.40 -24.32 14.82
C LEU C 116 -15.96 -25.08 16.11
N TYR C 117 -14.71 -24.88 16.54
CA TYR C 117 -14.10 -25.53 17.72
C TYR C 117 -14.93 -25.45 19.01
N ARG C 118 -15.70 -24.39 19.20
CA ARG C 118 -16.55 -24.21 20.38
C ARG C 118 -17.75 -25.15 20.33
N ASP C 119 -18.16 -25.59 19.10
CA ASP C 119 -19.31 -26.48 18.89
C ASP C 119 -18.87 -27.94 18.76
N THR C 120 -18.83 -28.64 19.90
CA THR C 120 -18.37 -30.00 20.09
C THR C 120 -19.22 -31.02 19.31
N VAL C 121 -20.56 -31.02 19.48
CA VAL C 121 -21.47 -31.94 18.79
C VAL C 121 -21.38 -31.81 17.23
N ARG C 122 -21.21 -30.58 16.73
CA ARG C 122 -21.08 -30.28 15.30
C ARG C 122 -19.68 -30.66 14.78
N LEU C 123 -18.63 -30.32 15.56
CA LEU C 123 -17.22 -30.61 15.31
C LEU C 123 -17.09 -32.13 14.99
N TRP C 124 -17.59 -32.99 15.89
CA TRP C 124 -17.57 -34.45 15.76
C TRP C 124 -18.50 -35.01 14.66
N ARG C 125 -19.66 -34.36 14.39
CA ARG C 125 -20.55 -34.81 13.31
C ARG C 125 -19.87 -34.49 11.96
N LEU C 126 -19.22 -33.33 11.85
CA LEU C 126 -18.57 -32.98 10.58
C LEU C 126 -17.38 -33.86 10.29
N PHE C 127 -16.63 -34.25 11.32
CA PHE C 127 -15.48 -35.12 11.19
C PHE C 127 -15.88 -36.50 10.73
N ARG C 128 -16.93 -37.08 11.34
CA ARG C 128 -17.43 -38.41 10.93
C ARG C 128 -17.92 -38.35 9.47
N GLU C 129 -18.60 -37.23 9.07
CA GLU C 129 -19.12 -37.01 7.71
C GLU C 129 -18.01 -36.96 6.67
N ILE C 130 -16.84 -36.37 7.01
CA ILE C 130 -15.65 -36.36 6.14
C ILE C 130 -15.11 -37.81 6.06
N LEU C 131 -15.04 -38.54 7.23
CA LEU C 131 -14.58 -39.94 7.31
C LEU C 131 -15.43 -40.87 6.48
N ASP C 132 -16.77 -40.75 6.52
CA ASP C 132 -17.70 -41.56 5.73
C ASP C 132 -17.48 -41.34 4.20
N GLY C 133 -17.27 -40.09 3.79
CA GLY C 133 -17.03 -39.77 2.38
C GLY C 133 -15.70 -40.35 1.97
N LEU C 134 -14.69 -40.14 2.83
CA LEU C 134 -13.33 -40.66 2.66
C LEU C 134 -13.31 -42.19 2.55
N ALA C 135 -14.04 -42.90 3.40
CA ALA C 135 -14.11 -44.36 3.36
C ALA C 135 -14.68 -44.80 2.03
N TYR C 136 -15.79 -44.16 1.58
CA TYR C 136 -16.41 -44.47 0.30
C TYR C 136 -15.43 -44.34 -0.89
N ILE C 137 -14.72 -43.20 -1.00
CA ILE C 137 -13.75 -42.90 -2.05
C ILE C 137 -12.65 -43.99 -2.03
N HIS C 138 -12.19 -44.37 -0.83
CA HIS C 138 -11.13 -45.37 -0.63
C HIS C 138 -11.59 -46.77 -1.00
N GLU C 139 -12.82 -47.13 -0.59
CA GLU C 139 -13.46 -48.39 -0.91
C GLU C 139 -13.51 -48.49 -2.44
N LYS C 140 -13.98 -47.41 -3.12
CA LYS C 140 -14.05 -47.29 -4.58
C LYS C 140 -12.68 -47.29 -5.26
N GLY C 141 -11.61 -47.53 -4.48
CA GLY C 141 -10.22 -47.60 -4.90
C GLY C 141 -9.67 -46.30 -5.42
N MET C 142 -9.99 -45.17 -4.74
CA MET C 142 -9.55 -43.83 -5.16
C MET C 142 -8.86 -43.07 -4.01
N ILE C 143 -8.19 -42.00 -4.39
CA ILE C 143 -7.46 -41.13 -3.52
C ILE C 143 -7.88 -39.72 -3.79
N HIS C 144 -7.91 -38.88 -2.77
CA HIS C 144 -8.25 -37.52 -3.03
C HIS C 144 -7.04 -36.69 -3.38
N ARG C 145 -6.02 -36.76 -2.53
CA ARG C 145 -4.76 -36.06 -2.70
C ARG C 145 -4.82 -34.54 -2.79
N ASN C 146 -5.83 -33.93 -2.19
CA ASN C 146 -5.99 -32.49 -2.12
C ASN C 146 -7.00 -32.13 -1.11
N LEU C 147 -7.05 -32.91 -0.08
CA LEU C 147 -7.95 -32.67 0.97
C LEU C 147 -7.51 -31.50 1.83
N LYS C 148 -8.21 -30.38 1.73
CA LYS C 148 -8.03 -29.21 2.60
C LYS C 148 -9.39 -28.64 2.92
N PRO C 149 -9.49 -27.79 3.94
CA PRO C 149 -10.83 -27.30 4.29
C PRO C 149 -11.61 -26.56 3.19
N VAL C 150 -10.93 -25.84 2.27
CA VAL C 150 -11.54 -25.09 1.15
C VAL C 150 -12.19 -26.02 0.11
N ASN C 151 -11.73 -27.27 0.06
CA ASN C 151 -12.20 -28.32 -0.86
C ASN C 151 -13.30 -29.18 -0.21
N ILE C 152 -13.76 -28.79 0.99
CA ILE C 152 -14.83 -29.53 1.66
C ILE C 152 -15.93 -28.56 1.83
N PHE C 153 -17.11 -28.90 1.34
CA PHE C 153 -18.24 -28.00 1.32
C PHE C 153 -19.31 -28.41 2.31
N LEU C 154 -20.18 -27.46 2.63
CA LEU C 154 -21.31 -27.63 3.50
C LEU C 154 -22.54 -27.21 2.74
N ASP C 155 -23.58 -28.03 2.82
CA ASP C 155 -24.83 -27.74 2.13
C ASP C 155 -25.79 -27.05 3.13
N SER C 156 -27.01 -26.65 2.66
CA SER C 156 -27.99 -25.94 3.49
C SER C 156 -28.47 -26.73 4.73
N ASP C 157 -28.36 -28.07 4.73
CA ASP C 157 -28.69 -28.91 5.88
C ASP C 157 -27.45 -29.13 6.79
N ASP C 158 -26.34 -28.39 6.53
CA ASP C 158 -25.07 -28.44 7.27
C ASP C 158 -24.37 -29.81 7.17
N HIS C 159 -24.51 -30.49 6.03
CA HIS C 159 -23.85 -31.78 5.77
C HIS C 159 -22.61 -31.59 4.88
N VAL C 160 -21.52 -32.26 5.24
CA VAL C 160 -20.25 -32.19 4.51
C VAL C 160 -20.37 -32.86 3.15
N LYS C 161 -19.80 -32.24 2.12
CA LYS C 161 -19.70 -32.71 0.74
C LYS C 161 -18.27 -32.47 0.32
N ILE C 162 -17.50 -33.53 0.08
CA ILE C 162 -16.12 -33.43 -0.37
C ILE C 162 -16.10 -33.09 -1.87
N GLY C 163 -15.34 -32.07 -2.24
CA GLY C 163 -15.21 -31.67 -3.63
C GLY C 163 -13.81 -31.27 -3.98
N ASP C 164 -13.68 -30.24 -4.83
CA ASP C 164 -12.42 -29.64 -5.25
C ASP C 164 -12.68 -28.22 -5.75
N PHE C 165 -12.08 -27.25 -5.06
CA PHE C 165 -12.17 -25.83 -5.39
C PHE C 165 -10.98 -25.38 -6.25
N GLY C 166 -10.02 -26.28 -6.46
CA GLY C 166 -8.78 -26.01 -7.18
C GLY C 166 -8.88 -25.81 -8.68
N LEU C 167 -8.71 -24.55 -9.12
CA LEU C 167 -8.74 -24.13 -10.53
C LEU C 167 -7.34 -24.25 -11.21
N ALA C 168 -6.52 -25.21 -10.72
CA ALA C 168 -5.16 -25.50 -11.17
C ALA C 168 -5.07 -26.24 -12.53
N THR C 169 -3.94 -26.93 -12.77
CA THR C 169 -3.62 -27.64 -14.01
C THR C 169 -4.30 -29.00 -14.20
N ASP C 170 -4.29 -29.88 -13.17
CA ASP C 170 -4.82 -31.24 -13.28
C ASP C 170 -5.83 -31.65 -12.18
N HIS C 171 -7.13 -31.77 -12.59
CA HIS C 171 -8.35 -32.19 -11.86
C HIS C 171 -9.59 -31.63 -12.59
N THR C 202 -0.68 -24.80 1.98
CA THR C 202 -0.83 -25.49 0.71
C THR C 202 -0.13 -26.87 0.72
N ALA C 203 1.20 -26.88 0.96
CA ALA C 203 1.99 -28.12 1.05
C ALA C 203 1.88 -28.65 2.49
N LEU C 204 1.34 -27.79 3.42
CA LEU C 204 1.11 -28.02 4.84
C LEU C 204 0.03 -29.09 5.12
N TYR C 205 -0.62 -29.62 4.06
CA TYR C 205 -1.65 -30.68 4.13
C TYR C 205 -1.17 -31.99 3.55
N VAL C 206 -0.22 -31.93 2.60
CA VAL C 206 0.40 -33.05 1.90
C VAL C 206 1.17 -33.96 2.88
N SER C 207 0.86 -35.27 2.84
CA SER C 207 1.43 -36.32 3.69
C SER C 207 2.96 -36.48 3.53
N PRO C 208 3.71 -36.78 4.62
CA PRO C 208 5.18 -36.94 4.49
C PRO C 208 5.63 -38.02 3.50
N GLU C 209 4.92 -39.18 3.44
CA GLU C 209 5.29 -40.29 2.54
C GLU C 209 5.18 -39.95 1.03
N VAL C 210 4.74 -38.74 0.68
CA VAL C 210 4.64 -38.31 -0.71
C VAL C 210 5.52 -37.03 -0.94
N GLN C 211 6.42 -36.73 0.04
CA GLN C 211 7.34 -35.60 0.02
C GLN C 211 8.79 -36.08 -0.05
N GLN C 220 -3.42 -44.08 -0.02
CA GLN C 220 -4.69 -44.16 0.71
C GLN C 220 -4.60 -43.45 2.07
N LYS C 221 -3.48 -43.59 2.78
CA LYS C 221 -3.25 -42.93 4.06
C LYS C 221 -2.76 -41.49 3.88
N VAL C 222 -2.51 -41.06 2.64
CA VAL C 222 -2.07 -39.68 2.32
C VAL C 222 -3.19 -38.68 2.74
N ASP C 223 -4.46 -39.09 2.45
CA ASP C 223 -5.71 -38.38 2.76
C ASP C 223 -5.95 -38.35 4.27
N LEU C 224 -5.62 -39.46 4.95
CA LEU C 224 -5.80 -39.53 6.38
C LEU C 224 -4.78 -38.64 7.14
N PHE C 225 -3.57 -38.41 6.56
CA PHE C 225 -2.67 -37.45 7.21
C PHE C 225 -3.31 -36.05 7.10
N SER C 226 -3.78 -35.66 5.88
CA SER C 226 -4.44 -34.36 5.61
C SER C 226 -5.65 -34.18 6.53
N LEU C 227 -6.43 -35.28 6.75
CA LEU C 227 -7.57 -35.29 7.64
C LEU C 227 -7.17 -34.91 9.07
N GLY C 228 -6.01 -35.37 9.51
CA GLY C 228 -5.44 -35.06 10.82
C GLY C 228 -5.21 -33.58 11.01
N ILE C 229 -4.66 -32.90 9.98
CA ILE C 229 -4.41 -31.45 10.00
C ILE C 229 -5.77 -30.70 10.01
N ILE C 230 -6.73 -31.15 9.17
CA ILE C 230 -8.08 -30.59 9.02
C ILE C 230 -8.81 -30.68 10.37
N PHE C 231 -8.82 -31.88 11.01
CA PHE C 231 -9.46 -32.10 12.29
C PHE C 231 -8.78 -31.28 13.38
N PHE C 232 -7.49 -30.94 13.23
CA PHE C 232 -6.84 -30.07 14.20
C PHE C 232 -7.43 -28.68 14.11
N GLU C 233 -7.41 -28.12 12.89
CA GLU C 233 -7.95 -26.79 12.60
C GLU C 233 -9.43 -26.65 13.01
N MET C 234 -10.21 -27.75 12.90
CA MET C 234 -11.62 -27.78 13.26
C MET C 234 -11.79 -27.75 14.80
N SER C 235 -10.84 -28.33 15.54
CA SER C 235 -10.87 -28.51 17.01
C SER C 235 -10.17 -27.39 17.77
N TYR C 236 -9.43 -26.55 17.03
CA TYR C 236 -8.64 -25.45 17.56
C TYR C 236 -9.19 -24.12 17.05
N HIS C 237 -8.97 -23.03 17.81
CA HIS C 237 -9.44 -21.68 17.46
C HIS C 237 -8.90 -21.21 16.09
N PRO C 238 -9.60 -20.30 15.38
CA PRO C 238 -9.10 -19.84 14.06
C PRO C 238 -7.71 -19.23 14.12
N MET C 239 -6.97 -19.34 13.02
CA MET C 239 -5.63 -18.75 12.90
C MET C 239 -5.65 -17.87 11.66
N VAL C 240 -6.36 -16.73 11.76
CA VAL C 240 -6.54 -15.71 10.71
C VAL C 240 -5.20 -15.23 10.12
N THR C 241 -4.18 -15.12 11.00
CA THR C 241 -2.79 -14.75 10.71
C THR C 241 -2.15 -15.88 9.89
N ALA C 242 -1.37 -15.55 8.84
CA ALA C 242 -0.70 -16.53 8.00
C ALA C 242 0.43 -17.24 8.75
N SER C 243 1.33 -16.49 9.42
CA SER C 243 2.45 -17.04 10.17
C SER C 243 2.01 -17.96 11.34
N GLU C 244 0.95 -17.57 12.10
CA GLU C 244 0.43 -18.39 13.21
C GLU C 244 0.03 -19.75 12.69
N ARG C 245 -0.65 -19.79 11.53
CA ARG C 245 -1.09 -20.99 10.85
C ARG C 245 0.12 -21.83 10.40
N ILE C 246 1.05 -21.26 9.58
CA ILE C 246 2.27 -21.96 9.10
C ILE C 246 3.08 -22.52 10.27
N PHE C 247 3.23 -21.73 11.36
CA PHE C 247 3.96 -22.11 12.56
C PHE C 247 3.27 -23.25 13.29
N VAL C 248 1.98 -23.07 13.64
CA VAL C 248 1.21 -24.05 14.40
C VAL C 248 1.03 -25.36 13.62
N LEU C 249 0.84 -25.30 12.28
CA LEU C 249 0.66 -26.50 11.45
C LEU C 249 1.98 -27.19 11.07
N ASN C 250 3.14 -26.46 11.13
CA ASN C 250 4.46 -27.06 10.89
C ASN C 250 4.81 -27.92 12.09
N GLN C 251 4.64 -27.36 13.32
CA GLN C 251 4.86 -28.02 14.62
C GLN C 251 4.06 -29.32 14.79
N LEU C 252 3.02 -29.51 13.96
CA LEU C 252 2.12 -30.68 13.93
C LEU C 252 2.71 -31.81 13.06
N ARG C 253 3.32 -31.45 11.91
CA ARG C 253 3.93 -32.39 10.96
C ARG C 253 5.42 -32.67 11.27
N ASP C 254 5.85 -32.36 12.52
CA ASP C 254 7.19 -32.57 13.04
C ASP C 254 7.39 -34.10 13.24
N PRO C 255 8.48 -34.71 12.71
CA PRO C 255 8.66 -36.18 12.83
C PRO C 255 8.82 -36.72 14.25
N THR C 256 9.55 -35.97 15.13
CA THR C 256 9.76 -36.36 16.53
C THR C 256 8.43 -36.39 17.27
N SER C 257 7.72 -35.25 17.32
CA SER C 257 6.42 -35.18 18.00
C SER C 257 5.45 -34.18 17.37
N PRO C 258 4.15 -34.54 17.21
CA PRO C 258 3.16 -33.57 16.73
C PRO C 258 2.83 -32.63 17.90
N LYS C 259 3.51 -31.47 17.92
CA LYS C 259 3.39 -30.46 18.98
C LYS C 259 2.09 -29.68 18.93
N PHE C 260 1.16 -30.07 19.83
CA PHE C 260 -0.13 -29.41 20.03
C PHE C 260 0.13 -28.12 20.83
N PRO C 261 -0.48 -26.97 20.46
CA PRO C 261 -0.26 -25.74 21.23
C PRO C 261 -0.71 -25.87 22.69
N GLU C 262 -0.09 -25.09 23.59
CA GLU C 262 -0.39 -25.09 25.03
C GLU C 262 -1.88 -24.84 25.30
N ASP C 263 -2.50 -23.95 24.49
CA ASP C 263 -3.90 -23.57 24.57
C ASP C 263 -4.85 -24.65 24.00
N PHE C 264 -4.29 -25.82 23.61
CA PHE C 264 -5.01 -27.01 23.15
C PHE C 264 -4.58 -28.11 24.14
N ASP C 265 -5.29 -28.20 25.28
CA ASP C 265 -4.95 -29.13 26.36
C ASP C 265 -5.88 -30.35 26.47
N ASP C 266 -5.39 -31.40 27.17
CA ASP C 266 -6.11 -32.66 27.41
C ASP C 266 -7.27 -32.50 28.41
N GLY C 267 -7.25 -31.42 29.19
CA GLY C 267 -8.28 -31.09 30.17
C GLY C 267 -9.59 -30.62 29.55
N GLU C 268 -9.67 -30.61 28.20
CA GLU C 268 -10.84 -30.21 27.42
C GLU C 268 -10.93 -30.98 26.09
N HIS C 269 -9.77 -31.19 25.41
CA HIS C 269 -9.68 -31.88 24.13
C HIS C 269 -8.78 -33.11 24.22
N ALA C 270 -9.22 -34.15 24.95
CA ALA C 270 -8.45 -35.37 25.13
C ALA C 270 -8.70 -36.34 23.96
N LYS C 271 -10.00 -36.65 23.67
CA LYS C 271 -10.39 -37.53 22.57
C LYS C 271 -9.96 -36.98 21.19
N GLN C 272 -9.93 -35.64 21.03
CA GLN C 272 -9.49 -34.98 19.80
C GLN C 272 -7.96 -35.09 19.63
N LYS C 273 -7.21 -34.85 20.73
CA LYS C 273 -5.75 -34.95 20.80
C LYS C 273 -5.28 -36.33 20.32
N SER C 274 -5.94 -37.42 20.82
CA SER C 274 -5.67 -38.82 20.48
C SER C 274 -5.83 -39.07 18.97
N VAL C 275 -7.03 -38.79 18.43
CA VAL C 275 -7.38 -38.94 17.02
C VAL C 275 -6.42 -38.14 16.12
N ILE C 276 -6.15 -36.87 16.47
CA ILE C 276 -5.23 -36.04 15.66
C ILE C 276 -3.80 -36.63 15.67
N SER C 277 -3.34 -37.18 16.83
CA SER C 277 -2.03 -37.81 17.00
C SER C 277 -1.93 -39.06 16.13
N TRP C 278 -2.95 -39.92 16.20
CA TRP C 278 -3.07 -41.17 15.45
C TRP C 278 -3.06 -40.91 13.95
N LEU C 279 -3.82 -39.89 13.51
CA LEU C 279 -3.91 -39.49 12.10
C LEU C 279 -2.65 -38.83 11.58
N LEU C 280 -2.01 -37.97 12.40
CA LEU C 280 -0.80 -37.27 11.95
C LEU C 280 0.49 -38.09 12.10
N ASN C 281 0.35 -39.37 12.46
CA ASN C 281 1.47 -40.29 12.64
C ASN C 281 2.31 -40.35 11.36
N HIS C 282 3.63 -40.06 11.50
CA HIS C 282 4.62 -40.02 10.42
C HIS C 282 4.68 -41.30 9.58
N ASP C 283 4.65 -42.47 10.22
CA ASP C 283 4.66 -43.76 9.52
C ASP C 283 3.25 -44.10 9.05
N PRO C 284 3.14 -44.51 7.75
CA PRO C 284 1.82 -44.59 7.11
C PRO C 284 0.97 -45.76 7.61
N ALA C 285 1.63 -46.88 7.95
CA ALA C 285 0.95 -48.07 8.47
C ALA C 285 0.43 -47.92 9.92
N LYS C 286 0.96 -46.92 10.68
CA LYS C 286 0.54 -46.60 12.05
C LYS C 286 -0.77 -45.76 12.08
N ARG C 287 -1.19 -45.22 10.91
CA ARG C 287 -2.41 -44.45 10.73
C ARG C 287 -3.61 -45.38 10.60
N PRO C 288 -4.79 -44.97 11.07
CA PRO C 288 -5.97 -45.83 10.90
C PRO C 288 -6.54 -45.70 9.49
N THR C 289 -7.42 -46.62 9.09
CA THR C 289 -8.13 -46.43 7.83
C THR C 289 -9.37 -45.63 8.21
N ALA C 290 -10.07 -45.03 7.23
CA ALA C 290 -11.29 -44.28 7.52
C ALA C 290 -12.32 -45.17 8.22
N THR C 291 -12.45 -46.45 7.80
CA THR C 291 -13.40 -47.38 8.44
C THR C 291 -12.96 -47.78 9.85
N GLU C 292 -11.64 -48.00 10.04
CA GLU C 292 -11.01 -48.33 11.33
C GLU C 292 -11.32 -47.23 12.34
N LEU C 293 -11.11 -45.97 11.93
CA LEU C 293 -11.35 -44.79 12.75
C LEU C 293 -12.85 -44.57 12.97
N LEU C 294 -13.70 -44.99 12.02
CA LEU C 294 -15.15 -44.88 12.13
C LEU C 294 -15.74 -45.96 13.04
N LYS C 295 -15.15 -47.18 13.04
CA LYS C 295 -15.59 -48.29 13.88
C LYS C 295 -14.73 -48.33 15.17
N SER C 296 -14.35 -47.13 15.65
CA SER C 296 -13.53 -46.90 16.85
C SER C 296 -14.35 -46.30 17.99
N GLU C 297 -13.89 -46.51 19.24
CA GLU C 297 -14.52 -46.01 20.47
C GLU C 297 -14.23 -44.52 20.70
N LEU C 298 -13.14 -44.00 20.08
CA LEU C 298 -12.69 -42.62 20.18
C LEU C 298 -13.69 -41.60 19.60
N LEU C 299 -14.55 -42.06 18.65
CA LEU C 299 -15.56 -41.23 17.98
C LEU C 299 -16.95 -41.40 18.61
N PRO C 300 -17.61 -40.30 19.07
CA PRO C 300 -18.98 -40.45 19.61
C PRO C 300 -19.97 -40.92 18.52
N PRO C 301 -20.89 -41.84 18.85
CA PRO C 301 -21.83 -42.38 17.84
C PRO C 301 -22.80 -41.37 17.20
N PRO C 302 -23.35 -41.65 15.99
CA PRO C 302 -24.28 -40.67 15.37
C PRO C 302 -25.63 -40.57 16.07
N PHE D 7 -18.52 11.55 -3.51
CA PHE D 7 -17.25 10.97 -3.91
C PHE D 7 -16.61 10.02 -2.83
N SER D 8 -16.36 10.56 -1.61
CA SER D 8 -15.70 9.90 -0.48
C SER D 8 -16.69 9.48 0.60
N ARG D 9 -16.64 8.18 1.03
CA ARG D 9 -17.51 7.60 2.06
C ARG D 9 -17.42 8.38 3.36
N TYR D 10 -16.17 8.70 3.77
CA TYR D 10 -15.85 9.45 4.97
C TYR D 10 -16.61 10.76 4.99
N PHE D 11 -16.46 11.59 3.95
CA PHE D 11 -17.12 12.88 3.85
C PHE D 11 -18.62 12.78 3.57
N ILE D 12 -19.08 11.71 2.88
CA ILE D 12 -20.52 11.56 2.60
C ILE D 12 -21.30 11.09 3.82
N GLU D 13 -20.83 10.05 4.48
CA GLU D 13 -21.58 9.44 5.59
C GLU D 13 -21.36 10.08 6.98
N PHE D 14 -20.22 10.75 7.18
CA PHE D 14 -19.81 11.35 8.45
C PHE D 14 -19.69 12.89 8.45
N GLU D 15 -19.95 13.48 9.61
CA GLU D 15 -19.81 14.91 9.86
C GLU D 15 -18.67 15.06 10.87
N GLU D 16 -17.58 15.70 10.47
CA GLU D 16 -16.40 15.92 11.33
C GLU D 16 -16.76 16.83 12.53
N LEU D 17 -16.37 16.41 13.75
CA LEU D 17 -16.71 17.16 14.94
C LEU D 17 -15.52 17.79 15.63
N GLN D 18 -14.43 17.02 15.81
CA GLN D 18 -13.28 17.47 16.58
C GLN D 18 -12.13 16.56 16.30
N LEU D 19 -10.91 17.12 16.24
CA LEU D 19 -9.68 16.36 16.05
C LEU D 19 -9.24 15.79 17.41
N LEU D 20 -9.10 14.45 17.52
CA LEU D 20 -8.72 13.79 18.78
C LEU D 20 -7.22 13.60 18.89
N GLY D 21 -6.58 13.51 17.73
CA GLY D 21 -5.14 13.36 17.63
C GLY D 21 -4.65 13.44 16.21
N LYS D 22 -3.35 13.75 16.07
CA LYS D 22 -2.61 13.86 14.82
C LYS D 22 -1.12 13.59 15.09
N GLY D 23 -0.53 12.81 14.20
CA GLY D 23 0.89 12.50 14.23
C GLY D 23 1.42 12.64 12.82
N ALA D 24 2.46 11.89 12.53
CA ALA D 24 3.10 11.89 11.22
C ALA D 24 2.41 10.89 10.30
N PHE D 25 2.07 9.70 10.83
CA PHE D 25 1.45 8.63 10.05
C PHE D 25 -0.03 8.37 10.41
N GLY D 26 -0.75 9.41 10.81
CA GLY D 26 -2.15 9.26 11.16
C GLY D 26 -2.85 10.39 11.89
N ALA D 27 -4.18 10.30 11.86
CA ALA D 27 -5.09 11.23 12.55
C ALA D 27 -6.24 10.45 13.17
N VAL D 28 -6.72 10.91 14.34
CA VAL D 28 -7.94 10.39 14.95
C VAL D 28 -8.86 11.61 15.01
N ILE D 29 -10.07 11.48 14.47
CA ILE D 29 -11.07 12.51 14.45
C ILE D 29 -12.39 11.95 15.01
N LYS D 30 -13.08 12.74 15.81
CA LYS D 30 -14.40 12.46 16.33
C LYS D 30 -15.35 12.87 15.21
N VAL D 31 -16.23 11.96 14.81
CA VAL D 31 -17.20 12.21 13.74
C VAL D 31 -18.63 11.83 14.20
N GLN D 32 -19.65 12.29 13.49
CA GLN D 32 -21.02 11.84 13.75
C GLN D 32 -21.52 11.17 12.47
N ASN D 33 -22.14 9.98 12.57
CA ASN D 33 -22.70 9.33 11.38
C ASN D 33 -24.00 10.04 11.08
N LYS D 34 -24.16 10.50 9.85
CA LYS D 34 -25.39 11.20 9.43
C LYS D 34 -26.64 10.33 9.53
N LEU D 35 -26.53 9.03 9.26
CA LEU D 35 -27.69 8.16 9.32
C LEU D 35 -28.08 7.73 10.74
N ASP D 36 -27.22 7.02 11.46
CA ASP D 36 -27.59 6.57 12.78
C ASP D 36 -27.55 7.67 13.86
N GLY D 37 -26.77 8.75 13.65
CA GLY D 37 -26.66 9.86 14.60
C GLY D 37 -25.62 9.75 15.71
N CYS D 38 -24.86 8.67 15.73
CA CYS D 38 -23.86 8.36 16.74
C CYS D 38 -22.55 8.98 16.45
N CYS D 39 -21.73 9.13 17.49
CA CYS D 39 -20.37 9.63 17.44
C CYS D 39 -19.36 8.47 17.41
N TYR D 40 -18.35 8.62 16.58
CA TYR D 40 -17.33 7.61 16.47
C TYR D 40 -16.00 8.29 16.48
N ALA D 41 -14.93 7.54 16.76
CA ALA D 41 -13.55 7.95 16.63
C ALA D 41 -13.07 7.25 15.33
N VAL D 42 -12.71 8.03 14.31
CA VAL D 42 -12.21 7.45 13.06
C VAL D 42 -10.70 7.66 12.94
N LYS D 43 -9.97 6.55 12.93
CA LYS D 43 -8.53 6.61 12.72
C LYS D 43 -8.26 6.57 11.21
N ARG D 44 -7.41 7.49 10.72
CA ARG D 44 -7.01 7.61 9.31
C ARG D 44 -5.50 7.34 9.21
N ILE D 45 -5.10 6.30 8.45
CA ILE D 45 -3.70 5.90 8.26
C ILE D 45 -3.34 5.85 6.75
N PRO D 46 -2.20 6.46 6.27
CA PRO D 46 -1.82 6.28 4.85
C PRO D 46 -1.32 4.86 4.60
N ILE D 47 -1.69 4.28 3.46
CA ILE D 47 -1.30 2.92 3.08
C ILE D 47 -0.88 2.83 1.59
N ASN D 48 -0.10 1.80 1.27
CA ASN D 48 0.34 1.47 -0.08
C ASN D 48 -0.22 0.06 -0.33
N PRO D 49 -1.38 -0.10 -1.01
CA PRO D 49 -1.95 -1.45 -1.16
C PRO D 49 -1.03 -2.51 -1.77
N ALA D 50 -0.15 -2.12 -2.71
CA ALA D 50 0.82 -3.02 -3.35
C ALA D 50 2.20 -3.02 -2.65
N SER D 51 2.19 -3.08 -1.29
CA SER D 51 3.40 -3.12 -0.49
C SER D 51 3.33 -4.26 0.53
N ARG D 52 4.49 -4.66 1.10
CA ARG D 52 4.55 -5.72 2.12
C ARG D 52 3.86 -5.28 3.41
N GLN D 53 4.08 -4.01 3.81
CA GLN D 53 3.48 -3.42 5.02
C GLN D 53 1.95 -3.52 5.06
N PHE D 54 1.27 -3.28 3.91
CA PHE D 54 -0.19 -3.35 3.84
C PHE D 54 -0.74 -4.73 4.14
N ARG D 55 -0.05 -5.81 3.73
CA ARG D 55 -0.52 -7.17 4.06
C ARG D 55 -0.45 -7.38 5.59
N ARG D 56 0.55 -6.80 6.28
CA ARG D 56 0.67 -6.87 7.73
C ARG D 56 -0.50 -6.13 8.36
N ILE D 57 -0.78 -4.88 7.89
CA ILE D 57 -1.88 -4.02 8.38
C ILE D 57 -3.26 -4.67 8.16
N LYS D 58 -3.54 -5.17 6.93
CA LYS D 58 -4.79 -5.87 6.57
C LYS D 58 -5.03 -7.06 7.54
N GLY D 59 -3.96 -7.70 7.97
CA GLY D 59 -4.01 -8.78 8.94
C GLY D 59 -4.34 -8.25 10.32
N GLU D 60 -3.82 -7.05 10.69
CA GLU D 60 -4.09 -6.42 11.99
C GLU D 60 -5.54 -5.90 12.05
N VAL D 61 -6.09 -5.49 10.89
CA VAL D 61 -7.49 -5.07 10.74
C VAL D 61 -8.35 -6.32 10.90
N THR D 62 -7.86 -7.45 10.35
CA THR D 62 -8.53 -8.74 10.45
C THR D 62 -8.57 -9.16 11.92
N LEU D 63 -7.46 -9.00 12.62
CA LEU D 63 -7.38 -9.33 14.04
C LEU D 63 -8.34 -8.46 14.85
N LEU D 64 -8.24 -7.11 14.69
CA LEU D 64 -9.08 -6.09 15.35
C LEU D 64 -10.58 -6.33 15.11
N SER D 65 -10.96 -6.79 13.93
CA SER D 65 -12.36 -7.08 13.63
C SER D 65 -12.88 -8.32 14.38
N ARG D 66 -12.00 -9.09 15.01
CA ARG D 66 -12.42 -10.33 15.65
C ARG D 66 -12.50 -10.23 17.17
N LEU D 67 -12.19 -9.06 17.73
CA LEU D 67 -12.29 -8.88 19.17
C LEU D 67 -13.69 -8.49 19.57
N HIS D 68 -14.14 -8.94 20.74
CA HIS D 68 -15.50 -8.68 21.20
C HIS D 68 -15.54 -8.86 22.71
N HIS D 69 -15.18 -7.81 23.41
CA HIS D 69 -15.06 -7.79 24.85
C HIS D 69 -15.41 -6.43 25.36
N GLU D 70 -16.01 -6.39 26.55
CA GLU D 70 -16.38 -5.13 27.19
C GLU D 70 -15.16 -4.21 27.48
N ASN D 71 -13.93 -4.76 27.59
CA ASN D 71 -12.76 -3.93 27.89
C ASN D 71 -11.84 -3.70 26.67
N ILE D 72 -12.42 -3.80 25.45
CA ILE D 72 -11.75 -3.52 24.18
C ILE D 72 -12.64 -2.51 23.43
N VAL D 73 -12.08 -1.41 22.86
CA VAL D 73 -12.96 -0.47 22.14
C VAL D 73 -13.60 -1.19 20.94
N ARG D 74 -14.94 -1.05 20.81
CA ARG D 74 -15.76 -1.67 19.79
C ARG D 74 -15.38 -1.18 18.39
N TYR D 75 -15.05 -2.12 17.53
CA TYR D 75 -14.75 -1.92 16.14
C TYR D 75 -16.08 -1.87 15.36
N TYR D 76 -16.17 -0.92 14.38
CA TYR D 76 -17.38 -0.83 13.57
C TYR D 76 -17.16 -1.19 12.10
N ASN D 77 -16.13 -0.60 11.50
CA ASN D 77 -15.82 -0.73 10.08
C ASN D 77 -14.43 -0.27 9.78
N ALA D 78 -13.90 -0.75 8.70
CA ALA D 78 -12.61 -0.36 8.18
C ALA D 78 -12.76 -0.36 6.64
N TRP D 79 -12.32 0.71 5.99
CA TRP D 79 -12.39 0.84 4.54
C TRP D 79 -11.15 1.56 4.00
N ILE D 80 -11.01 1.60 2.67
CA ILE D 80 -9.89 2.23 1.96
C ILE D 80 -10.39 3.17 0.91
N GLU D 81 -9.81 4.36 0.86
CA GLU D 81 -10.15 5.36 -0.15
C GLU D 81 -8.88 5.77 -0.89
N ARG D 82 -8.99 6.00 -2.22
CA ARG D 82 -7.88 6.49 -3.05
C ARG D 82 -8.06 7.99 -3.31
N HIS D 83 -6.98 8.77 -3.22
CA HIS D 83 -7.00 10.22 -3.47
C HIS D 83 -5.79 10.66 -4.25
N VAL D 93 -2.39 8.59 -3.66
CA VAL D 93 -2.32 8.23 -2.24
C VAL D 93 -3.57 7.40 -1.80
N HIS D 94 -3.36 6.46 -0.88
CA HIS D 94 -4.42 5.61 -0.33
C HIS D 94 -4.51 5.79 1.18
N TYR D 95 -5.73 5.82 1.72
CA TYR D 95 -6.02 5.92 3.15
C TYR D 95 -6.78 4.75 3.66
N LEU D 96 -6.43 4.30 4.88
CA LEU D 96 -7.18 3.28 5.60
C LEU D 96 -7.98 4.01 6.69
N TYR D 97 -9.31 3.84 6.67
CA TYR D 97 -10.21 4.41 7.67
C TYR D 97 -10.71 3.31 8.57
N ILE D 98 -10.67 3.51 9.87
CA ILE D 98 -11.14 2.54 10.86
C ILE D 98 -12.04 3.29 11.80
N GLN D 99 -13.33 2.95 11.77
CA GLN D 99 -14.37 3.56 12.60
C GLN D 99 -14.50 2.74 13.90
N MET D 100 -14.25 3.41 15.05
CA MET D 100 -14.25 2.79 16.38
C MET D 100 -15.26 3.48 17.24
N GLU D 101 -15.57 2.91 18.40
CA GLU D 101 -16.45 3.64 19.29
C GLU D 101 -15.72 4.89 19.81
N TYR D 102 -16.50 5.90 20.20
CA TYR D 102 -15.97 7.09 20.80
C TYR D 102 -16.07 6.88 22.34
N CYS D 103 -14.95 6.96 23.05
CA CYS D 103 -14.93 6.82 24.50
C CYS D 103 -14.89 8.23 25.10
N GLU D 104 -16.01 8.62 25.73
CA GLU D 104 -16.29 9.96 26.25
C GLU D 104 -15.31 10.51 27.29
N LYS D 105 -14.68 9.66 28.13
CA LYS D 105 -13.77 10.09 29.17
C LYS D 105 -12.29 9.98 28.77
N SER D 106 -12.03 10.08 27.46
CA SER D 106 -10.72 9.97 26.84
C SER D 106 -9.89 8.81 27.39
N THR D 107 -8.63 9.06 27.80
CA THR D 107 -7.65 8.02 28.17
C THR D 107 -7.34 7.89 29.63
N LEU D 108 -6.65 6.77 29.96
CA LEU D 108 -6.17 6.46 31.30
C LEU D 108 -5.07 7.48 31.68
N ARG D 109 -4.35 8.04 30.68
CA ARG D 109 -3.30 9.03 30.84
C ARG D 109 -3.87 10.27 31.50
N ASP D 110 -5.09 10.63 31.11
CA ASP D 110 -5.77 11.79 31.67
C ASP D 110 -6.32 11.49 33.07
N THR D 111 -6.79 10.26 33.31
CA THR D 111 -7.28 9.86 34.65
C THR D 111 -6.12 9.88 35.64
N ILE D 112 -4.95 9.32 35.25
CA ILE D 112 -3.72 9.31 36.04
C ILE D 112 -3.30 10.76 36.42
N ASP D 113 -3.20 11.65 35.39
CA ASP D 113 -2.82 13.05 35.48
C ASP D 113 -3.77 13.92 36.33
N GLN D 114 -4.99 13.41 36.59
CA GLN D 114 -6.02 14.01 37.43
C GLN D 114 -5.96 13.44 38.84
N GLY D 115 -4.93 12.66 39.13
CA GLY D 115 -4.73 12.07 40.45
C GLY D 115 -5.65 10.91 40.79
N LEU D 116 -5.55 9.80 40.01
CA LEU D 116 -6.29 8.55 40.23
C LEU D 116 -5.78 7.81 41.48
N TYR D 117 -4.47 7.97 41.79
CA TYR D 117 -3.74 7.31 42.91
C TYR D 117 -4.35 7.51 44.28
N ARG D 118 -5.06 8.64 44.48
CA ARG D 118 -5.75 8.98 45.73
C ARG D 118 -6.99 8.12 45.92
N ASP D 119 -7.57 7.56 44.83
CA ASP D 119 -8.78 6.75 44.88
C ASP D 119 -8.52 5.25 44.67
N THR D 120 -8.35 4.55 45.80
CA THR D 120 -8.03 3.13 46.02
C THR D 120 -9.04 2.18 45.36
N VAL D 121 -10.34 2.35 45.62
CA VAL D 121 -11.37 1.48 45.05
C VAL D 121 -11.34 1.52 43.50
N ARG D 122 -11.37 2.75 42.89
CA ARG D 122 -11.33 2.97 41.44
C ARG D 122 -10.05 2.39 40.83
N LEU D 123 -8.88 2.69 41.42
CA LEU D 123 -7.53 2.24 41.06
C LEU D 123 -7.57 0.71 40.81
N TRP D 124 -8.08 -0.08 41.77
CA TRP D 124 -8.17 -1.54 41.67
C TRP D 124 -9.19 -2.03 40.62
N ARG D 125 -10.41 -1.44 40.56
CA ARG D 125 -11.42 -1.82 39.56
C ARG D 125 -10.87 -1.51 38.14
N LEU D 126 -10.18 -0.38 37.96
CA LEU D 126 -9.65 -0.08 36.62
C LEU D 126 -8.53 -1.04 36.23
N PHE D 127 -7.69 -1.42 37.23
CA PHE D 127 -6.60 -2.38 37.04
C PHE D 127 -7.16 -3.75 36.64
N ARG D 128 -8.23 -4.19 37.30
CA ARG D 128 -8.87 -5.48 37.05
C ARG D 128 -9.43 -5.51 35.62
N GLU D 129 -10.09 -4.43 35.21
CA GLU D 129 -10.67 -4.30 33.86
C GLU D 129 -9.61 -4.34 32.77
N ILE D 130 -8.38 -3.77 33.00
CA ILE D 130 -7.28 -3.85 32.02
C ILE D 130 -6.85 -5.32 31.95
N LEU D 131 -6.74 -6.01 33.11
CA LEU D 131 -6.38 -7.43 33.21
C LEU D 131 -7.44 -8.29 32.53
N ASP D 132 -8.71 -7.94 32.71
CA ASP D 132 -9.83 -8.61 32.01
C ASP D 132 -9.67 -8.49 30.47
N GLY D 133 -9.47 -7.28 29.94
CA GLY D 133 -9.21 -7.09 28.51
C GLY D 133 -7.97 -7.82 28.05
N LEU D 134 -6.86 -7.70 28.81
CA LEU D 134 -5.59 -8.38 28.53
C LEU D 134 -5.77 -9.89 28.48
N ALA D 135 -6.34 -10.50 29.53
CA ALA D 135 -6.60 -11.94 29.60
C ALA D 135 -7.42 -12.40 28.39
N TYR D 136 -8.35 -11.56 27.90
CA TYR D 136 -9.16 -11.86 26.74
C TYR D 136 -8.35 -11.85 25.42
N ILE D 137 -7.53 -10.80 25.17
CA ILE D 137 -6.69 -10.66 23.96
C ILE D 137 -5.78 -11.90 23.86
N HIS D 138 -5.14 -12.28 24.99
CA HIS D 138 -4.20 -13.42 25.12
C HIS D 138 -4.90 -14.78 24.92
N GLU D 139 -6.15 -14.90 25.40
CA GLU D 139 -6.99 -16.08 25.19
C GLU D 139 -7.23 -16.34 23.68
N LYS D 140 -7.19 -15.27 22.85
CA LYS D 140 -7.37 -15.30 21.40
C LYS D 140 -6.02 -15.35 20.65
N GLY D 141 -4.92 -15.38 21.39
CA GLY D 141 -3.57 -15.47 20.84
C GLY D 141 -2.96 -14.18 20.32
N MET D 142 -3.61 -13.05 20.59
CA MET D 142 -3.10 -11.75 20.20
C MET D 142 -2.35 -11.12 21.37
N ILE D 143 -1.59 -10.08 21.05
CA ILE D 143 -0.75 -9.31 21.95
C ILE D 143 -0.94 -7.82 21.61
N HIS D 144 -0.77 -6.93 22.56
CA HIS D 144 -0.93 -5.56 22.24
C HIS D 144 0.39 -4.97 21.74
N ARG D 145 1.42 -5.05 22.57
CA ARG D 145 2.74 -4.54 22.21
C ARG D 145 2.89 -3.08 21.79
N ASN D 146 2.26 -2.23 22.59
CA ASN D 146 2.31 -0.76 22.59
C ASN D 146 1.46 -0.25 23.74
N LEU D 147 1.20 -1.11 24.70
CA LEU D 147 0.41 -0.78 25.86
C LEU D 147 1.01 0.30 26.73
N LYS D 148 0.28 1.38 26.86
CA LYS D 148 0.62 2.49 27.70
C LYS D 148 -0.70 3.22 28.04
N PRO D 149 -0.66 4.11 29.01
CA PRO D 149 -1.93 4.77 29.40
C PRO D 149 -2.69 5.50 28.29
N VAL D 150 -2.01 6.06 27.23
CA VAL D 150 -2.70 6.78 26.11
C VAL D 150 -3.51 5.83 25.21
N ASN D 151 -3.15 4.55 25.23
CA ASN D 151 -3.79 3.51 24.44
C ASN D 151 -4.96 2.85 25.19
N ILE D 152 -5.18 3.27 26.47
CA ILE D 152 -6.28 2.75 27.31
C ILE D 152 -7.34 3.84 27.45
N PHE D 153 -8.56 3.57 27.04
CA PHE D 153 -9.62 4.57 27.08
C PHE D 153 -10.64 4.30 28.17
N LEU D 154 -11.46 5.30 28.51
CA LEU D 154 -12.55 5.17 29.46
C LEU D 154 -13.84 5.68 28.83
N ASP D 155 -14.91 4.90 28.96
CA ASP D 155 -16.22 5.22 28.42
C ASP D 155 -16.98 6.01 29.47
N SER D 156 -18.22 6.48 29.16
CA SER D 156 -19.03 7.32 30.05
C SER D 156 -19.43 6.61 31.36
N ASP D 157 -19.34 5.27 31.39
CA ASP D 157 -19.64 4.48 32.57
C ASP D 157 -18.37 4.24 33.39
N ASP D 158 -17.25 4.85 33.00
CA ASP D 158 -15.95 4.67 33.66
C ASP D 158 -15.37 3.23 33.47
N HIS D 159 -15.82 2.52 32.42
CA HIS D 159 -15.28 1.20 32.10
C HIS D 159 -14.11 1.37 31.12
N VAL D 160 -13.01 0.63 31.38
CA VAL D 160 -11.76 0.61 30.62
C VAL D 160 -12.05 -0.04 29.28
N LYS D 161 -11.45 0.48 28.21
CA LYS D 161 -11.52 -0.02 26.84
C LYS D 161 -10.10 0.11 26.28
N ILE D 162 -9.43 -1.00 26.08
CA ILE D 162 -8.09 -1.00 25.51
C ILE D 162 -8.25 -0.76 24.00
N GLY D 163 -7.51 0.19 23.48
CA GLY D 163 -7.55 0.55 22.07
C GLY D 163 -6.19 0.83 21.52
N ASP D 164 -6.07 1.91 20.73
CA ASP D 164 -4.81 2.31 20.11
C ASP D 164 -4.88 3.79 19.73
N PHE D 165 -3.91 4.58 20.21
CA PHE D 165 -3.78 6.01 19.92
C PHE D 165 -2.45 6.30 19.21
N GLY D 166 -1.89 5.28 18.55
CA GLY D 166 -0.64 5.39 17.81
C GLY D 166 -0.87 6.10 16.51
N LEU D 167 -0.10 7.16 16.25
CA LEU D 167 -0.27 7.96 15.03
C LEU D 167 1.05 8.14 14.26
N ALA D 168 2.09 7.42 14.68
CA ALA D 168 3.39 7.46 14.03
C ALA D 168 4.02 6.07 13.95
N THR D 169 3.18 5.01 14.00
CA THR D 169 3.58 3.59 13.97
C THR D 169 2.72 2.73 13.05
N ASP D 170 2.37 1.46 13.48
CA ASP D 170 1.60 0.47 12.70
C ASP D 170 0.76 -0.55 13.54
N HIS D 171 -0.47 -0.14 13.99
CA HIS D 171 -1.50 -0.92 14.73
C HIS D 171 -1.09 -1.71 16.02
N LEU D 172 -2.10 -2.34 16.69
CA LEU D 172 -1.94 -3.18 17.89
C LEU D 172 -2.54 -4.62 17.73
N ALA D 173 -1.67 -5.62 17.35
CA ALA D 173 -2.05 -7.03 17.13
C ALA D 173 -0.84 -8.00 17.11
N GLY D 201 11.63 7.19 26.08
CA GLY D 201 10.27 7.70 26.25
C GLY D 201 9.23 6.60 26.27
N THR D 202 8.75 6.21 25.07
CA THR D 202 7.78 5.12 24.87
C THR D 202 8.45 3.79 25.24
N ALA D 203 9.81 3.77 25.20
CA ALA D 203 10.67 2.64 25.54
C ALA D 203 10.64 2.33 27.06
N LEU D 204 10.00 3.20 27.89
CA LEU D 204 9.90 2.96 29.33
C LEU D 204 8.88 1.86 29.66
N TYR D 205 7.98 1.57 28.72
CA TYR D 205 6.93 0.57 28.85
C TYR D 205 7.32 -0.74 28.18
N VAL D 206 8.34 -0.69 27.30
CA VAL D 206 8.81 -1.85 26.53
C VAL D 206 9.62 -2.82 27.41
N SER D 207 9.25 -4.10 27.37
CA SER D 207 9.89 -5.22 28.08
C SER D 207 11.40 -5.31 27.73
N PRO D 208 12.31 -5.66 28.67
CA PRO D 208 13.74 -5.73 28.32
C PRO D 208 14.10 -6.83 27.30
N GLU D 209 13.33 -7.95 27.25
CA GLU D 209 13.54 -9.05 26.29
C GLU D 209 13.20 -8.71 24.81
N VAL D 210 12.63 -7.53 24.55
CA VAL D 210 12.32 -7.10 23.16
C VAL D 210 13.19 -5.91 22.80
N GLN D 211 13.94 -5.44 23.80
CA GLN D 211 14.89 -4.34 23.68
C GLN D 211 16.28 -4.97 23.73
N GLY D 212 16.62 -5.69 22.66
CA GLY D 212 17.87 -6.43 22.50
C GLY D 212 17.74 -7.69 21.67
N TYR D 218 3.34 -16.60 27.04
CA TYR D 218 4.07 -16.84 25.79
C TYR D 218 4.03 -15.57 24.93
N ASN D 219 5.08 -14.68 25.04
CA ASN D 219 5.20 -13.37 24.35
C ASN D 219 4.09 -12.39 24.84
N GLN D 220 3.07 -12.94 25.54
CA GLN D 220 1.96 -12.25 26.17
C GLN D 220 2.52 -11.49 27.36
N LYS D 221 3.59 -12.02 27.96
CA LYS D 221 4.31 -11.47 29.11
C LYS D 221 4.87 -10.06 28.86
N VAL D 222 5.09 -9.66 27.60
CA VAL D 222 5.55 -8.30 27.28
C VAL D 222 4.47 -7.24 27.70
N ASP D 223 3.18 -7.49 27.33
CA ASP D 223 2.00 -6.69 27.68
C ASP D 223 1.90 -6.54 29.22
N LEU D 224 2.10 -7.65 29.96
CA LEU D 224 2.05 -7.69 31.42
C LEU D 224 3.16 -6.92 32.08
N PHE D 225 4.32 -6.83 31.42
CA PHE D 225 5.42 -5.99 31.90
C PHE D 225 4.95 -4.50 31.82
N SER D 226 4.41 -4.07 30.65
CA SER D 226 3.89 -2.71 30.44
C SER D 226 2.84 -2.33 31.49
N LEU D 227 1.99 -3.29 31.89
CA LEU D 227 0.96 -3.11 32.92
C LEU D 227 1.54 -2.81 34.31
N GLY D 228 2.73 -3.37 34.59
CA GLY D 228 3.46 -3.12 35.82
C GLY D 228 3.86 -1.66 35.89
N ILE D 229 4.39 -1.10 34.78
CA ILE D 229 4.75 0.33 34.72
C ILE D 229 3.49 1.22 34.87
N ILE D 230 2.38 0.80 34.22
CA ILE D 230 1.07 1.46 34.20
C ILE D 230 0.49 1.48 35.59
N PHE D 231 0.34 0.32 36.25
CA PHE D 231 -0.24 0.26 37.59
C PHE D 231 0.56 1.12 38.56
N PHE D 232 1.90 1.18 38.38
CA PHE D 232 2.71 2.06 39.24
C PHE D 232 2.21 3.49 39.07
N GLU D 233 2.16 4.00 37.80
CA GLU D 233 1.66 5.35 37.48
C GLU D 233 0.25 5.54 38.04
N MET D 234 -0.61 4.55 37.85
CA MET D 234 -1.97 4.56 38.40
C MET D 234 -1.97 4.74 39.93
N SER D 235 -0.87 4.29 40.62
CA SER D 235 -0.73 4.29 42.09
C SER D 235 0.18 5.39 42.67
N TYR D 236 0.84 6.14 41.80
CA TYR D 236 1.73 7.22 42.19
C TYR D 236 1.12 8.56 41.77
N HIS D 237 1.54 9.66 42.42
CA HIS D 237 1.06 11.00 42.11
C HIS D 237 1.43 11.40 40.67
N PRO D 238 0.64 12.26 39.97
CA PRO D 238 1.03 12.66 38.61
C PRO D 238 2.42 13.30 38.59
N MET D 239 3.29 12.83 37.71
CA MET D 239 4.63 13.39 37.63
C MET D 239 4.58 14.66 36.76
N VAL D 240 4.68 15.83 37.42
CA VAL D 240 4.60 17.17 36.83
C VAL D 240 5.64 17.42 35.72
N THR D 241 6.85 16.87 35.85
CA THR D 241 7.95 17.02 34.86
C THR D 241 8.26 15.72 34.12
N ALA D 242 8.73 15.84 32.86
CA ALA D 242 9.19 14.72 32.03
C ALA D 242 10.49 14.15 32.66
N SER D 243 11.32 15.04 33.28
CA SER D 243 12.57 14.75 33.99
C SER D 243 12.31 13.81 35.17
N GLU D 244 11.26 14.13 35.98
CA GLU D 244 10.81 13.33 37.12
C GLU D 244 10.31 11.96 36.62
N ARG D 245 9.54 11.96 35.51
CA ARG D 245 8.98 10.77 34.87
C ARG D 245 10.08 9.82 34.41
N ILE D 246 11.03 10.31 33.59
CA ILE D 246 12.17 9.55 33.05
C ILE D 246 12.97 8.87 34.18
N PHE D 247 13.31 9.62 35.25
CA PHE D 247 14.07 9.11 36.38
C PHE D 247 13.33 7.99 37.12
N VAL D 248 12.14 8.30 37.68
CA VAL D 248 11.27 7.41 38.46
C VAL D 248 10.99 6.08 37.73
N LEU D 249 10.56 6.14 36.46
CA LEU D 249 10.25 4.95 35.67
C LEU D 249 11.49 4.14 35.28
N ASN D 250 12.66 4.79 35.14
CA ASN D 250 13.93 4.09 34.83
C ASN D 250 14.42 3.32 36.05
N GLN D 251 14.26 3.89 37.27
CA GLN D 251 14.61 3.27 38.57
C GLN D 251 13.79 1.99 38.76
N LEU D 252 12.49 2.09 38.42
CA LEU D 252 11.48 1.04 38.50
C LEU D 252 11.88 -0.16 37.66
N ARG D 253 12.60 0.09 36.55
CA ARG D 253 13.06 -0.90 35.59
C ARG D 253 14.42 -1.56 35.98
N ASP D 254 14.98 -1.24 37.19
CA ASP D 254 16.25 -1.83 37.64
C ASP D 254 16.20 -3.36 37.51
N PRO D 255 17.18 -4.00 36.79
CA PRO D 255 17.11 -5.46 36.61
C PRO D 255 17.23 -6.24 37.92
N THR D 256 17.99 -5.68 38.87
CA THR D 256 18.26 -6.28 40.17
C THR D 256 17.01 -6.43 41.02
N SER D 257 16.16 -5.37 41.07
CA SER D 257 14.89 -5.30 41.82
C SER D 257 14.25 -3.96 41.50
N PRO D 258 12.90 -3.84 41.43
CA PRO D 258 12.31 -2.53 41.11
C PRO D 258 12.53 -1.49 42.21
N LYS D 259 13.08 -0.32 41.83
CA LYS D 259 13.31 0.78 42.78
C LYS D 259 12.14 1.77 42.77
N PHE D 260 11.33 1.69 43.83
CA PHE D 260 10.16 2.52 44.06
C PHE D 260 10.59 3.81 44.74
N PRO D 261 9.90 4.96 44.48
CA PRO D 261 10.31 6.21 45.14
C PRO D 261 10.00 6.22 46.63
N GLU D 262 10.79 7.00 47.40
CA GLU D 262 10.71 7.15 48.87
C GLU D 262 9.30 7.43 49.38
N ASP D 263 8.60 8.38 48.71
CA ASP D 263 7.23 8.80 49.04
C ASP D 263 6.20 7.70 48.81
N PHE D 264 6.47 6.76 47.86
CA PHE D 264 5.61 5.60 47.61
C PHE D 264 5.93 4.55 48.69
N ASP D 265 5.41 4.78 49.92
CA ASP D 265 5.66 3.95 51.10
C ASP D 265 4.92 2.61 51.12
N ASP D 266 5.61 1.56 51.63
CA ASP D 266 5.07 0.20 51.79
C ASP D 266 4.03 0.14 52.92
N GLY D 267 3.92 1.21 53.72
CA GLY D 267 2.96 1.33 54.81
C GLY D 267 1.52 1.33 54.30
N GLU D 268 1.29 2.05 53.19
CA GLU D 268 -0.02 2.16 52.54
C GLU D 268 -0.07 1.38 51.22
N HIS D 269 1.03 1.47 50.42
CA HIS D 269 1.13 0.85 49.11
C HIS D 269 1.80 -0.53 49.10
N ALA D 270 1.53 -1.38 50.11
CA ALA D 270 2.14 -2.73 50.17
C ALA D 270 1.56 -3.68 49.13
N LYS D 271 0.21 -3.85 49.10
CA LYS D 271 -0.48 -4.73 48.13
C LYS D 271 -0.09 -4.36 46.71
N GLN D 272 -0.07 -3.04 46.39
CA GLN D 272 0.30 -2.52 45.08
C GLN D 272 1.74 -2.86 44.69
N LYS D 273 2.70 -2.57 45.59
CA LYS D 273 4.14 -2.84 45.45
C LYS D 273 4.41 -4.27 45.08
N SER D 274 3.75 -5.22 45.75
CA SER D 274 3.86 -6.66 45.48
C SER D 274 3.42 -6.98 44.05
N VAL D 275 2.26 -6.44 43.64
CA VAL D 275 1.72 -6.63 42.28
C VAL D 275 2.67 -5.99 41.25
N ILE D 276 3.02 -4.73 41.45
CA ILE D 276 3.94 -4.03 40.53
C ILE D 276 5.30 -4.76 40.39
N SER D 277 5.88 -5.25 41.52
CA SER D 277 7.18 -5.96 41.53
C SER D 277 7.08 -7.22 40.74
N TRP D 278 5.98 -7.96 40.96
CA TRP D 278 5.68 -9.23 40.33
C TRP D 278 5.57 -9.06 38.82
N LEU D 279 4.84 -8.03 38.37
CA LEU D 279 4.67 -7.75 36.94
C LEU D 279 5.94 -7.25 36.28
N LEU D 280 6.81 -6.59 37.05
CA LEU D 280 8.05 -6.00 36.52
C LEU D 280 9.27 -6.94 36.53
N ASN D 281 9.09 -8.21 36.92
CA ASN D 281 10.20 -9.18 36.91
C ASN D 281 10.88 -9.20 35.54
N HIS D 282 12.24 -9.14 35.52
CA HIS D 282 13.04 -9.13 34.28
C HIS D 282 12.93 -10.44 33.47
N ASP D 283 12.56 -11.51 34.15
CA ASP D 283 12.39 -12.81 33.50
C ASP D 283 10.90 -13.10 33.29
N PRO D 284 10.45 -13.11 32.03
CA PRO D 284 9.07 -13.36 31.61
C PRO D 284 8.42 -14.53 32.36
N ALA D 285 9.23 -15.54 32.68
CA ALA D 285 8.73 -16.73 33.39
C ALA D 285 8.31 -16.45 34.83
N LYS D 286 8.90 -15.42 35.49
CA LYS D 286 8.57 -15.09 36.88
C LYS D 286 7.46 -14.00 37.00
N ARG D 287 6.88 -13.57 35.85
CA ARG D 287 5.77 -12.62 35.78
C ARG D 287 4.47 -13.42 35.80
N PRO D 288 3.35 -12.89 36.36
CA PRO D 288 2.08 -13.64 36.30
C PRO D 288 1.41 -13.52 34.94
N THR D 289 0.51 -14.46 34.60
CA THR D 289 -0.30 -14.25 33.41
C THR D 289 -1.46 -13.32 33.91
N ALA D 290 -2.24 -12.72 32.99
CA ALA D 290 -3.37 -11.88 33.37
C ALA D 290 -4.39 -12.70 34.20
N THR D 291 -4.70 -13.95 33.81
CA THR D 291 -5.64 -14.81 34.57
C THR D 291 -5.07 -15.22 35.92
N GLU D 292 -3.73 -15.47 36.01
CA GLU D 292 -3.01 -15.84 37.25
C GLU D 292 -3.18 -14.73 38.27
N LEU D 293 -2.96 -13.48 37.86
CA LEU D 293 -3.09 -12.30 38.70
C LEU D 293 -4.55 -12.05 39.07
N LEU D 294 -5.50 -12.38 38.16
CA LEU D 294 -6.94 -12.23 38.43
C LEU D 294 -7.41 -13.27 39.46
N LYS D 295 -6.99 -14.56 39.30
CA LYS D 295 -7.37 -15.64 40.22
C LYS D 295 -6.69 -15.51 41.58
N SER D 296 -5.71 -14.58 41.69
CA SER D 296 -4.95 -14.28 42.90
C SER D 296 -5.79 -13.60 44.00
N GLU D 297 -5.47 -13.96 45.28
CA GLU D 297 -6.06 -13.47 46.53
C GLU D 297 -5.96 -11.95 46.68
N LEU D 298 -4.95 -11.32 46.04
CA LEU D 298 -4.65 -9.88 46.08
C LEU D 298 -5.78 -8.99 45.54
N LEU D 299 -6.23 -9.24 44.29
CA LEU D 299 -7.24 -8.46 43.58
C LEU D 299 -8.70 -8.65 44.05
N PRO D 300 -9.31 -7.61 44.67
CA PRO D 300 -10.72 -7.74 45.08
C PRO D 300 -11.70 -7.35 43.96
N PRO D 301 -12.81 -8.11 43.75
CA PRO D 301 -13.74 -7.75 42.66
C PRO D 301 -14.79 -6.72 43.10
N SER E 8 9.69 8.02 -59.53
CA SER E 8 9.66 7.40 -58.21
C SER E 8 8.34 6.66 -57.94
N ARG E 9 8.42 5.57 -57.15
CA ARG E 9 7.30 4.72 -56.74
C ARG E 9 6.79 5.15 -55.35
N TYR E 10 7.71 5.15 -54.35
CA TYR E 10 7.50 5.47 -52.94
C TYR E 10 6.82 6.83 -52.70
N PHE E 11 7.48 7.94 -53.05
CA PHE E 11 6.99 9.29 -52.81
C PHE E 11 5.65 9.64 -53.50
N ILE E 12 5.22 8.89 -54.53
CA ILE E 12 3.98 9.21 -55.24
C ILE E 12 2.74 8.37 -54.80
N GLU E 13 2.94 7.08 -54.49
CA GLU E 13 1.91 6.14 -54.10
C GLU E 13 1.58 6.22 -52.58
N PHE E 14 2.58 6.65 -51.79
CA PHE E 14 2.47 6.75 -50.33
C PHE E 14 2.44 8.18 -49.80
N GLU E 15 1.84 8.32 -48.62
CA GLU E 15 1.84 9.50 -47.77
C GLU E 15 2.75 9.09 -46.58
N GLU E 16 3.90 9.75 -46.40
CA GLU E 16 4.80 9.38 -45.28
C GLU E 16 4.27 9.86 -43.96
N LEU E 17 4.13 8.92 -43.01
CA LEU E 17 3.60 9.16 -41.66
C LEU E 17 4.76 9.20 -40.64
N GLN E 18 4.60 8.66 -39.42
CA GLN E 18 5.68 8.74 -38.41
C GLN E 18 6.88 7.81 -38.67
N LEU E 19 8.11 8.33 -38.45
CA LEU E 19 9.37 7.58 -38.54
C LEU E 19 9.32 6.54 -37.45
N LEU E 20 9.71 5.31 -37.76
CA LEU E 20 9.69 4.24 -36.76
C LEU E 20 11.09 3.98 -36.21
N GLY E 21 12.07 4.05 -37.08
CA GLY E 21 13.46 3.83 -36.69
C GLY E 21 14.43 4.38 -37.70
N LYS E 22 15.58 4.79 -37.22
CA LYS E 22 16.63 5.35 -38.06
C LYS E 22 17.99 4.86 -37.58
N GLY E 23 18.80 4.48 -38.55
CA GLY E 23 20.17 4.05 -38.34
C GLY E 23 21.02 4.70 -39.40
N ALA E 24 22.34 4.42 -39.39
CA ALA E 24 23.27 4.96 -40.39
C ALA E 24 22.98 4.23 -41.71
N PHE E 25 22.74 2.89 -41.61
CA PHE E 25 22.48 1.95 -42.70
C PHE E 25 21.07 2.04 -43.33
N GLY E 26 20.17 2.85 -42.75
CA GLY E 26 18.81 3.02 -43.28
C GLY E 26 17.75 3.48 -42.32
N ALA E 27 16.46 3.45 -42.76
CA ALA E 27 15.34 3.91 -41.95
C ALA E 27 14.03 3.16 -42.18
N VAL E 28 13.20 3.06 -41.13
CA VAL E 28 11.87 2.44 -41.18
C VAL E 28 10.87 3.54 -40.94
N ILE E 29 9.83 3.60 -41.75
CA ILE E 29 8.78 4.61 -41.66
C ILE E 29 7.37 4.01 -41.83
N LYS E 30 6.41 4.51 -41.06
CA LYS E 30 5.03 4.13 -41.22
C LYS E 30 4.51 4.92 -42.41
N VAL E 31 3.83 4.25 -43.36
CA VAL E 31 3.31 4.95 -44.53
C VAL E 31 1.83 4.67 -44.66
N GLN E 32 1.13 5.50 -45.43
CA GLN E 32 -0.27 5.28 -45.76
C GLN E 32 -0.35 5.30 -47.28
N ASN E 33 -0.85 4.21 -47.84
CA ASN E 33 -1.01 4.07 -49.27
C ASN E 33 -2.24 4.88 -49.76
N LYS E 34 -2.01 5.86 -50.63
CA LYS E 34 -3.04 6.74 -51.17
C LYS E 34 -4.22 5.96 -51.78
N LEU E 35 -3.95 4.86 -52.52
CA LEU E 35 -4.99 4.06 -53.16
C LEU E 35 -5.80 3.17 -52.19
N ASP E 36 -5.15 2.26 -51.44
CA ASP E 36 -5.85 1.31 -50.56
C ASP E 36 -6.21 1.89 -49.17
N GLY E 37 -5.61 3.02 -48.80
CA GLY E 37 -5.83 3.67 -47.50
C GLY E 37 -5.29 2.89 -46.32
N CYS E 38 -4.36 1.98 -46.59
CA CYS E 38 -3.79 1.10 -45.61
C CYS E 38 -2.45 1.57 -45.08
N CYS E 39 -2.12 1.21 -43.84
CA CYS E 39 -0.85 1.62 -43.27
C CYS E 39 0.17 0.51 -43.29
N TYR E 40 1.39 0.86 -43.60
CA TYR E 40 2.48 -0.11 -43.73
C TYR E 40 3.74 0.40 -43.08
N ALA E 41 4.69 -0.50 -42.82
CA ALA E 41 6.00 -0.18 -42.30
C ALA E 41 6.96 -0.40 -43.47
N VAL E 42 7.59 0.66 -43.96
CA VAL E 42 8.49 0.55 -45.10
C VAL E 42 9.93 0.73 -44.63
N LYS E 43 10.77 -0.30 -44.85
CA LYS E 43 12.20 -0.27 -44.58
C LYS E 43 12.88 0.30 -45.85
N ARG E 44 13.79 1.28 -45.70
CA ARG E 44 14.55 1.90 -46.80
C ARG E 44 16.02 1.65 -46.52
N ILE E 45 16.74 1.09 -47.50
CA ILE E 45 18.17 0.76 -47.35
C ILE E 45 18.97 1.21 -48.60
N PRO E 46 20.03 2.05 -48.46
CA PRO E 46 20.89 2.37 -49.62
C PRO E 46 21.68 1.12 -50.05
N ILE E 47 21.79 0.86 -51.38
CA ILE E 47 22.48 -0.32 -51.94
C ILE E 47 23.25 -0.05 -53.25
N ASN E 48 24.13 -1.02 -53.61
CA ASN E 48 24.93 -1.09 -54.83
C ASN E 48 24.47 -2.36 -55.58
N PRO E 49 23.62 -2.24 -56.63
CA PRO E 49 23.09 -3.45 -57.30
C PRO E 49 24.12 -4.33 -58.03
N ALA E 50 25.32 -3.78 -58.26
CA ALA E 50 26.45 -4.44 -58.93
C ALA E 50 27.52 -4.85 -57.89
N SER E 51 27.07 -5.26 -56.67
CA SER E 51 27.96 -5.69 -55.58
C SER E 51 27.57 -7.06 -55.00
N ARG E 52 28.55 -7.74 -54.37
CA ARG E 52 28.40 -9.06 -53.75
C ARG E 52 27.51 -9.05 -52.51
N GLN E 53 27.37 -7.87 -51.86
CA GLN E 53 26.54 -7.70 -50.66
C GLN E 53 25.04 -7.66 -51.00
N PHE E 54 24.67 -7.00 -52.11
CA PHE E 54 23.28 -6.90 -52.58
C PHE E 54 22.68 -8.28 -52.87
N ARG E 55 23.51 -9.26 -53.29
CA ARG E 55 23.13 -10.63 -53.57
C ARG E 55 22.60 -11.33 -52.31
N ARG E 56 23.14 -10.98 -51.13
CA ARG E 56 22.67 -11.51 -49.84
C ARG E 56 21.29 -10.91 -49.48
N ILE E 57 21.11 -9.58 -49.70
CA ILE E 57 19.87 -8.83 -49.42
C ILE E 57 18.77 -9.33 -50.34
N LYS E 58 19.08 -9.56 -51.64
CA LYS E 58 18.17 -10.10 -52.64
C LYS E 58 17.74 -11.52 -52.20
N GLY E 59 18.66 -12.28 -51.61
CA GLY E 59 18.40 -13.62 -51.10
C GLY E 59 17.56 -13.60 -49.83
N GLU E 60 17.73 -12.57 -48.98
CA GLU E 60 16.94 -12.43 -47.74
C GLU E 60 15.47 -12.17 -48.10
N VAL E 61 15.24 -11.26 -49.07
CA VAL E 61 13.94 -10.86 -49.65
C VAL E 61 13.23 -12.11 -50.22
N THR E 62 14.00 -12.96 -50.96
CA THR E 62 13.56 -14.22 -51.58
C THR E 62 12.92 -15.15 -50.54
N LEU E 63 13.54 -15.28 -49.35
CA LEU E 63 13.09 -16.14 -48.24
C LEU E 63 11.85 -15.56 -47.56
N LEU E 64 11.93 -14.26 -47.23
CA LEU E 64 10.89 -13.44 -46.61
C LEU E 64 9.58 -13.51 -47.39
N SER E 65 9.63 -13.44 -48.73
CA SER E 65 8.50 -13.51 -49.65
C SER E 65 7.86 -14.91 -49.69
N ARG E 66 8.49 -15.89 -49.05
CA ARG E 66 8.01 -17.28 -49.03
C ARG E 66 7.32 -17.66 -47.72
N LEU E 67 7.36 -16.75 -46.74
CA LEU E 67 6.75 -17.00 -45.44
C LEU E 67 5.30 -16.57 -45.46
N HIS E 68 4.43 -17.38 -44.81
CA HIS E 68 2.98 -17.20 -44.70
C HIS E 68 2.50 -17.88 -43.42
N HIS E 69 2.34 -17.10 -42.35
CA HIS E 69 1.88 -17.58 -41.05
C HIS E 69 1.31 -16.41 -40.27
N GLU E 70 0.34 -16.69 -39.38
CA GLU E 70 -0.35 -15.70 -38.58
C GLU E 70 0.56 -15.06 -37.53
N ASN E 71 1.70 -15.70 -37.24
CA ASN E 71 2.64 -15.17 -36.27
C ASN E 71 3.92 -14.59 -36.88
N ILE E 72 3.91 -14.30 -38.20
CA ILE E 72 5.03 -13.66 -38.90
C ILE E 72 4.54 -12.31 -39.45
N VAL E 73 5.32 -11.22 -39.28
CA VAL E 73 4.93 -9.94 -39.90
C VAL E 73 4.72 -10.20 -41.42
N ARG E 74 3.55 -9.81 -41.94
CA ARG E 74 3.15 -10.02 -43.32
C ARG E 74 3.94 -9.12 -44.29
N TYR E 75 4.63 -9.77 -45.27
CA TYR E 75 5.40 -9.19 -46.38
C TYR E 75 4.44 -8.74 -47.48
N TYR E 76 4.65 -7.52 -48.04
CA TYR E 76 3.81 -7.08 -49.15
C TYR E 76 4.60 -6.83 -50.43
N ASN E 77 5.74 -6.16 -50.33
CA ASN E 77 6.55 -5.82 -51.49
C ASN E 77 8.00 -5.55 -51.16
N ALA E 78 8.81 -5.56 -52.20
CA ALA E 78 10.23 -5.30 -52.19
C ALA E 78 10.53 -4.78 -53.59
N TRP E 79 11.20 -3.63 -53.69
CA TRP E 79 11.55 -2.97 -54.95
C TRP E 79 12.79 -2.08 -54.78
N ILE E 80 13.44 -1.77 -55.90
CA ILE E 80 14.64 -0.92 -55.96
C ILE E 80 14.29 0.39 -56.69
N GLU E 81 14.77 1.51 -56.17
CA GLU E 81 14.54 2.81 -56.80
C GLU E 81 15.88 3.50 -57.06
N ARG E 82 16.02 4.08 -58.28
CA ARG E 82 17.21 4.82 -58.73
C ARG E 82 16.90 6.31 -58.74
N HIS E 83 17.78 7.11 -58.10
CA HIS E 83 17.65 8.57 -57.98
C HIS E 83 18.97 9.31 -58.24
N VAL E 93 21.93 7.52 -56.07
CA VAL E 93 22.11 6.16 -55.52
C VAL E 93 20.89 5.28 -55.72
N HIS E 94 21.06 3.98 -55.45
CA HIS E 94 19.98 3.00 -55.53
C HIS E 94 19.51 2.64 -54.14
N TYR E 95 18.19 2.70 -53.92
CA TYR E 95 17.58 2.37 -52.64
C TYR E 95 16.70 1.14 -52.71
N LEU E 96 16.84 0.24 -51.72
CA LEU E 96 15.98 -0.92 -51.55
C LEU E 96 14.86 -0.58 -50.54
N TYR E 97 13.62 -0.77 -50.94
CA TYR E 97 12.43 -0.58 -50.14
C TYR E 97 11.78 -1.95 -49.92
N ILE E 98 11.37 -2.24 -48.67
CA ILE E 98 10.67 -3.47 -48.26
C ILE E 98 9.42 -2.99 -47.51
N GLN E 99 8.21 -3.31 -48.03
CA GLN E 99 6.93 -2.95 -47.45
C GLN E 99 6.36 -4.12 -46.66
N MET E 100 6.19 -3.94 -45.34
CA MET E 100 5.65 -4.97 -44.42
C MET E 100 4.38 -4.46 -43.80
N GLU E 101 3.67 -5.31 -43.00
CA GLU E 101 2.49 -4.87 -42.28
C GLU E 101 2.93 -3.90 -41.15
N TYR E 102 2.07 -2.93 -40.84
CA TYR E 102 2.32 -2.01 -39.74
C TYR E 102 1.71 -2.62 -38.50
N CYS E 103 2.54 -2.83 -37.47
CA CYS E 103 2.06 -3.36 -36.18
C CYS E 103 1.87 -2.17 -35.22
N GLU E 104 0.61 -1.99 -34.79
CA GLU E 104 0.22 -0.85 -33.97
C GLU E 104 0.68 -0.87 -32.51
N LYS E 105 0.77 -2.05 -31.92
CA LYS E 105 1.18 -2.24 -30.52
C LYS E 105 2.70 -2.39 -30.33
N SER E 106 3.49 -1.69 -31.14
CA SER E 106 4.95 -1.65 -31.09
C SER E 106 5.65 -3.03 -30.96
N THR E 107 6.70 -3.12 -30.14
CA THR E 107 7.48 -4.34 -30.01
C THR E 107 7.19 -5.09 -28.72
N LEU E 108 7.82 -6.28 -28.56
CA LEU E 108 7.69 -7.07 -27.34
C LEU E 108 8.50 -6.37 -26.23
N ARG E 109 9.57 -5.61 -26.59
CA ARG E 109 10.41 -4.85 -25.67
C ARG E 109 9.55 -3.89 -24.82
N ASP E 110 8.66 -3.16 -25.47
CA ASP E 110 7.71 -2.22 -24.88
C ASP E 110 6.77 -2.95 -23.91
N THR E 111 6.18 -4.09 -24.33
CA THR E 111 5.26 -4.93 -23.55
C THR E 111 5.89 -5.38 -22.22
N ILE E 112 7.18 -5.79 -22.26
CA ILE E 112 8.01 -6.22 -21.12
C ILE E 112 8.20 -5.06 -20.14
N ASP E 113 8.62 -3.87 -20.66
CA ASP E 113 8.85 -2.63 -19.89
C ASP E 113 7.60 -2.09 -19.16
N GLN E 114 6.39 -2.41 -19.65
CA GLN E 114 5.09 -2.02 -19.05
C GLN E 114 4.63 -3.02 -17.97
N GLY E 115 5.41 -4.09 -17.75
CA GLY E 115 5.09 -5.08 -16.73
C GLY E 115 4.24 -6.27 -17.17
N LEU E 116 4.62 -6.92 -18.29
CA LEU E 116 3.95 -8.12 -18.81
C LEU E 116 3.94 -9.31 -17.80
N TYR E 117 4.92 -9.33 -16.88
CA TYR E 117 5.08 -10.36 -15.84
C TYR E 117 3.88 -10.48 -14.89
N ARG E 118 3.15 -9.37 -14.67
CA ARG E 118 1.97 -9.33 -13.80
C ARG E 118 0.80 -10.11 -14.40
N ASP E 119 0.59 -10.03 -15.73
CA ASP E 119 -0.50 -10.72 -16.43
C ASP E 119 -0.02 -12.08 -16.92
N THR E 120 -0.34 -13.12 -16.14
CA THR E 120 0.04 -14.51 -16.36
C THR E 120 -0.55 -15.12 -17.65
N VAL E 121 -1.84 -14.92 -17.93
CA VAL E 121 -2.51 -15.47 -19.12
C VAL E 121 -1.89 -14.91 -20.44
N ARG E 122 -1.82 -13.58 -20.57
CA ARG E 122 -1.24 -12.87 -21.72
C ARG E 122 0.23 -13.27 -21.92
N LEU E 123 1.00 -13.39 -20.80
CA LEU E 123 2.39 -13.85 -20.75
C LEU E 123 2.54 -15.21 -21.49
N TRP E 124 1.76 -16.22 -21.07
CA TRP E 124 1.82 -17.54 -21.69
C TRP E 124 1.30 -17.57 -23.13
N ARG E 125 0.22 -16.79 -23.41
CA ARG E 125 -0.35 -16.71 -24.76
C ARG E 125 0.70 -16.16 -25.76
N LEU E 126 1.39 -15.07 -25.37
CA LEU E 126 2.43 -14.40 -26.17
C LEU E 126 3.61 -15.34 -26.36
N PHE E 127 3.92 -16.17 -25.37
CA PHE E 127 5.03 -17.13 -25.49
C PHE E 127 4.65 -18.27 -26.46
N ARG E 128 3.41 -18.78 -26.33
CA ARG E 128 2.84 -19.81 -27.21
C ARG E 128 2.88 -19.35 -28.71
N GLU E 129 2.55 -18.07 -28.91
CA GLU E 129 2.49 -17.43 -30.22
C GLU E 129 3.86 -17.22 -30.85
N ILE E 130 4.90 -16.83 -30.05
CA ILE E 130 6.30 -16.72 -30.54
C ILE E 130 6.70 -18.13 -30.92
N LEU E 131 6.41 -19.12 -30.06
CA LEU E 131 6.68 -20.52 -30.34
C LEU E 131 6.04 -20.97 -31.65
N ASP E 132 4.75 -20.60 -31.92
CA ASP E 132 4.05 -20.96 -33.14
C ASP E 132 4.75 -20.40 -34.37
N GLY E 133 5.07 -19.10 -34.35
CA GLY E 133 5.78 -18.44 -35.43
C GLY E 133 7.14 -19.07 -35.69
N LEU E 134 7.89 -19.35 -34.59
CA LEU E 134 9.21 -20.00 -34.62
C LEU E 134 9.13 -21.43 -35.22
N ALA E 135 8.17 -22.24 -34.75
CA ALA E 135 7.93 -23.60 -35.27
C ALA E 135 7.64 -23.62 -36.76
N TYR E 136 6.92 -22.61 -37.30
CA TYR E 136 6.63 -22.53 -38.72
C TYR E 136 7.91 -22.22 -39.51
N ILE E 137 8.69 -21.23 -39.06
CA ILE E 137 9.97 -20.83 -39.64
C ILE E 137 10.91 -22.05 -39.67
N HIS E 138 10.94 -22.85 -38.58
CA HIS E 138 11.82 -24.03 -38.47
C HIS E 138 11.34 -25.23 -39.32
N GLU E 139 10.02 -25.43 -39.44
CA GLU E 139 9.43 -26.50 -40.25
C GLU E 139 9.66 -26.18 -41.73
N LYS E 140 9.85 -24.88 -42.04
CA LYS E 140 10.15 -24.44 -43.41
C LYS E 140 11.68 -24.57 -43.71
N GLY E 141 12.41 -25.25 -42.82
CA GLY E 141 13.84 -25.46 -42.91
C GLY E 141 14.65 -24.19 -42.76
N MET E 142 14.11 -23.19 -42.05
CA MET E 142 14.73 -21.89 -41.85
C MET E 142 15.04 -21.58 -40.36
N ILE E 143 15.83 -20.52 -40.12
CA ILE E 143 16.23 -19.99 -38.80
C ILE E 143 16.13 -18.48 -38.81
N HIS E 144 15.90 -17.89 -37.62
CA HIS E 144 15.77 -16.45 -37.47
C HIS E 144 17.13 -15.76 -37.26
N ARG E 145 17.93 -16.22 -36.31
CA ARG E 145 19.25 -15.67 -36.03
C ARG E 145 19.29 -14.35 -35.31
N ASN E 146 18.18 -13.67 -35.24
CA ASN E 146 18.13 -12.38 -34.61
C ASN E 146 16.92 -12.19 -33.72
N LEU E 147 16.62 -13.20 -32.93
CA LEU E 147 15.49 -13.20 -32.04
C LEU E 147 15.68 -12.46 -30.75
N LYS E 148 15.04 -11.31 -30.65
CA LYS E 148 15.10 -10.43 -29.47
C LYS E 148 13.80 -9.63 -29.36
N PRO E 149 13.46 -9.04 -28.17
CA PRO E 149 12.15 -8.39 -28.01
C PRO E 149 11.83 -7.26 -28.99
N VAL E 150 12.82 -6.47 -29.42
CA VAL E 150 12.59 -5.39 -30.38
C VAL E 150 12.25 -5.92 -31.80
N ASN E 151 12.49 -7.24 -32.08
CA ASN E 151 12.19 -7.84 -33.39
C ASN E 151 10.89 -8.68 -33.37
N ILE E 152 10.21 -8.71 -32.22
CA ILE E 152 8.93 -9.37 -32.06
C ILE E 152 7.91 -8.22 -31.93
N PHE E 153 6.92 -8.21 -32.81
CA PHE E 153 5.92 -7.15 -32.84
C PHE E 153 4.58 -7.61 -32.31
N LEU E 154 3.78 -6.64 -31.89
CA LEU E 154 2.46 -6.91 -31.37
C LEU E 154 1.46 -6.18 -32.23
N ASP E 155 0.46 -6.90 -32.74
CA ASP E 155 -0.53 -6.21 -33.57
C ASP E 155 -1.69 -5.66 -32.70
N SER E 156 -2.59 -4.87 -33.30
CA SER E 156 -3.72 -4.24 -32.62
C SER E 156 -4.63 -5.22 -31.80
N ASP E 157 -4.63 -6.52 -32.17
CA ASP E 157 -5.35 -7.63 -31.56
C ASP E 157 -4.58 -8.22 -30.39
N ASP E 158 -3.39 -7.65 -30.06
CA ASP E 158 -2.46 -8.11 -29.03
C ASP E 158 -1.89 -9.53 -29.38
N HIS E 159 -1.67 -9.78 -30.69
CA HIS E 159 -1.10 -11.02 -31.25
C HIS E 159 0.37 -10.79 -31.65
N VAL E 160 1.20 -11.85 -31.52
CA VAL E 160 2.62 -11.77 -31.84
C VAL E 160 2.86 -11.90 -33.34
N LYS E 161 3.81 -11.10 -33.86
CA LYS E 161 4.31 -11.10 -35.23
C LYS E 161 5.83 -11.02 -35.14
N ILE E 162 6.50 -12.12 -35.45
CA ILE E 162 7.94 -12.18 -35.47
C ILE E 162 8.41 -11.45 -36.77
N GLY E 163 9.37 -10.54 -36.60
CA GLY E 163 9.96 -9.81 -37.71
C GLY E 163 11.39 -9.38 -37.45
N ASP E 164 11.73 -8.17 -37.90
CA ASP E 164 13.04 -7.59 -37.66
C ASP E 164 13.04 -6.10 -37.85
N PHE E 165 13.66 -5.37 -36.93
CA PHE E 165 13.94 -3.94 -37.02
C PHE E 165 15.41 -3.99 -37.53
N GLY E 166 15.60 -3.99 -38.85
CA GLY E 166 16.92 -4.13 -39.46
C GLY E 166 17.45 -2.87 -40.08
N LEU E 167 18.09 -2.00 -39.26
CA LEU E 167 18.64 -0.72 -39.72
C LEU E 167 19.87 -0.29 -38.92
N GLN E 211 18.17 -15.74 -44.37
CA GLN E 211 18.18 -16.37 -43.06
C GLN E 211 18.58 -17.85 -43.05
N GLY E 212 17.58 -18.75 -43.14
CA GLY E 212 17.70 -20.20 -42.98
C GLY E 212 18.17 -21.13 -44.09
N SER E 213 17.73 -20.87 -45.33
CA SER E 213 18.03 -21.71 -46.51
C SER E 213 19.24 -21.19 -47.28
N THR E 214 19.59 -19.88 -47.09
CA THR E 214 20.77 -19.31 -47.75
C THR E 214 21.93 -19.58 -46.78
N LYS E 215 22.05 -20.89 -46.44
CA LYS E 215 23.00 -21.63 -45.63
C LYS E 215 23.82 -20.77 -44.64
N SER E 216 23.37 -20.74 -43.36
CA SER E 216 23.96 -19.93 -42.29
C SER E 216 25.18 -20.57 -41.62
N ALA E 217 25.05 -21.89 -41.26
CA ALA E 217 25.92 -22.82 -40.52
C ALA E 217 25.28 -23.27 -39.19
N TYR E 218 24.35 -22.44 -38.67
CA TYR E 218 23.61 -22.67 -37.41
C TYR E 218 22.27 -23.39 -37.66
N ASN E 219 21.75 -24.07 -36.61
CA ASN E 219 20.49 -24.81 -36.65
C ASN E 219 19.37 -24.15 -35.82
N GLN E 220 18.17 -24.76 -35.82
CA GLN E 220 16.99 -24.27 -35.10
C GLN E 220 17.23 -23.90 -33.63
N LYS E 221 18.12 -24.64 -32.94
CA LYS E 221 18.45 -24.49 -31.51
C LYS E 221 18.99 -23.14 -31.12
N VAL E 222 19.61 -22.43 -32.06
CA VAL E 222 20.17 -21.10 -31.86
C VAL E 222 19.05 -20.09 -31.55
N ASP E 223 17.85 -20.29 -32.17
CA ASP E 223 16.69 -19.45 -31.97
C ASP E 223 16.00 -19.77 -30.65
N LEU E 224 16.09 -21.02 -30.21
CA LEU E 224 15.47 -21.51 -29.00
C LEU E 224 16.20 -21.07 -27.73
N PHE E 225 17.52 -20.80 -27.79
CA PHE E 225 18.26 -20.27 -26.64
C PHE E 225 17.80 -18.82 -26.41
N SER E 226 17.74 -18.02 -27.49
CA SER E 226 17.27 -16.63 -27.50
C SER E 226 15.86 -16.53 -26.88
N LEU E 227 14.93 -17.40 -27.32
CA LEU E 227 13.56 -17.48 -26.83
C LEU E 227 13.49 -17.73 -25.32
N GLY E 228 14.50 -18.39 -24.76
CA GLY E 228 14.60 -18.66 -23.33
C GLY E 228 14.94 -17.43 -22.52
N ILE E 229 15.75 -16.52 -23.10
CA ILE E 229 16.15 -15.25 -22.48
C ILE E 229 14.94 -14.33 -22.50
N ILE E 230 14.26 -14.23 -23.67
CA ILE E 230 13.05 -13.44 -23.92
C ILE E 230 11.92 -13.89 -22.96
N PHE E 231 11.71 -15.19 -22.80
CA PHE E 231 10.67 -15.71 -21.89
C PHE E 231 10.97 -15.38 -20.42
N PHE E 232 12.26 -15.32 -20.03
CA PHE E 232 12.61 -14.91 -18.67
C PHE E 232 12.17 -13.46 -18.49
N GLU E 233 12.59 -12.58 -19.42
CA GLU E 233 12.24 -11.16 -19.41
C GLU E 233 10.74 -10.90 -19.35
N MET E 234 10.00 -11.65 -20.17
CA MET E 234 8.54 -11.62 -20.26
C MET E 234 7.91 -11.96 -18.89
N SER E 235 8.54 -12.90 -18.14
CA SER E 235 8.07 -13.45 -16.86
C SER E 235 8.62 -12.73 -15.62
N TYR E 236 9.65 -11.86 -15.79
CA TYR E 236 10.29 -11.10 -14.69
C TYR E 236 9.88 -9.62 -14.72
N HIS E 237 10.07 -8.88 -13.61
CA HIS E 237 9.70 -7.46 -13.58
C HIS E 237 10.54 -6.63 -14.57
N PRO E 238 10.02 -5.50 -15.12
CA PRO E 238 10.85 -4.67 -16.02
C PRO E 238 12.13 -4.26 -15.29
N MET E 239 13.27 -4.54 -15.88
CA MET E 239 14.55 -4.22 -15.24
C MET E 239 14.92 -2.75 -15.54
N VAL E 240 14.64 -1.91 -14.51
CA VAL E 240 14.77 -0.45 -14.45
C VAL E 240 16.04 0.12 -15.07
N THR E 241 17.22 -0.21 -14.51
CA THR E 241 18.55 0.26 -14.97
C THR E 241 19.17 -0.73 -15.97
N ALA E 242 20.15 -0.28 -16.79
CA ALA E 242 20.87 -1.12 -17.77
C ALA E 242 21.74 -2.16 -17.06
N SER E 243 22.48 -1.76 -16.01
CA SER E 243 23.35 -2.61 -15.20
C SER E 243 22.57 -3.71 -14.48
N GLU E 244 21.27 -3.47 -14.18
CA GLU E 244 20.34 -4.43 -13.56
C GLU E 244 20.01 -5.53 -14.57
N ARG E 245 19.77 -5.12 -15.84
CA ARG E 245 19.43 -5.98 -16.97
C ARG E 245 20.62 -6.87 -17.35
N ILE E 246 21.81 -6.26 -17.43
CA ILE E 246 23.07 -6.92 -17.77
C ILE E 246 23.44 -7.98 -16.74
N PHE E 247 23.44 -7.62 -15.45
CA PHE E 247 23.78 -8.51 -14.35
C PHE E 247 22.83 -9.72 -14.26
N VAL E 248 21.50 -9.48 -14.28
CA VAL E 248 20.50 -10.54 -14.13
C VAL E 248 20.49 -11.50 -15.33
N LEU E 249 20.58 -10.99 -16.57
CA LEU E 249 20.58 -11.86 -17.76
C LEU E 249 21.88 -12.64 -17.89
N ASN E 250 23.01 -12.10 -17.38
CA ASN E 250 24.31 -12.79 -17.39
C ASN E 250 24.38 -13.87 -16.31
N GLN E 251 23.76 -13.64 -15.15
CA GLN E 251 23.68 -14.61 -14.05
C GLN E 251 22.84 -15.82 -14.47
N LEU E 252 22.07 -15.68 -15.55
CA LEU E 252 21.18 -16.68 -16.14
C LEU E 252 21.91 -17.47 -17.23
N ARG E 253 22.81 -16.79 -17.96
CA ARG E 253 23.59 -17.31 -19.08
C ARG E 253 24.92 -17.96 -18.68
N ASP E 254 25.36 -17.75 -17.41
CA ASP E 254 26.66 -18.20 -16.91
C ASP E 254 26.96 -19.69 -17.14
N SER E 257 28.18 -21.93 -14.02
CA SER E 257 27.39 -21.80 -12.79
C SER E 257 26.21 -20.79 -12.94
N PRO E 258 25.09 -21.13 -13.64
CA PRO E 258 23.99 -20.16 -13.77
C PRO E 258 23.06 -20.17 -12.56
N LYS E 259 22.17 -19.16 -12.47
CA LYS E 259 21.18 -18.99 -11.39
C LYS E 259 20.03 -18.02 -11.76
N PHE E 260 18.85 -18.23 -11.14
CA PHE E 260 17.68 -17.36 -11.31
C PHE E 260 17.74 -16.31 -10.18
N PRO E 261 17.18 -15.08 -10.38
CA PRO E 261 17.21 -14.07 -9.29
C PRO E 261 16.41 -14.53 -8.07
N GLU E 262 16.82 -14.06 -6.88
CA GLU E 262 16.21 -14.38 -5.59
C GLU E 262 14.69 -14.19 -5.57
N ASP E 263 14.19 -13.10 -6.18
CA ASP E 263 12.75 -12.79 -6.24
C ASP E 263 12.01 -13.63 -7.29
N PHE E 264 12.73 -14.33 -8.17
CA PHE E 264 12.10 -15.18 -9.17
C PHE E 264 11.85 -16.58 -8.54
N ASP E 265 10.93 -16.60 -7.55
CA ASP E 265 10.55 -17.74 -6.71
C ASP E 265 9.95 -18.94 -7.46
N ASP E 266 10.32 -20.16 -7.03
CA ASP E 266 9.80 -21.43 -7.58
C ASP E 266 8.34 -21.62 -7.13
N GLY E 267 7.98 -21.03 -5.98
CA GLY E 267 6.64 -21.08 -5.42
C GLY E 267 5.56 -20.46 -6.28
N GLU E 268 5.91 -19.43 -7.08
CA GLU E 268 4.98 -18.72 -7.95
C GLU E 268 5.35 -18.84 -9.44
N HIS E 269 6.62 -19.20 -9.74
CA HIS E 269 7.14 -19.30 -11.12
C HIS E 269 7.81 -20.65 -11.41
N ALA E 270 7.19 -21.76 -10.98
CA ALA E 270 7.72 -23.12 -11.18
C ALA E 270 7.73 -23.56 -12.65
N LYS E 271 6.60 -23.41 -13.36
CA LYS E 271 6.48 -23.84 -14.76
C LYS E 271 7.29 -22.96 -15.73
N GLN E 272 7.60 -21.71 -15.33
CA GLN E 272 8.40 -20.79 -16.16
C GLN E 272 9.88 -21.14 -16.02
N LYS E 273 10.38 -21.37 -14.78
CA LYS E 273 11.77 -21.75 -14.52
C LYS E 273 12.13 -23.06 -15.25
N SER E 274 11.17 -23.99 -15.40
CA SER E 274 11.40 -25.26 -16.09
C SER E 274 11.57 -25.05 -17.59
N VAL E 275 10.68 -24.25 -18.22
CA VAL E 275 10.71 -23.92 -19.64
C VAL E 275 11.99 -23.12 -19.96
N ILE E 276 12.33 -22.15 -19.11
CA ILE E 276 13.51 -21.27 -19.31
C ILE E 276 14.82 -22.08 -19.27
N SER E 277 15.01 -22.93 -18.21
CA SER E 277 16.18 -23.80 -18.00
C SER E 277 16.40 -24.69 -19.20
N TRP E 278 15.35 -25.40 -19.63
CA TRP E 278 15.34 -26.32 -20.77
C TRP E 278 15.81 -25.66 -22.09
N LEU E 279 15.32 -24.43 -22.34
CA LEU E 279 15.69 -23.66 -23.52
C LEU E 279 17.09 -23.07 -23.37
N LEU E 280 17.56 -22.80 -22.13
CA LEU E 280 18.88 -22.18 -21.94
C LEU E 280 20.04 -23.16 -21.74
N ASN E 281 19.84 -24.43 -22.14
CA ASN E 281 20.86 -25.47 -22.04
C ASN E 281 22.07 -25.13 -22.90
N HIS E 282 23.29 -25.32 -22.34
CA HIS E 282 24.54 -25.01 -23.05
C HIS E 282 24.72 -25.83 -24.32
N ASP E 283 24.30 -27.11 -24.26
CA ASP E 283 24.36 -28.05 -25.38
C ASP E 283 23.07 -27.96 -26.22
N PRO E 284 23.15 -27.45 -27.47
CA PRO E 284 21.94 -27.36 -28.32
C PRO E 284 21.03 -28.59 -28.32
N ALA E 285 21.62 -29.81 -28.30
CA ALA E 285 20.90 -31.09 -28.29
C ALA E 285 20.04 -31.31 -27.06
N LYS E 286 20.37 -30.67 -25.93
CA LYS E 286 19.57 -30.81 -24.71
C LYS E 286 18.32 -29.88 -24.74
N ARG E 287 18.33 -28.83 -25.61
CA ARG E 287 17.24 -27.87 -25.76
C ARG E 287 16.07 -28.52 -26.51
N PRO E 288 14.80 -28.08 -26.30
CA PRO E 288 13.71 -28.67 -27.11
C PRO E 288 13.57 -27.97 -28.47
N THR E 289 12.78 -28.57 -29.38
CA THR E 289 12.43 -27.91 -30.63
C THR E 289 11.18 -27.12 -30.24
N ALA E 290 10.75 -26.18 -31.08
CA ALA E 290 9.55 -25.39 -30.84
C ALA E 290 8.28 -26.30 -30.78
N THR E 291 8.19 -27.37 -31.63
CA THR E 291 7.06 -28.34 -31.62
C THR E 291 7.15 -29.27 -30.39
N GLU E 292 8.39 -29.60 -29.96
CA GLU E 292 8.69 -30.41 -28.76
C GLU E 292 8.13 -29.67 -27.54
N LEU E 293 8.32 -28.34 -27.50
CA LEU E 293 7.80 -27.52 -26.41
C LEU E 293 6.29 -27.29 -26.50
N LEU E 294 5.75 -27.10 -27.73
CA LEU E 294 4.30 -26.94 -27.97
C LEU E 294 3.55 -28.24 -27.59
N LYS E 295 4.16 -29.42 -27.85
CA LYS E 295 3.61 -30.74 -27.52
C LYS E 295 4.25 -31.20 -26.20
N SER E 296 3.96 -30.45 -25.10
CA SER E 296 4.47 -30.66 -23.74
C SER E 296 3.54 -30.01 -22.70
N GLU E 297 3.33 -30.70 -21.56
CA GLU E 297 2.46 -30.25 -20.46
C GLU E 297 3.02 -29.05 -19.64
N LEU E 298 4.23 -28.57 -19.99
CA LEU E 298 4.87 -27.41 -19.33
C LEU E 298 4.14 -26.10 -19.65
N LEU E 299 3.56 -26.01 -20.85
CA LEU E 299 2.81 -24.86 -21.34
C LEU E 299 1.31 -25.03 -21.06
N PRO E 300 0.66 -24.02 -20.41
CA PRO E 300 -0.79 -24.12 -20.19
C PRO E 300 -1.55 -24.04 -21.53
N PRO E 301 -2.66 -24.82 -21.70
CA PRO E 301 -3.41 -24.76 -22.97
C PRO E 301 -3.90 -23.37 -23.35
N PRO E 302 -4.17 -23.10 -24.66
CA PRO E 302 -4.66 -21.77 -25.05
C PRO E 302 -6.01 -21.39 -24.44
N SER F 8 20.30 40.37 -30.35
CA SER F 8 20.35 39.41 -29.26
C SER F 8 18.96 38.90 -28.92
N ARG F 9 18.75 37.58 -29.04
CA ARG F 9 17.50 36.91 -28.74
C ARG F 9 17.14 37.09 -27.27
N TYR F 10 18.12 36.90 -26.37
CA TYR F 10 17.98 37.03 -24.92
C TYR F 10 17.37 38.36 -24.51
N PHE F 11 18.00 39.49 -24.93
CA PHE F 11 17.57 40.84 -24.61
C PHE F 11 16.26 41.26 -25.34
N ILE F 12 15.97 40.67 -26.50
CA ILE F 12 14.73 40.93 -27.25
C ILE F 12 13.51 40.16 -26.68
N GLU F 13 13.65 38.86 -26.34
CA GLU F 13 12.50 38.02 -25.91
C GLU F 13 12.27 37.95 -24.40
N PHE F 14 13.28 38.27 -23.61
CA PHE F 14 13.18 38.25 -22.16
C PHE F 14 13.43 39.59 -21.48
N GLU F 15 12.80 39.78 -20.33
CA GLU F 15 13.04 40.93 -19.48
C GLU F 15 13.77 40.38 -18.24
N GLU F 16 14.97 40.92 -17.95
CA GLU F 16 15.75 40.50 -16.77
C GLU F 16 14.98 40.95 -15.54
N LEU F 17 14.80 40.06 -14.58
CA LEU F 17 14.09 40.37 -13.35
C LEU F 17 15.02 40.43 -12.17
N GLN F 18 15.96 39.46 -12.04
CA GLN F 18 16.86 39.33 -10.89
C GLN F 18 17.97 38.32 -11.17
N LEU F 19 19.16 38.58 -10.64
CA LEU F 19 20.30 37.66 -10.79
C LEU F 19 20.14 36.62 -9.69
N LEU F 20 20.39 35.36 -9.98
CA LEU F 20 20.21 34.29 -8.97
C LEU F 20 21.52 33.78 -8.46
N GLY F 21 22.50 33.74 -9.34
CA GLY F 21 23.84 33.27 -9.00
C GLY F 21 24.85 33.79 -10.00
N LYS F 22 26.09 33.92 -9.55
CA LYS F 22 27.16 34.40 -10.40
C LYS F 22 28.44 33.68 -10.02
N GLY F 23 29.07 33.12 -11.05
CA GLY F 23 30.35 32.41 -10.96
C GLY F 23 31.37 33.17 -11.79
N ALA F 24 32.64 32.74 -11.73
CA ALA F 24 33.72 33.36 -12.51
C ALA F 24 33.38 33.27 -14.01
N PHE F 25 32.98 32.04 -14.46
CA PHE F 25 32.58 31.78 -15.84
C PHE F 25 31.11 31.28 -15.91
N GLY F 26 30.17 32.16 -15.54
CA GLY F 26 28.74 31.85 -15.56
C GLY F 26 27.84 32.75 -14.72
N ALA F 27 26.54 32.69 -15.01
CA ALA F 27 25.50 33.44 -14.31
C ALA F 27 24.12 32.81 -14.52
N VAL F 28 23.32 32.72 -13.42
CA VAL F 28 21.93 32.30 -13.49
C VAL F 28 21.12 33.59 -13.33
N ILE F 29 20.11 33.82 -14.20
CA ILE F 29 19.27 34.99 -14.16
C ILE F 29 17.77 34.62 -14.22
N LYS F 30 16.93 35.17 -13.30
CA LYS F 30 15.47 35.03 -13.31
C LYS F 30 15.00 36.00 -14.36
N VAL F 31 14.38 35.50 -15.41
CA VAL F 31 13.89 36.36 -16.51
C VAL F 31 12.40 36.15 -16.69
N GLN F 32 11.73 37.07 -17.41
CA GLN F 32 10.34 36.87 -17.79
C GLN F 32 10.27 36.90 -19.32
N ASN F 33 9.66 35.86 -19.92
CA ASN F 33 9.46 35.83 -21.37
C ASN F 33 8.33 36.78 -21.69
N LYS F 34 8.61 37.75 -22.56
CA LYS F 34 7.66 38.79 -22.96
C LYS F 34 6.44 38.24 -23.66
N LEU F 35 6.55 37.11 -24.35
CA LEU F 35 5.41 36.57 -25.05
C LEU F 35 4.52 35.67 -24.16
N ASP F 36 5.06 34.58 -23.58
CA ASP F 36 4.19 33.69 -22.79
C ASP F 36 3.88 34.21 -21.38
N GLY F 37 4.68 35.14 -20.88
CA GLY F 37 4.51 35.76 -19.57
C GLY F 37 5.10 34.98 -18.40
N CYS F 38 5.84 33.90 -18.65
CA CYS F 38 6.41 33.06 -17.58
C CYS F 38 7.74 33.56 -17.14
N CYS F 39 8.14 33.13 -15.96
CA CYS F 39 9.48 33.32 -15.43
C CYS F 39 10.30 32.11 -15.77
N TYR F 40 11.59 32.34 -16.06
CA TYR F 40 12.53 31.27 -16.32
C TYR F 40 13.81 31.57 -15.59
N ALA F 41 14.64 30.54 -15.41
CA ALA F 41 15.98 30.63 -14.84
C ALA F 41 16.87 30.37 -16.06
N VAL F 42 17.53 31.42 -16.55
CA VAL F 42 18.44 31.41 -17.69
C VAL F 42 19.87 31.36 -17.23
N LYS F 43 20.60 30.25 -17.54
CA LYS F 43 22.03 30.12 -17.23
C LYS F 43 22.78 30.59 -18.46
N ARG F 44 23.66 31.57 -18.31
CA ARG F 44 24.45 32.12 -19.41
C ARG F 44 25.91 31.73 -19.16
N ILE F 45 26.49 30.98 -20.12
CA ILE F 45 27.84 30.44 -20.04
C ILE F 45 28.71 30.99 -21.17
N PRO F 46 29.92 31.56 -20.85
CA PRO F 46 30.84 32.00 -21.92
C PRO F 46 31.49 30.76 -22.54
N ILE F 47 31.50 30.65 -23.87
CA ILE F 47 32.06 29.46 -24.53
C ILE F 47 33.04 29.77 -25.67
N ASN F 48 33.87 28.76 -25.99
CA ASN F 48 34.82 28.70 -27.10
C ASN F 48 34.26 27.54 -27.94
N PRO F 49 33.52 27.81 -29.05
CA PRO F 49 32.89 26.71 -29.82
C PRO F 49 33.86 25.73 -30.48
N ALA F 50 35.12 26.15 -30.73
CA ALA F 50 36.12 25.28 -31.33
C ALA F 50 37.12 24.74 -30.27
N SER F 51 36.58 24.31 -29.11
CA SER F 51 37.35 23.74 -28.01
C SER F 51 36.79 22.39 -27.58
N ARG F 52 37.62 21.54 -26.93
CA ARG F 52 37.21 20.21 -26.44
C ARG F 52 36.19 20.31 -25.30
N GLN F 53 36.34 21.30 -24.38
CA GLN F 53 35.41 21.48 -23.26
C GLN F 53 33.98 21.82 -23.70
N PHE F 54 33.81 22.54 -24.84
CA PHE F 54 32.49 22.86 -25.36
C PHE F 54 31.77 21.59 -25.86
N ARG F 55 32.53 20.56 -26.26
CA ARG F 55 31.99 19.28 -26.71
C ARG F 55 31.29 18.57 -25.57
N ARG F 56 31.81 18.68 -24.32
CA ARG F 56 31.16 18.11 -23.14
C ARG F 56 29.92 18.96 -22.79
N ILE F 57 30.02 20.33 -22.90
CA ILE F 57 28.91 21.25 -22.64
C ILE F 57 27.76 20.96 -23.62
N LYS F 58 28.07 20.82 -24.93
CA LYS F 58 27.10 20.49 -25.98
C LYS F 58 26.47 19.14 -25.68
N GLY F 59 27.30 18.15 -25.30
CA GLY F 59 26.88 16.82 -24.90
C GLY F 59 25.90 16.89 -23.73
N GLU F 60 26.19 17.79 -22.75
CA GLU F 60 25.38 18.00 -21.55
C GLU F 60 23.97 18.57 -21.86
N VAL F 61 23.90 19.48 -22.82
CA VAL F 61 22.65 20.08 -23.31
C VAL F 61 21.80 18.98 -23.99
N THR F 62 22.47 18.12 -24.77
CA THR F 62 21.85 17.00 -25.50
C THR F 62 21.23 16.03 -24.50
N LEU F 63 21.97 15.64 -23.48
CA LEU F 63 21.47 14.72 -22.45
C LEU F 63 20.29 15.32 -21.70
N LEU F 64 20.37 16.63 -21.39
CA LEU F 64 19.35 17.37 -20.66
C LEU F 64 18.06 17.42 -21.45
N SER F 65 18.14 17.71 -22.75
CA SER F 65 16.98 17.79 -23.64
C SER F 65 16.21 16.48 -23.77
N ARG F 66 16.84 15.36 -23.45
CA ARG F 66 16.25 14.01 -23.52
C ARG F 66 15.38 13.62 -22.33
N LEU F 67 15.53 14.32 -21.18
CA LEU F 67 14.82 14.02 -19.94
C LEU F 67 13.40 14.57 -19.89
N HIS F 68 12.49 13.86 -19.18
CA HIS F 68 11.11 14.26 -18.98
C HIS F 68 10.62 13.60 -17.71
N HIS F 69 10.62 14.34 -16.60
CA HIS F 69 10.19 13.85 -15.28
C HIS F 69 9.75 15.03 -14.44
N GLU F 70 8.77 14.79 -13.54
CA GLU F 70 8.21 15.78 -12.61
C GLU F 70 9.22 16.25 -11.55
N ASN F 71 10.26 15.44 -11.20
CA ASN F 71 11.23 15.80 -10.15
C ASN F 71 12.61 16.20 -10.67
N ILE F 72 12.65 16.73 -11.88
CA ILE F 72 13.84 17.20 -12.57
C ILE F 72 13.51 18.66 -13.03
N VAL F 73 14.45 19.58 -12.96
CA VAL F 73 14.17 20.96 -13.42
C VAL F 73 13.81 20.90 -14.94
N ARG F 74 12.63 21.46 -15.35
CA ARG F 74 12.16 21.41 -16.75
C ARG F 74 12.99 22.29 -17.66
N TYR F 75 13.47 21.71 -18.75
CA TYR F 75 14.24 22.37 -19.80
C TYR F 75 13.31 22.99 -20.85
N TYR F 76 13.67 24.16 -21.40
CA TYR F 76 12.82 24.83 -22.40
C TYR F 76 13.52 25.07 -23.72
N ASN F 77 14.74 25.55 -23.67
CA ASN F 77 15.50 25.91 -24.87
C ASN F 77 16.93 26.17 -24.47
N ALA F 78 17.84 26.10 -25.44
CA ALA F 78 19.27 26.39 -25.30
C ALA F 78 19.74 26.96 -26.62
N TRP F 79 20.58 28.00 -26.60
CA TRP F 79 21.08 28.66 -27.83
C TRP F 79 22.41 29.39 -27.60
N ILE F 80 23.08 29.75 -28.70
CA ILE F 80 24.36 30.43 -28.70
C ILE F 80 24.21 31.82 -29.33
N GLU F 81 24.83 32.83 -28.70
CA GLU F 81 24.86 34.21 -29.19
C GLU F 81 26.34 34.63 -29.38
N ARG F 82 26.64 35.31 -30.50
CA ARG F 82 28.00 35.77 -30.83
C ARG F 82 28.15 37.25 -30.52
N HIS F 83 28.72 37.57 -29.33
CA HIS F 83 28.94 38.94 -28.84
C HIS F 83 30.36 39.13 -28.30
N VAL F 93 33.54 36.92 -28.54
CA VAL F 93 33.04 35.96 -27.54
C VAL F 93 31.72 35.30 -27.96
N HIS F 94 31.55 34.03 -27.55
CA HIS F 94 30.32 33.26 -27.79
C HIS F 94 29.71 32.89 -26.45
N TYR F 95 28.39 33.12 -26.29
CA TYR F 95 27.64 32.79 -25.08
C TYR F 95 26.58 31.71 -25.30
N LEU F 96 26.54 30.69 -24.42
CA LEU F 96 25.51 29.64 -24.41
C LEU F 96 24.46 29.99 -23.36
N TYR F 97 23.18 30.08 -23.77
CA TYR F 97 22.04 30.30 -22.89
C TYR F 97 21.25 29.01 -22.73
N ILE F 98 20.86 28.69 -21.51
CA ILE F 98 20.03 27.53 -21.24
C ILE F 98 18.85 28.03 -20.47
N GLN F 99 17.68 28.03 -21.12
CA GLN F 99 16.42 28.47 -20.56
C GLN F 99 15.73 27.27 -19.85
N MET F 100 15.62 27.34 -18.50
CA MET F 100 15.05 26.31 -17.62
C MET F 100 13.82 26.88 -16.88
N GLU F 101 13.10 26.03 -16.10
CA GLU F 101 12.00 26.54 -15.29
C GLU F 101 12.58 27.32 -14.10
N TYR F 102 11.82 28.32 -13.63
CA TYR F 102 12.15 29.08 -12.44
C TYR F 102 11.46 28.39 -11.28
N CYS F 103 12.20 27.99 -10.25
CA CYS F 103 11.57 27.39 -9.09
C CYS F 103 11.44 28.42 -8.00
N GLU F 104 10.20 28.84 -7.75
CA GLU F 104 9.74 29.86 -6.81
C GLU F 104 10.16 29.62 -5.36
N LYS F 105 10.16 28.39 -4.85
CA LYS F 105 10.54 28.13 -3.44
C LYS F 105 12.07 28.02 -3.22
N SER F 106 12.86 28.36 -4.27
CA SER F 106 14.33 28.32 -4.35
C SER F 106 14.89 26.92 -4.08
N THR F 107 15.90 26.80 -3.18
CA THR F 107 16.58 25.53 -2.99
C THR F 107 16.19 24.76 -1.72
N LEU F 108 16.52 23.44 -1.72
CA LEU F 108 16.34 22.52 -0.60
C LEU F 108 17.18 23.01 0.61
N ARG F 109 18.35 23.63 0.36
CA ARG F 109 19.20 24.25 1.39
C ARG F 109 18.34 25.23 2.26
N ASP F 110 17.58 26.13 1.59
CA ASP F 110 16.67 27.10 2.19
C ASP F 110 15.62 26.41 3.10
N THR F 111 15.01 25.31 2.61
CA THR F 111 14.00 24.48 3.32
C THR F 111 14.63 23.78 4.54
N ILE F 112 15.88 23.27 4.40
CA ILE F 112 16.65 22.60 5.47
C ILE F 112 16.94 23.61 6.61
N ASP F 113 17.47 24.82 6.27
CA ASP F 113 17.84 25.88 7.23
C ASP F 113 16.62 26.53 7.89
N GLN F 114 15.42 26.38 7.31
CA GLN F 114 14.19 26.90 7.86
C GLN F 114 13.54 25.98 8.88
N GLY F 115 14.10 24.78 9.06
CA GLY F 115 13.63 23.81 10.06
C GLY F 115 12.72 22.72 9.56
N LEU F 116 13.03 22.13 8.39
CA LEU F 116 12.29 21.02 7.80
C LEU F 116 12.27 19.75 8.67
N TYR F 117 13.36 19.47 9.41
CA TYR F 117 13.52 18.27 10.30
C TYR F 117 12.34 18.00 11.25
N ARG F 118 11.62 19.07 11.62
CA ARG F 118 10.46 19.11 12.50
C ARG F 118 9.18 18.68 11.77
N ASP F 119 9.18 18.73 10.44
CA ASP F 119 8.02 18.34 9.62
C ASP F 119 8.21 16.95 9.01
N THR F 120 7.95 15.88 9.81
CA THR F 120 8.13 14.45 9.45
C THR F 120 7.53 14.06 8.07
N VAL F 121 6.23 14.35 7.86
CA VAL F 121 5.44 14.10 6.64
C VAL F 121 6.10 14.79 5.42
N ARG F 122 6.49 16.09 5.56
CA ARG F 122 7.09 16.83 4.45
C ARG F 122 8.47 16.23 4.11
N LEU F 123 9.33 16.07 5.14
CA LEU F 123 10.67 15.49 5.12
C LEU F 123 10.69 14.23 4.21
N TRP F 124 9.95 13.19 4.60
CA TRP F 124 9.78 11.95 3.83
C TRP F 124 9.22 12.15 2.41
N ARG F 125 8.30 13.12 2.20
CA ARG F 125 7.79 13.35 0.83
C ARG F 125 8.89 13.93 -0.05
N LEU F 126 9.60 14.95 0.43
CA LEU F 126 10.74 15.54 -0.30
C LEU F 126 11.81 14.49 -0.53
N PHE F 127 11.96 13.52 0.42
CA PHE F 127 12.95 12.44 0.23
C PHE F 127 12.57 11.49 -0.91
N ARG F 128 11.32 11.00 -0.91
CA ARG F 128 10.81 10.12 -1.96
C ARG F 128 10.86 10.82 -3.32
N GLU F 129 10.51 12.11 -3.36
CA GLU F 129 10.53 12.91 -4.60
C GLU F 129 11.95 12.99 -5.19
N ILE F 130 12.99 13.16 -4.34
CA ILE F 130 14.41 13.19 -4.77
C ILE F 130 14.74 11.81 -5.32
N LEU F 131 14.37 10.74 -4.59
CA LEU F 131 14.58 9.35 -5.00
C LEU F 131 13.93 9.08 -6.35
N ASP F 132 12.68 9.55 -6.59
CA ASP F 132 12.02 9.35 -7.87
C ASP F 132 12.81 10.01 -9.02
N GLY F 133 13.24 11.26 -8.82
CA GLY F 133 13.97 11.99 -9.84
C GLY F 133 15.32 11.36 -10.17
N LEU F 134 16.07 11.00 -9.14
CA LEU F 134 17.37 10.35 -9.23
C LEU F 134 17.24 8.99 -9.88
N ALA F 135 16.20 8.21 -9.53
CA ALA F 135 15.95 6.88 -10.13
C ALA F 135 15.70 7.01 -11.62
N TYR F 136 15.04 8.11 -12.02
CA TYR F 136 14.74 8.39 -13.41
C TYR F 136 16.02 8.71 -14.14
N ILE F 137 16.88 9.57 -13.54
CA ILE F 137 18.19 9.93 -14.16
C ILE F 137 19.02 8.66 -14.42
N HIS F 138 19.05 7.74 -13.44
CA HIS F 138 19.78 6.49 -13.53
C HIS F 138 19.14 5.58 -14.57
N GLU F 139 17.80 5.49 -14.56
CA GLU F 139 17.08 4.68 -15.54
C GLU F 139 17.46 5.11 -16.96
N LYS F 140 17.57 6.43 -17.21
CA LYS F 140 17.94 7.03 -18.51
C LYS F 140 19.43 6.92 -18.84
N GLY F 141 20.15 6.15 -18.03
CA GLY F 141 21.59 5.89 -18.15
C GLY F 141 22.42 7.12 -17.95
N MET F 142 22.21 7.83 -16.82
CA MET F 142 22.94 9.05 -16.50
C MET F 142 23.31 9.10 -15.02
N ILE F 143 24.29 9.96 -14.69
CA ILE F 143 24.79 10.21 -13.32
C ILE F 143 24.74 11.69 -13.08
N HIS F 144 24.51 12.07 -11.83
CA HIS F 144 24.48 13.47 -11.48
C HIS F 144 25.88 13.95 -11.07
N ARG F 145 26.55 13.25 -10.19
CA ARG F 145 27.89 13.58 -9.69
C ARG F 145 28.02 14.85 -8.86
N ASN F 146 26.95 15.64 -8.73
CA ASN F 146 26.98 16.89 -8.00
C ASN F 146 25.79 17.16 -7.10
N LEU F 147 25.18 16.11 -6.60
CA LEU F 147 24.02 16.21 -5.75
C LEU F 147 24.29 16.80 -4.38
N LYS F 148 23.66 17.93 -4.14
CA LYS F 148 23.74 18.70 -2.89
C LYS F 148 22.49 19.57 -2.73
N PRO F 149 22.08 19.95 -1.49
CA PRO F 149 20.85 20.76 -1.34
C PRO F 149 20.77 22.04 -2.17
N VAL F 150 21.88 22.72 -2.50
CA VAL F 150 21.87 23.91 -3.37
C VAL F 150 21.60 23.55 -4.85
N ASN F 151 21.70 22.26 -5.20
CA ASN F 151 21.50 21.73 -6.55
C ASN F 151 20.13 21.05 -6.72
N ILE F 152 19.30 21.08 -5.65
CA ILE F 152 17.95 20.55 -5.59
C ILE F 152 17.03 21.72 -5.36
N PHE F 153 16.02 21.88 -6.21
CA PHE F 153 15.13 23.04 -6.14
C PHE F 153 13.74 22.69 -5.69
N LEU F 154 12.95 23.71 -5.34
CA LEU F 154 11.56 23.50 -4.93
C LEU F 154 10.64 24.42 -5.70
N ASP F 155 9.61 23.82 -6.32
CA ASP F 155 8.65 24.62 -7.08
C ASP F 155 7.57 25.18 -6.11
N SER F 156 6.67 26.03 -6.59
CA SER F 156 5.64 26.62 -5.74
C SER F 156 4.60 25.61 -5.14
N ASP F 157 4.43 24.40 -5.72
CA ASP F 157 3.56 23.35 -5.17
C ASP F 157 4.38 22.48 -4.15
N ASP F 158 5.63 22.91 -3.83
CA ASP F 158 6.55 22.24 -2.89
C ASP F 158 7.09 20.89 -3.44
N HIS F 159 7.21 20.78 -4.78
CA HIS F 159 7.75 19.58 -5.39
C HIS F 159 9.22 19.77 -5.68
N VAL F 160 10.00 18.68 -5.49
CA VAL F 160 11.46 18.62 -5.70
C VAL F 160 11.74 18.74 -7.18
N LYS F 161 12.75 19.52 -7.55
CA LYS F 161 13.25 19.63 -8.93
C LYS F 161 14.80 19.60 -8.87
N ILE F 162 15.40 18.42 -9.04
CA ILE F 162 16.84 18.20 -9.11
C ILE F 162 17.46 18.96 -10.32
N GLY F 163 18.59 19.63 -10.10
CA GLY F 163 19.37 20.27 -11.14
C GLY F 163 19.82 19.22 -12.17
N ASP F 164 19.81 19.58 -13.44
CA ASP F 164 20.16 18.62 -14.46
C ASP F 164 21.12 19.22 -15.51
N PHE F 165 22.41 19.03 -15.30
CA PHE F 165 23.42 19.51 -16.23
C PHE F 165 24.74 18.74 -16.22
N GLY F 166 24.73 17.48 -16.68
CA GLY F 166 25.93 16.67 -16.75
C GLY F 166 25.88 15.16 -16.57
N LEU F 167 26.95 14.49 -17.03
CA LEU F 167 27.21 13.04 -16.90
C LEU F 167 26.36 11.97 -17.60
N ALA F 168 27.05 10.94 -18.07
CA ALA F 168 26.45 9.78 -18.74
C ALA F 168 27.15 8.53 -18.22
N THR F 169 26.53 7.35 -18.36
CA THR F 169 27.15 6.13 -17.84
C THR F 169 26.52 4.90 -18.49
N ASP F 170 27.11 4.45 -19.60
CA ASP F 170 26.57 3.33 -20.38
C ASP F 170 27.10 1.97 -19.91
N HIS F 195 28.35 28.99 7.69
CA HIS F 195 27.64 27.86 8.32
C HIS F 195 27.62 26.62 7.41
N LEU F 196 27.80 26.83 6.10
CA LEU F 196 27.85 25.78 5.07
C LEU F 196 29.29 25.29 4.79
N THR F 197 30.30 25.90 5.47
CA THR F 197 31.75 25.59 5.41
C THR F 197 32.35 25.57 3.99
N GLY F 198 31.77 26.37 3.08
CA GLY F 198 32.16 26.51 1.67
C GLY F 198 32.74 25.26 1.05
N MET F 199 33.98 25.37 0.57
CA MET F 199 34.78 24.27 0.04
C MET F 199 35.30 23.64 1.32
N VAL F 200 34.84 22.41 1.57
CA VAL F 200 35.03 21.52 2.72
C VAL F 200 33.61 21.02 3.00
N GLY F 201 32.68 21.96 3.17
CA GLY F 201 31.27 21.67 3.35
C GLY F 201 30.71 20.99 2.12
N THR F 202 31.04 21.56 0.93
CA THR F 202 30.67 21.01 -0.38
C THR F 202 31.32 19.61 -0.60
N ALA F 203 32.55 19.40 -0.07
CA ALA F 203 33.28 18.13 -0.19
C ALA F 203 32.67 17.03 0.70
N LEU F 204 31.90 17.40 1.73
CA LEU F 204 31.29 16.40 2.62
C LEU F 204 30.14 15.56 1.97
N TYR F 205 29.73 15.86 0.70
CA TYR F 205 28.69 15.08 -0.03
C TYR F 205 29.34 14.06 -0.96
N VAL F 206 30.63 14.25 -1.27
CA VAL F 206 31.44 13.44 -2.16
C VAL F 206 31.73 12.05 -1.57
N SER F 207 31.43 11.02 -2.35
CA SER F 207 31.59 9.61 -2.01
C SER F 207 33.07 9.19 -1.74
N PRO F 208 33.31 8.27 -0.76
CA PRO F 208 34.70 7.82 -0.48
C PRO F 208 35.50 7.29 -1.67
N GLU F 209 34.82 6.61 -2.65
CA GLU F 209 35.44 6.08 -3.88
C GLU F 209 35.89 7.18 -4.84
N VAL F 210 35.49 8.45 -4.58
CA VAL F 210 35.86 9.62 -5.39
C VAL F 210 36.97 10.37 -4.65
N GLN F 211 36.73 10.69 -3.36
CA GLN F 211 37.63 11.40 -2.43
C GLN F 211 39.01 10.72 -2.38
N ASN F 219 29.34 3.99 -10.86
CA ASN F 219 29.35 5.46 -10.77
C ASN F 219 27.99 6.04 -10.34
N GLN F 220 26.86 5.34 -10.61
CA GLN F 220 25.54 5.77 -10.16
C GLN F 220 25.34 5.73 -8.61
N LYS F 221 26.21 4.98 -7.87
CA LYS F 221 26.18 4.81 -6.41
C LYS F 221 26.75 6.02 -5.71
N VAL F 222 27.51 6.85 -6.45
CA VAL F 222 28.09 8.12 -6.00
C VAL F 222 26.96 9.04 -5.53
N ASP F 223 25.83 9.09 -6.28
CA ASP F 223 24.67 9.95 -5.99
C ASP F 223 23.90 9.49 -4.78
N LEU F 224 23.94 8.19 -4.49
CA LEU F 224 23.24 7.61 -3.36
C LEU F 224 23.95 7.93 -2.06
N PHE F 225 25.30 8.02 -2.10
CA PHE F 225 26.06 8.43 -0.92
C PHE F 225 25.71 9.91 -0.60
N SER F 226 25.68 10.79 -1.66
CA SER F 226 25.35 12.20 -1.49
C SER F 226 23.96 12.33 -0.88
N LEU F 227 22.98 11.54 -1.38
CA LEU F 227 21.60 11.44 -0.89
C LEU F 227 21.49 11.08 0.62
N GLY F 228 22.37 10.22 1.10
CA GLY F 228 22.45 9.86 2.52
C GLY F 228 22.80 11.06 3.39
N ILE F 229 23.73 11.92 2.91
CA ILE F 229 24.14 13.16 3.63
C ILE F 229 22.98 14.15 3.65
N ILE F 230 22.33 14.32 2.50
CA ILE F 230 21.16 15.21 2.30
C ILE F 230 20.01 14.79 3.20
N PHE F 231 19.65 13.49 3.17
CA PHE F 231 18.56 13.01 4.01
C PHE F 231 18.84 13.20 5.50
N PHE F 232 20.11 13.08 5.92
CA PHE F 232 20.53 13.34 7.29
C PHE F 232 20.28 14.78 7.63
N GLU F 233 20.75 15.72 6.78
CA GLU F 233 20.58 17.17 7.00
C GLU F 233 19.12 17.56 7.03
N MET F 234 18.32 16.97 6.14
CA MET F 234 16.87 17.15 6.07
C MET F 234 16.26 16.67 7.44
N SER F 235 16.92 15.70 8.11
CA SER F 235 16.43 15.06 9.34
C SER F 235 17.04 15.62 10.63
N TYR F 236 17.93 16.58 10.49
CA TYR F 236 18.63 17.17 11.62
C TYR F 236 18.36 18.66 11.70
N HIS F 237 18.52 19.26 12.88
CA HIS F 237 18.31 20.70 12.99
C HIS F 237 19.34 21.47 12.11
N PRO F 238 19.10 22.75 11.72
CA PRO F 238 20.14 23.44 10.95
C PRO F 238 21.40 23.62 11.82
N MET F 239 22.56 23.38 11.22
CA MET F 239 23.83 23.54 11.88
C MET F 239 24.22 24.98 11.63
N VAL F 240 24.41 25.75 12.72
CA VAL F 240 24.62 27.21 12.70
C VAL F 240 26.11 27.64 12.56
N THR F 241 27.07 26.72 12.65
CA THR F 241 28.49 27.06 12.49
C THR F 241 29.19 26.08 11.56
N ALA F 242 30.31 26.50 10.93
CA ALA F 242 31.09 25.61 10.06
C ALA F 242 31.65 24.44 10.86
N SER F 243 32.10 24.70 12.11
CA SER F 243 32.67 23.72 13.04
C SER F 243 31.68 22.62 13.35
N GLU F 244 30.44 23.00 13.73
CA GLU F 244 29.33 22.10 14.04
C GLU F 244 29.07 21.20 12.84
N ARG F 245 28.98 21.81 11.64
CA ARG F 245 28.76 21.09 10.38
C ARG F 245 29.86 20.07 10.10
N ILE F 246 31.15 20.51 10.14
CA ILE F 246 32.33 19.67 9.90
C ILE F 246 32.37 18.52 10.90
N PHE F 247 32.19 18.81 12.19
CA PHE F 247 32.20 17.79 13.24
C PHE F 247 31.09 16.75 13.04
N VAL F 248 29.81 17.19 12.94
CA VAL F 248 28.65 16.34 12.78
C VAL F 248 28.72 15.47 11.49
N LEU F 249 29.06 16.09 10.33
CA LEU F 249 29.11 15.35 9.07
C LEU F 249 30.33 14.42 8.94
N ASN F 250 31.50 14.75 9.57
CA ASN F 250 32.66 13.85 9.55
C ASN F 250 32.44 12.61 10.39
N GLN F 251 31.77 12.75 11.55
CA GLN F 251 31.44 11.62 12.42
C GLN F 251 30.46 10.65 11.74
N LEU F 252 29.50 11.19 10.98
CA LEU F 252 28.55 10.40 10.20
C LEU F 252 29.27 9.67 9.07
N ARG F 253 30.40 10.24 8.59
CA ARG F 253 31.27 9.71 7.51
C ARG F 253 32.52 8.98 8.05
N ASP F 254 32.46 8.41 9.28
CA ASP F 254 33.60 7.69 9.90
C ASP F 254 33.86 6.34 9.21
N PRO F 255 35.06 6.13 8.63
CA PRO F 255 35.33 4.85 7.94
C PRO F 255 35.33 3.64 8.88
N PRO F 258 27.74 4.54 10.13
CA PRO F 258 27.70 5.95 10.53
C PRO F 258 27.54 6.21 12.02
N LYS F 259 28.25 7.23 12.55
CA LYS F 259 28.13 7.68 13.94
C LYS F 259 27.16 8.89 13.97
N PHE F 260 25.96 8.70 14.55
CA PHE F 260 24.90 9.71 14.60
C PHE F 260 25.07 10.63 15.82
N PRO F 261 24.66 11.92 15.78
CA PRO F 261 24.84 12.77 16.97
C PRO F 261 23.82 12.47 18.09
N GLU F 262 24.09 12.98 19.31
CA GLU F 262 23.25 12.76 20.50
C GLU F 262 21.83 13.34 20.39
N ASP F 263 21.70 14.56 19.82
CA ASP F 263 20.40 15.25 19.64
C ASP F 263 19.52 14.63 18.54
N PHE F 264 20.00 13.54 17.87
CA PHE F 264 19.34 12.74 16.84
C PHE F 264 19.05 11.38 17.51
N ASP F 265 18.04 11.34 18.40
CA ASP F 265 17.69 10.13 19.15
C ASP F 265 17.18 8.99 18.27
N ASP F 266 17.46 7.73 18.67
CA ASP F 266 17.05 6.52 17.94
C ASP F 266 15.54 6.25 18.06
N GLY F 267 14.95 6.64 19.20
CA GLY F 267 13.53 6.48 19.50
C GLY F 267 12.69 7.68 19.09
N GLU F 268 12.79 8.07 17.80
CA GLU F 268 12.11 9.17 17.10
C GLU F 268 12.60 9.24 15.64
N HIS F 269 13.80 8.71 15.37
CA HIS F 269 14.45 8.69 14.06
C HIS F 269 14.98 7.28 13.68
N ALA F 270 14.24 6.21 14.03
CA ALA F 270 14.67 4.84 13.74
C ALA F 270 14.76 4.55 12.24
N LYS F 271 13.62 4.71 11.51
CA LYS F 271 13.56 4.48 10.07
C LYS F 271 14.49 5.42 9.29
N GLN F 272 14.68 6.68 9.76
CA GLN F 272 15.63 7.64 9.15
C GLN F 272 17.07 7.14 9.25
N LYS F 273 17.52 6.80 10.48
CA LYS F 273 18.86 6.27 10.79
C LYS F 273 19.20 5.08 9.91
N SER F 274 18.21 4.19 9.71
CA SER F 274 18.36 2.97 8.91
C SER F 274 18.61 3.27 7.44
N VAL F 275 17.82 4.20 6.84
CA VAL F 275 17.94 4.64 5.44
C VAL F 275 19.27 5.39 5.22
N ILE F 276 19.66 6.23 6.19
CA ILE F 276 20.88 7.02 6.13
C ILE F 276 22.15 6.12 6.20
N SER F 277 22.18 5.15 7.12
CA SER F 277 23.29 4.19 7.29
C SER F 277 23.47 3.34 6.03
N TRP F 278 22.33 2.89 5.47
CA TRP F 278 22.15 2.10 4.25
C TRP F 278 22.92 2.85 3.13
N LEU F 279 22.48 4.08 2.77
CA LEU F 279 23.08 4.94 1.73
C LEU F 279 24.50 5.38 2.02
N LEU F 280 24.87 5.62 3.30
CA LEU F 280 26.21 6.09 3.63
C LEU F 280 27.31 4.98 3.77
N ASN F 281 27.05 3.76 3.25
CA ASN F 281 28.02 2.67 3.24
C ASN F 281 29.23 3.09 2.42
N HIS F 282 30.46 2.84 2.94
CA HIS F 282 31.72 3.21 2.27
C HIS F 282 31.87 2.42 0.95
N ASP F 283 31.49 1.13 0.98
CA ASP F 283 31.50 0.26 -0.18
C ASP F 283 30.29 0.59 -1.07
N PRO F 284 30.58 1.23 -2.22
CA PRO F 284 29.57 1.38 -3.29
C PRO F 284 28.60 0.19 -3.51
N ALA F 285 29.07 -1.08 -3.38
CA ALA F 285 28.24 -2.28 -3.58
C ALA F 285 27.20 -2.50 -2.46
N LYS F 286 27.52 -2.07 -1.23
CA LYS F 286 26.66 -2.17 -0.03
C LYS F 286 25.58 -1.05 0.09
N ARG F 287 25.53 -0.11 -0.89
CA ARG F 287 24.53 0.96 -0.97
C ARG F 287 23.39 0.48 -1.88
N PRO F 288 22.11 0.85 -1.61
CA PRO F 288 21.05 0.40 -2.51
C PRO F 288 20.99 1.27 -3.76
N THR F 289 20.32 0.79 -4.81
CA THR F 289 20.11 1.64 -5.96
C THR F 289 18.87 2.50 -5.57
N ALA F 290 18.57 3.57 -6.32
CA ALA F 290 17.41 4.41 -6.05
C ALA F 290 16.09 3.62 -6.07
N THR F 291 15.94 2.68 -7.04
CA THR F 291 14.78 1.79 -7.22
C THR F 291 14.70 0.74 -6.11
N GLU F 292 15.87 0.29 -5.60
CA GLU F 292 15.92 -0.68 -4.52
C GLU F 292 15.39 -0.02 -3.25
N LEU F 293 15.74 1.25 -3.01
CA LEU F 293 15.30 2.01 -1.84
C LEU F 293 13.81 2.40 -1.95
N LEU F 294 13.32 2.63 -3.18
CA LEU F 294 11.92 2.95 -3.42
C LEU F 294 11.04 1.73 -3.16
N LYS F 295 11.44 0.56 -3.71
CA LYS F 295 10.72 -0.71 -3.55
C LYS F 295 11.01 -1.37 -2.18
N SER F 296 11.74 -0.67 -1.27
CA SER F 296 12.02 -1.13 0.10
C SER F 296 10.85 -0.71 1.02
N GLU F 297 10.68 -1.39 2.16
CA GLU F 297 9.57 -1.11 3.08
C GLU F 297 9.85 0.01 4.10
N LEU F 298 11.09 0.55 4.08
CA LEU F 298 11.57 1.60 4.99
C LEU F 298 10.86 2.92 4.80
N LEU F 299 10.46 3.20 3.55
CA LEU F 299 9.81 4.45 3.17
C LEU F 299 8.32 4.43 3.55
N PRO F 300 7.79 5.48 4.24
CA PRO F 300 6.35 5.50 4.54
C PRO F 300 5.53 5.72 3.26
N PRO F 301 4.24 5.33 3.20
CA PRO F 301 3.47 5.58 1.96
C PRO F 301 3.19 7.07 1.70
N PRO F 302 2.78 7.46 0.46
CA PRO F 302 2.53 8.88 0.20
C PRO F 302 1.34 9.45 0.97
N GLN F 303 1.41 10.77 1.26
CA GLN F 303 0.48 11.68 1.94
C GLN F 303 -0.37 10.98 2.99
N SER G 8 43.30 -11.78 -0.24
CA SER G 8 42.52 -12.74 0.54
C SER G 8 43.01 -12.82 2.00
N ARG G 9 42.35 -13.68 2.80
CA ARG G 9 42.69 -14.01 4.17
C ARG G 9 42.66 -15.53 4.29
N TYR G 10 41.46 -16.15 4.15
CA TYR G 10 41.20 -17.59 4.24
C TYR G 10 42.10 -18.47 3.36
N PHE G 11 41.98 -18.35 2.02
CA PHE G 11 42.73 -19.19 1.10
C PHE G 11 44.25 -18.99 1.14
N ILE G 12 44.74 -17.80 1.55
CA ILE G 12 46.19 -17.55 1.59
C ILE G 12 46.85 -17.99 2.92
N GLU G 13 46.27 -17.59 4.06
CA GLU G 13 46.81 -17.90 5.39
C GLU G 13 46.63 -19.39 5.78
N PHE G 14 45.59 -20.05 5.22
CA PHE G 14 45.26 -21.43 5.53
C PHE G 14 45.37 -22.40 4.38
N GLU G 15 45.57 -23.65 4.74
CA GLU G 15 45.55 -24.81 3.86
C GLU G 15 44.26 -25.59 4.25
N GLU G 16 43.31 -25.74 3.30
CA GLU G 16 42.04 -26.44 3.49
C GLU G 16 42.23 -27.91 3.69
N LEU G 17 41.62 -28.44 4.74
CA LEU G 17 41.67 -29.86 5.09
C LEU G 17 40.27 -30.45 4.94
N GLN G 18 39.91 -31.48 5.71
CA GLN G 18 38.61 -32.13 5.53
C GLN G 18 37.41 -31.27 5.89
N LEU G 19 36.34 -31.35 5.10
CA LEU G 19 35.08 -30.66 5.31
C LEU G 19 34.44 -31.33 6.53
N LEU G 20 33.93 -30.52 7.48
CA LEU G 20 33.34 -31.08 8.68
C LEU G 20 31.84 -31.13 8.58
N GLY G 21 31.26 -30.18 7.88
CA GLY G 21 29.81 -30.13 7.69
C GLY G 21 29.41 -29.16 6.62
N LYS G 22 28.38 -29.50 5.88
CA LYS G 22 27.85 -28.65 4.82
C LYS G 22 26.35 -28.49 5.00
N GLY G 23 25.89 -27.27 4.81
CA GLY G 23 24.49 -26.90 4.89
C GLY G 23 24.16 -26.05 3.69
N ALA G 24 22.88 -25.69 3.49
CA ALA G 24 22.49 -24.86 2.36
C ALA G 24 23.09 -23.45 2.52
N PHE G 25 23.02 -22.92 3.76
CA PHE G 25 23.48 -21.57 4.13
C PHE G 25 24.88 -21.52 4.81
N GLY G 26 25.76 -22.49 4.51
CA GLY G 26 27.10 -22.50 5.08
C GLY G 26 27.87 -23.81 5.11
N ALA G 27 29.12 -23.74 5.63
CA ALA G 27 30.01 -24.89 5.71
C ALA G 27 31.02 -24.76 6.84
N VAL G 28 31.50 -25.90 7.36
CA VAL G 28 32.53 -25.97 8.40
C VAL G 28 33.65 -26.79 7.81
N ILE G 29 34.90 -26.31 7.89
CA ILE G 29 36.06 -26.97 7.29
C ILE G 29 37.21 -26.99 8.29
N LYS G 30 37.89 -28.14 8.38
CA LYS G 30 39.10 -28.22 9.14
C LYS G 30 40.17 -27.54 8.28
N VAL G 31 40.95 -26.65 8.88
CA VAL G 31 42.01 -25.96 8.14
C VAL G 31 43.29 -26.12 8.92
N GLN G 32 44.42 -25.74 8.29
CA GLN G 32 45.70 -25.67 8.95
C GLN G 32 46.31 -24.32 8.58
N ASN G 33 46.80 -23.60 9.59
CA ASN G 33 47.45 -22.30 9.41
C ASN G 33 48.93 -22.54 8.99
N LYS G 34 49.33 -22.01 7.84
CA LYS G 34 50.69 -22.18 7.31
C LYS G 34 51.78 -21.68 8.27
N LEU G 35 51.53 -20.55 8.94
CA LEU G 35 52.42 -19.90 9.90
C LEU G 35 52.60 -20.65 11.22
N ASP G 36 51.50 -20.90 11.96
CA ASP G 36 51.55 -21.52 13.29
C ASP G 36 51.46 -23.08 13.30
N GLY G 37 51.06 -23.67 12.17
CA GLY G 37 50.95 -25.12 12.03
C GLY G 37 49.81 -25.79 12.78
N CYS G 38 48.86 -24.98 13.31
CA CYS G 38 47.71 -25.48 14.06
C CYS G 38 46.55 -25.71 13.17
N CYS G 39 45.65 -26.59 13.64
CA CYS G 39 44.43 -26.96 12.99
C CYS G 39 43.27 -26.30 13.64
N TYR G 40 42.38 -25.75 12.83
CA TYR G 40 41.19 -25.04 13.30
C TYR G 40 39.95 -25.55 12.57
N ALA G 41 38.77 -25.26 13.12
CA ALA G 41 37.48 -25.49 12.49
C ALA G 41 37.02 -24.11 12.03
N VAL G 42 36.85 -23.91 10.72
CA VAL G 42 36.41 -22.61 10.21
C VAL G 42 35.00 -22.73 9.64
N LYS G 43 34.06 -21.96 10.22
CA LYS G 43 32.68 -21.92 9.78
C LYS G 43 32.51 -20.71 8.82
N ARG G 44 32.15 -20.97 7.56
CA ARG G 44 31.89 -19.99 6.49
C ARG G 44 30.37 -19.82 6.36
N ILE G 45 29.90 -18.57 6.34
CA ILE G 45 28.47 -18.24 6.20
C ILE G 45 28.31 -17.04 5.23
N PRO G 46 27.50 -17.14 4.12
CA PRO G 46 27.25 -15.94 3.30
C PRO G 46 26.39 -14.93 4.08
N ILE G 47 26.71 -13.63 3.98
CA ILE G 47 25.99 -12.56 4.69
C ILE G 47 25.83 -11.26 3.87
N ASN G 48 24.85 -10.41 4.29
CA ASN G 48 24.56 -9.08 3.75
C ASN G 48 24.89 -8.10 4.89
N PRO G 49 26.02 -7.34 4.83
CA PRO G 49 26.40 -6.44 5.94
C PRO G 49 25.41 -5.32 6.28
N ALA G 50 24.52 -4.98 5.34
CA ALA G 50 23.52 -3.92 5.51
C ALA G 50 22.09 -4.49 5.67
N SER G 51 21.98 -5.63 6.41
CA SER G 51 20.71 -6.31 6.69
C SER G 51 20.47 -6.49 8.19
N ARG G 52 19.19 -6.44 8.62
CA ARG G 52 18.74 -6.59 10.01
C ARG G 52 18.93 -8.02 10.57
N GLN G 53 19.61 -8.89 9.81
CA GLN G 53 19.94 -10.27 10.19
C GLN G 53 21.44 -10.42 10.49
N PHE G 54 22.28 -9.59 9.83
CA PHE G 54 23.74 -9.58 10.06
C PHE G 54 24.05 -9.01 11.45
N ARG G 55 23.24 -8.04 11.92
CA ARG G 55 23.37 -7.43 13.24
C ARG G 55 23.09 -8.45 14.37
N ARG G 56 22.35 -9.55 14.06
CA ARG G 56 22.07 -10.64 15.00
C ARG G 56 23.32 -11.56 15.08
N ILE G 57 23.95 -11.82 13.93
CA ILE G 57 25.16 -12.65 13.82
C ILE G 57 26.34 -11.89 14.43
N LYS G 58 26.51 -10.59 14.09
CA LYS G 58 27.56 -9.73 14.66
C LYS G 58 27.42 -9.69 16.21
N GLY G 59 26.17 -9.60 16.69
CA GLY G 59 25.85 -9.61 18.11
C GLY G 59 26.20 -10.93 18.79
N GLU G 60 26.10 -12.05 18.04
CA GLU G 60 26.44 -13.38 18.55
C GLU G 60 27.97 -13.61 18.61
N VAL G 61 28.73 -13.00 17.67
CA VAL G 61 30.20 -13.05 17.60
C VAL G 61 30.78 -12.32 18.82
N THR G 62 30.15 -11.17 19.18
CA THR G 62 30.43 -10.33 20.34
C THR G 62 30.28 -11.15 21.64
N LEU G 63 29.26 -12.02 21.74
CA LEU G 63 29.07 -12.83 22.96
C LEU G 63 30.08 -13.96 23.03
N LEU G 64 30.22 -14.68 21.92
CA LEU G 64 31.16 -15.77 21.70
C LEU G 64 32.61 -15.37 22.03
N SER G 65 33.03 -14.15 21.65
CA SER G 65 34.37 -13.63 21.90
C SER G 65 34.60 -13.24 23.38
N ARG G 66 33.55 -13.29 24.21
CA ARG G 66 33.65 -12.92 25.61
C ARG G 66 33.72 -14.13 26.54
N LEU G 67 33.66 -15.34 25.96
CA LEU G 67 33.71 -16.59 26.72
C LEU G 67 35.14 -17.12 26.83
N HIS G 68 35.50 -17.60 28.04
CA HIS G 68 36.82 -18.12 28.41
C HIS G 68 36.63 -19.15 29.53
N HIS G 69 36.50 -20.43 29.17
CA HIS G 69 36.36 -21.57 30.06
C HIS G 69 36.91 -22.82 29.36
N GLU G 70 37.40 -23.79 30.15
CA GLU G 70 37.99 -25.01 29.66
C GLU G 70 36.97 -25.98 29.03
N ASN G 71 35.67 -25.82 29.34
CA ASN G 71 34.63 -26.67 28.77
C ASN G 71 33.77 -25.98 27.67
N ILE G 72 34.34 -24.92 27.07
CA ILE G 72 33.71 -24.19 25.97
C ILE G 72 34.72 -24.19 24.81
N VAL G 73 34.28 -24.55 23.60
CA VAL G 73 35.14 -24.54 22.41
C VAL G 73 35.84 -23.13 22.31
N ARG G 74 37.18 -23.11 22.25
CA ARG G 74 37.97 -21.89 22.23
C ARG G 74 37.80 -21.08 20.92
N TYR G 75 37.44 -19.77 21.07
CA TYR G 75 37.26 -18.81 19.96
C TYR G 75 38.60 -18.20 19.53
N TYR G 76 38.88 -18.16 18.22
CA TYR G 76 40.12 -17.55 17.78
C TYR G 76 39.97 -16.26 17.02
N ASN G 77 39.08 -16.22 16.04
CA ASN G 77 38.86 -15.06 15.19
C ASN G 77 37.48 -15.12 14.52
N ALA G 78 37.12 -14.01 13.87
CA ALA G 78 35.90 -13.78 13.13
C ALA G 78 36.19 -12.62 12.16
N TRP G 79 35.89 -12.80 10.88
CA TRP G 79 36.16 -11.80 9.84
C TRP G 79 35.16 -11.92 8.69
N ILE G 80 35.10 -10.88 7.85
CA ILE G 80 34.24 -10.81 6.68
C ILE G 80 35.14 -10.68 5.45
N GLU G 81 34.77 -11.36 4.38
CA GLU G 81 35.54 -11.30 3.15
C GLU G 81 34.63 -10.94 2.01
N ARG G 82 35.07 -9.98 1.18
CA ARG G 82 34.34 -9.54 0.00
C ARG G 82 34.87 -10.30 -1.21
N HIS G 83 33.95 -11.03 -1.89
CA HIS G 83 34.19 -11.87 -3.07
C HIS G 83 32.91 -12.11 -3.87
N VAL G 93 29.74 -11.22 -3.39
CA VAL G 93 29.06 -11.46 -2.11
C VAL G 93 30.05 -11.53 -0.93
N HIS G 94 29.61 -11.07 0.24
CA HIS G 94 30.41 -11.07 1.47
C HIS G 94 30.20 -12.34 2.27
N TYR G 95 31.30 -12.89 2.84
CA TYR G 95 31.27 -14.10 3.63
C TYR G 95 31.79 -13.87 5.05
N LEU G 96 31.07 -14.39 6.06
CA LEU G 96 31.47 -14.38 7.48
C LEU G 96 32.16 -15.72 7.86
N TYR G 97 33.43 -15.63 8.33
CA TYR G 97 34.27 -16.72 8.78
C TYR G 97 34.46 -16.64 10.32
N ILE G 98 34.32 -17.77 11.00
CA ILE G 98 34.50 -17.90 12.45
C ILE G 98 35.55 -19.01 12.61
N GLN G 99 36.72 -18.69 13.19
CA GLN G 99 37.81 -19.64 13.40
C GLN G 99 37.78 -20.12 14.86
N MET G 100 37.43 -21.41 15.06
CA MET G 100 37.32 -22.03 16.40
C MET G 100 38.41 -23.06 16.60
N GLU G 101 38.47 -23.69 17.78
CA GLU G 101 39.46 -24.75 17.98
C GLU G 101 38.94 -25.98 17.26
N TYR G 102 39.89 -26.80 16.77
CA TYR G 102 39.51 -28.05 16.16
C TYR G 102 39.44 -29.11 17.25
N CYS G 103 38.30 -29.78 17.36
CA CYS G 103 38.12 -30.88 18.31
C CYS G 103 38.27 -32.22 17.59
N GLU G 104 39.33 -32.95 18.01
CA GLU G 104 39.81 -34.21 17.44
C GLU G 104 38.79 -35.33 17.47
N LYS G 105 38.20 -35.56 18.64
CA LYS G 105 37.22 -36.62 18.88
C LYS G 105 35.79 -36.32 18.43
N SER G 106 35.61 -35.45 17.44
CA SER G 106 34.30 -35.04 16.93
C SER G 106 33.31 -34.62 18.05
N THR G 107 32.08 -35.17 18.04
CA THR G 107 31.03 -34.76 18.96
C THR G 107 30.63 -35.81 19.96
N LEU G 108 29.74 -35.44 20.88
CA LEU G 108 29.18 -36.28 21.92
C LEU G 108 28.24 -37.31 21.31
N ARG G 109 27.53 -36.94 20.22
CA ARG G 109 26.64 -37.83 19.47
C ARG G 109 27.42 -39.09 19.06
N ASP G 110 28.65 -38.91 18.59
CA ASP G 110 29.53 -40.00 18.19
C ASP G 110 29.88 -40.92 19.36
N THR G 111 30.27 -40.34 20.53
CA THR G 111 30.67 -41.06 21.75
C THR G 111 29.48 -41.85 22.32
N ILE G 112 28.25 -41.29 22.23
CA ILE G 112 26.99 -41.92 22.68
C ILE G 112 26.74 -43.17 21.84
N ASP G 113 26.81 -43.00 20.49
CA ASP G 113 26.63 -44.05 19.48
C ASP G 113 27.67 -45.18 19.55
N GLN G 114 28.87 -44.92 20.15
CA GLN G 114 29.95 -45.91 20.34
C GLN G 114 29.69 -46.82 21.57
N GLY G 115 28.83 -46.37 22.47
CA GLY G 115 28.46 -47.10 23.68
C GLY G 115 28.97 -46.50 24.98
N LEU G 116 28.85 -45.17 25.15
CA LEU G 116 29.31 -44.48 26.37
C LEU G 116 28.66 -45.02 27.69
N TYR G 117 27.38 -45.43 27.61
CA TYR G 117 26.58 -45.96 28.73
C TYR G 117 27.26 -47.07 29.56
N ARG G 118 28.11 -47.90 28.91
CA ARG G 118 28.87 -49.00 29.51
C ARG G 118 30.08 -48.50 30.33
N ASP G 119 30.45 -47.20 30.21
CA ASP G 119 31.59 -46.63 30.94
C ASP G 119 31.13 -45.62 31.98
N THR G 120 30.77 -46.11 33.16
CA THR G 120 30.28 -45.33 34.30
C THR G 120 31.19 -44.17 34.70
N VAL G 121 32.51 -44.36 34.76
CA VAL G 121 33.45 -43.28 35.15
C VAL G 121 33.48 -42.10 34.12
N ARG G 122 33.62 -42.43 32.83
CA ARG G 122 33.69 -41.47 31.72
C ARG G 122 32.36 -40.71 31.61
N LEU G 123 31.23 -41.46 31.63
CA LEU G 123 29.86 -40.99 31.56
C LEU G 123 29.64 -39.85 32.58
N TRP G 124 29.98 -40.08 33.87
CA TRP G 124 29.85 -39.06 34.92
C TRP G 124 30.87 -37.93 34.78
N ARG G 125 32.09 -38.23 34.29
CA ARG G 125 33.09 -37.19 34.09
C ARG G 125 32.56 -36.21 33.02
N LEU G 126 32.24 -36.73 31.81
CA LEU G 126 31.65 -35.99 30.68
C LEU G 126 30.42 -35.21 31.10
N PHE G 127 29.56 -35.78 31.95
CA PHE G 127 28.35 -35.08 32.45
C PHE G 127 28.72 -33.92 33.39
N ARG G 128 29.68 -34.14 34.31
CA ARG G 128 30.16 -33.07 35.19
C ARG G 128 30.80 -31.90 34.38
N GLU G 129 31.50 -32.23 33.28
CA GLU G 129 32.15 -31.25 32.40
C GLU G 129 31.17 -30.42 31.53
N ILE G 130 30.07 -31.02 31.01
CA ILE G 130 29.00 -30.30 30.26
C ILE G 130 28.44 -29.36 31.31
N LEU G 131 28.10 -29.90 32.49
CA LEU G 131 27.59 -29.15 33.63
C LEU G 131 28.46 -27.95 33.99
N ASP G 132 29.80 -28.13 34.09
CA ASP G 132 30.76 -27.06 34.42
C ASP G 132 30.78 -25.96 33.36
N GLY G 133 30.79 -26.38 32.09
CA GLY G 133 30.76 -25.45 30.95
C GLY G 133 29.48 -24.62 30.95
N LEU G 134 28.33 -25.29 31.23
CA LEU G 134 26.98 -24.69 31.30
C LEU G 134 26.89 -23.73 32.53
N ALA G 135 27.41 -24.16 33.68
CA ALA G 135 27.47 -23.35 34.92
C ALA G 135 28.22 -22.03 34.68
N TYR G 136 29.28 -22.04 33.83
CA TYR G 136 30.05 -20.84 33.47
C TYR G 136 29.23 -19.91 32.58
N ILE G 137 28.63 -20.47 31.52
CA ILE G 137 27.77 -19.74 30.57
C ILE G 137 26.69 -19.02 31.33
N HIS G 138 25.98 -19.72 32.23
CA HIS G 138 24.86 -19.19 33.05
C HIS G 138 25.30 -18.17 34.09
N GLU G 139 26.51 -18.34 34.66
CA GLU G 139 27.08 -17.39 35.64
C GLU G 139 27.42 -16.08 34.91
N LYS G 140 27.82 -16.17 33.63
CA LYS G 140 28.12 -15.00 32.79
C LYS G 140 26.84 -14.23 32.39
N GLY G 141 25.66 -14.77 32.78
CA GLY G 141 24.35 -14.19 32.50
C GLY G 141 23.81 -14.57 31.12
N MET G 142 24.37 -15.62 30.53
CA MET G 142 23.99 -16.11 29.21
C MET G 142 23.26 -17.46 29.23
N ILE G 143 22.75 -17.85 28.04
CA ILE G 143 22.03 -19.10 27.73
C ILE G 143 22.58 -19.65 26.38
N HIS G 144 22.67 -20.98 26.26
CA HIS G 144 23.15 -21.66 25.07
C HIS G 144 22.01 -21.75 24.04
N ARG G 145 20.90 -22.35 24.44
CA ARG G 145 19.72 -22.46 23.63
C ARG G 145 19.63 -23.62 22.68
N ASN G 146 20.76 -24.14 22.27
CA ASN G 146 20.84 -25.24 21.33
C ASN G 146 21.61 -26.44 21.83
N LEU G 147 21.36 -26.86 23.07
CA LEU G 147 22.03 -27.98 23.68
C LEU G 147 21.56 -29.35 23.22
N LYS G 148 22.42 -29.99 22.45
CA LYS G 148 22.23 -31.35 21.89
C LYS G 148 23.60 -32.01 21.65
N PRO G 149 23.70 -33.37 21.59
CA PRO G 149 25.01 -34.01 21.49
C PRO G 149 25.91 -33.56 20.34
N VAL G 150 25.36 -33.28 19.14
CA VAL G 150 26.15 -32.80 17.99
C VAL G 150 26.81 -31.41 18.19
N ASN G 151 26.38 -30.64 19.22
CA ASN G 151 26.92 -29.31 19.54
C ASN G 151 27.90 -29.36 20.70
N ILE G 152 28.07 -30.56 21.30
CA ILE G 152 28.99 -30.82 22.38
C ILE G 152 30.13 -31.60 21.77
N PHE G 153 31.33 -31.04 21.88
CA PHE G 153 32.51 -31.63 21.27
C PHE G 153 33.42 -32.28 22.29
N LEU G 154 34.37 -33.05 21.81
CA LEU G 154 35.32 -33.76 22.62
C LEU G 154 36.69 -33.54 22.02
N ASP G 155 37.64 -33.07 22.83
CA ASP G 155 38.99 -32.87 22.31
C ASP G 155 39.80 -34.17 22.44
N SER G 156 41.04 -34.13 21.95
CA SER G 156 42.04 -35.19 22.02
C SER G 156 42.18 -35.80 23.44
N ASP G 157 42.20 -34.94 24.46
CA ASP G 157 42.33 -35.29 25.87
C ASP G 157 41.07 -35.92 26.43
N ASP G 158 40.04 -36.18 25.59
CA ASP G 158 38.73 -36.73 25.96
C ASP G 158 37.95 -35.78 26.94
N HIS G 159 38.09 -34.46 26.71
CA HIS G 159 37.42 -33.41 27.47
C HIS G 159 36.27 -32.75 26.68
N VAL G 160 35.20 -32.34 27.39
CA VAL G 160 34.03 -31.71 26.80
C VAL G 160 34.30 -30.25 26.44
N LYS G 161 33.84 -29.82 25.26
CA LYS G 161 33.87 -28.43 24.79
C LYS G 161 32.49 -28.13 24.20
N ILE G 162 31.77 -27.20 24.79
CA ILE G 162 30.45 -26.79 24.32
C ILE G 162 30.62 -25.82 23.15
N GLY G 163 29.90 -26.09 22.05
CA GLY G 163 29.91 -25.25 20.85
C GLY G 163 28.62 -25.33 20.06
N ASP G 164 28.71 -25.26 18.71
CA ASP G 164 27.49 -25.41 17.92
C ASP G 164 27.62 -26.24 16.65
N PHE G 165 28.61 -26.07 15.78
CA PHE G 165 28.60 -26.86 14.50
C PHE G 165 27.71 -26.20 13.46
N GLY G 166 26.44 -25.96 13.84
CA GLY G 166 25.39 -25.39 13.00
C GLY G 166 25.52 -23.91 12.74
N ALA G 168 27.15 -20.74 18.83
CA ALA G 168 26.50 -21.59 19.83
C ALA G 168 25.07 -21.13 20.13
N THR G 169 24.45 -20.33 19.21
CA THR G 169 23.11 -19.66 19.29
C THR G 169 22.96 -18.82 20.58
N ASP G 170 24.11 -18.44 21.16
CA ASP G 170 24.29 -17.69 22.40
C ASP G 170 23.37 -16.50 22.53
N HIS G 171 22.86 -16.28 23.75
CA HIS G 171 22.04 -15.12 24.04
C HIS G 171 22.18 -14.79 25.52
N LEU G 172 21.90 -13.54 25.91
CA LEU G 172 21.92 -13.18 27.32
C LEU G 172 20.58 -13.65 27.86
N ALA G 173 20.58 -14.37 29.00
CA ALA G 173 19.39 -14.93 29.64
C ALA G 173 18.37 -13.85 30.04
N PHE G 174 17.18 -14.28 30.47
CA PHE G 174 16.15 -13.38 30.97
C PHE G 174 16.51 -12.99 32.45
N SER G 175 17.84 -12.87 32.76
CA SER G 175 18.39 -12.48 34.07
C SER G 175 19.69 -11.64 33.96
N ALA G 176 19.88 -10.68 34.90
CA ALA G 176 21.03 -9.75 35.00
C ALA G 176 21.08 -9.09 36.39
N THR G 202 16.03 -33.36 17.10
CA THR G 202 16.35 -31.97 17.40
C THR G 202 15.35 -31.35 18.39
N ALA G 203 14.03 -31.47 18.06
CA ALA G 203 12.91 -30.98 18.86
C ALA G 203 12.78 -31.73 20.21
N LEU G 204 13.37 -32.96 20.31
CA LEU G 204 13.38 -33.81 21.51
C LEU G 204 14.19 -33.15 22.64
N TYR G 205 15.09 -32.24 22.29
CA TYR G 205 15.98 -31.54 23.22
C TYR G 205 15.43 -30.20 23.67
N VAL G 206 14.51 -29.62 22.88
CA VAL G 206 13.89 -28.31 23.15
C VAL G 206 12.95 -28.45 24.35
N SER G 207 12.98 -27.45 25.25
CA SER G 207 12.18 -27.41 26.47
C SER G 207 10.66 -27.24 26.20
N PRO G 208 9.76 -27.84 27.03
CA PRO G 208 8.31 -27.68 26.79
C PRO G 208 7.88 -26.22 26.67
N GLU G 209 8.37 -25.36 27.59
CA GLU G 209 8.12 -23.91 27.63
C GLU G 209 8.55 -23.16 26.35
N VAL G 210 9.45 -23.76 25.53
CA VAL G 210 9.92 -23.16 24.27
C VAL G 210 9.04 -23.64 23.11
N LYS G 215 18.02 -9.57 25.40
CA LYS G 215 18.37 -10.54 24.36
C LYS G 215 17.28 -11.66 24.20
N SER G 216 17.29 -12.68 25.06
CA SER G 216 16.33 -13.80 25.02
C SER G 216 15.25 -13.68 26.10
N ALA G 217 14.04 -14.16 25.79
CA ALA G 217 12.89 -14.21 26.70
C ALA G 217 13.06 -15.41 27.65
N TYR G 218 13.93 -16.36 27.24
CA TYR G 218 14.22 -17.59 27.97
C TYR G 218 15.33 -17.43 29.02
N ASN G 219 15.29 -18.30 30.06
CA ASN G 219 16.24 -18.35 31.18
C ASN G 219 17.04 -19.67 31.21
N GLN G 220 17.97 -19.79 32.18
CA GLN G 220 18.87 -20.94 32.41
C GLN G 220 18.25 -22.31 32.20
N LYS G 221 17.05 -22.52 32.79
CA LYS G 221 16.28 -23.77 32.88
C LYS G 221 16.01 -24.45 31.55
N VAL G 222 15.98 -23.66 30.48
CA VAL G 222 15.82 -24.12 29.10
C VAL G 222 17.00 -25.05 28.75
N ASP G 223 18.24 -24.63 29.08
CA ASP G 223 19.46 -25.40 28.84
C ASP G 223 19.51 -26.67 29.69
N LEU G 224 19.02 -26.59 30.93
CA LEU G 224 19.03 -27.72 31.87
C LEU G 224 18.04 -28.82 31.52
N PHE G 225 16.96 -28.49 30.79
CA PHE G 225 16.01 -29.51 30.35
C PHE G 225 16.72 -30.35 29.29
N SER G 226 17.37 -29.66 28.32
CA SER G 226 18.11 -30.26 27.22
C SER G 226 19.17 -31.23 27.77
N LEU G 227 19.95 -30.78 28.76
CA LEU G 227 20.98 -31.59 29.40
C LEU G 227 20.38 -32.87 30.06
N GLY G 228 19.14 -32.80 30.54
CA GLY G 228 18.45 -33.95 31.11
C GLY G 228 18.23 -35.02 30.05
N ILE G 229 17.88 -34.59 28.81
CA ILE G 229 17.64 -35.47 27.64
C ILE G 229 18.96 -36.09 27.20
N ILE G 230 20.02 -35.25 27.13
CA ILE G 230 21.40 -35.61 26.74
C ILE G 230 22.03 -36.61 27.77
N PHE G 231 21.76 -36.44 29.05
CA PHE G 231 22.31 -37.33 30.08
C PHE G 231 21.65 -38.72 30.06
N PHE G 232 20.36 -38.77 29.67
CA PHE G 232 19.68 -40.04 29.51
C PHE G 232 20.35 -40.80 28.37
N GLU G 233 20.54 -40.13 27.22
CA GLU G 233 21.18 -40.70 26.02
C GLU G 233 22.61 -41.21 26.31
N MET G 234 23.37 -40.43 27.09
CA MET G 234 24.72 -40.78 27.50
C MET G 234 24.70 -42.03 28.41
N SER G 235 23.59 -42.25 29.19
CA SER G 235 23.39 -43.34 30.16
C SER G 235 22.69 -44.60 29.62
N TYR G 236 22.03 -44.48 28.45
CA TYR G 236 21.28 -45.57 27.78
C TYR G 236 22.07 -46.10 26.58
N HIS G 237 21.77 -47.34 26.10
CA HIS G 237 22.50 -47.88 24.95
C HIS G 237 22.23 -47.06 23.69
N PRO G 238 23.13 -47.08 22.66
CA PRO G 238 22.83 -46.36 21.41
C PRO G 238 21.51 -46.89 20.84
N MET G 239 20.59 -45.99 20.49
CA MET G 239 19.30 -46.39 19.93
C MET G 239 19.45 -46.39 18.41
N VAL G 240 19.61 -47.61 17.86
CA VAL G 240 19.87 -47.95 16.46
C VAL G 240 18.96 -47.24 15.45
N THR G 241 17.70 -47.71 15.31
CA THR G 241 16.71 -47.11 14.40
C THR G 241 16.24 -45.77 14.96
N ALA G 242 15.87 -44.82 14.07
CA ALA G 242 15.35 -43.50 14.45
C ALA G 242 14.05 -43.69 15.23
N SER G 243 13.25 -44.71 14.85
CA SER G 243 11.98 -45.10 15.46
C SER G 243 12.12 -45.38 16.97
N GLU G 244 13.29 -45.95 17.38
CA GLU G 244 13.64 -46.28 18.76
C GLU G 244 13.93 -45.00 19.56
N ARG G 245 14.76 -44.08 19.00
CA ARG G 245 15.14 -42.80 19.61
C ARG G 245 13.91 -41.93 19.84
N ILE G 246 13.11 -41.73 18.79
CA ILE G 246 11.87 -40.94 18.79
C ILE G 246 10.90 -41.44 19.88
N PHE G 247 10.67 -42.76 19.95
CA PHE G 247 9.75 -43.37 20.91
C PHE G 247 10.23 -43.25 22.34
N VAL G 248 11.46 -43.70 22.62
CA VAL G 248 12.06 -43.72 23.96
C VAL G 248 12.23 -42.31 24.54
N LEU G 249 12.72 -41.34 23.74
CA LEU G 249 12.91 -39.96 24.19
C LEU G 249 11.61 -39.24 24.41
N ASN G 250 10.52 -39.63 23.66
CA ASN G 250 9.19 -39.05 23.84
C ASN G 250 8.48 -39.58 25.08
N GLN G 251 8.76 -40.83 25.47
CA GLN G 251 8.22 -41.50 26.66
C GLN G 251 8.75 -40.77 27.89
N LEU G 252 10.01 -40.33 27.81
CA LEU G 252 10.77 -39.60 28.81
C LEU G 252 10.21 -38.20 28.97
N ARG G 253 9.95 -37.52 27.83
CA ARG G 253 9.42 -36.15 27.77
C ARG G 253 7.95 -36.03 28.16
N ASP G 254 7.15 -37.12 27.98
CA ASP G 254 5.71 -37.10 28.26
C ASP G 254 5.42 -37.37 29.72
N SER G 257 2.32 -37.63 31.81
CA SER G 257 2.82 -38.78 32.57
C SER G 257 4.08 -39.42 31.91
N PRO G 258 5.30 -39.25 32.50
CA PRO G 258 6.49 -39.84 31.87
C PRO G 258 6.72 -41.31 32.25
N LYS G 259 7.73 -41.96 31.62
CA LYS G 259 8.13 -43.34 31.85
C LYS G 259 9.55 -43.61 31.33
N PHE G 260 10.41 -44.22 32.16
CA PHE G 260 11.77 -44.60 31.78
C PHE G 260 11.70 -45.99 31.11
N PRO G 261 12.60 -46.34 30.16
CA PRO G 261 12.51 -47.68 29.53
C PRO G 261 12.75 -48.82 30.52
N GLU G 262 12.04 -49.96 30.33
CA GLU G 262 12.10 -51.15 31.18
C GLU G 262 13.53 -51.63 31.49
N ASP G 263 14.40 -51.64 30.46
CA ASP G 263 15.81 -52.04 30.58
C ASP G 263 16.65 -51.07 31.41
N PHE G 264 16.23 -49.79 31.48
CA PHE G 264 16.91 -48.75 32.27
C PHE G 264 16.38 -48.83 33.71
N ASP G 265 16.83 -49.85 34.47
CA ASP G 265 16.39 -50.19 35.82
C ASP G 265 17.05 -49.38 36.96
N ASP G 266 16.35 -49.29 38.11
CA ASP G 266 16.79 -48.60 39.33
C ASP G 266 17.90 -49.36 40.07
N GLY G 267 17.97 -50.68 39.86
CA GLY G 267 18.97 -51.54 40.49
C GLY G 267 20.38 -51.44 39.91
N GLU G 268 20.59 -50.53 38.95
CA GLU G 268 21.86 -50.26 38.28
C GLU G 268 21.96 -48.77 37.92
N HIS G 269 20.81 -48.14 37.62
CA HIS G 269 20.74 -46.73 37.24
C HIS G 269 19.86 -45.93 38.20
N ALA G 270 20.23 -45.86 39.49
CA ALA G 270 19.45 -45.12 40.48
C ALA G 270 19.76 -43.63 40.48
N LYS G 271 21.05 -43.26 40.68
CA LYS G 271 21.51 -41.85 40.73
C LYS G 271 21.23 -41.10 39.41
N GLN G 272 21.35 -41.81 38.27
CA GLN G 272 21.10 -41.26 36.92
C GLN G 272 19.62 -40.94 36.73
N LYS G 273 18.71 -41.89 37.05
CA LYS G 273 17.24 -41.73 36.98
C LYS G 273 16.76 -40.51 37.78
N SER G 274 17.42 -40.20 38.93
CA SER G 274 17.07 -39.07 39.80
C SER G 274 17.49 -37.76 39.15
N VAL G 275 18.76 -37.68 38.68
CA VAL G 275 19.32 -36.52 37.99
C VAL G 275 18.51 -36.22 36.73
N ILE G 276 18.18 -37.27 35.94
CA ILE G 276 17.42 -37.16 34.69
C ILE G 276 16.03 -36.56 34.96
N SER G 277 15.26 -37.15 35.90
CA SER G 277 13.92 -36.69 36.31
C SER G 277 13.93 -35.31 36.94
N TRP G 278 14.97 -34.99 37.74
CA TRP G 278 15.11 -33.66 38.35
C TRP G 278 15.24 -32.55 37.27
N LEU G 279 16.13 -32.78 36.28
CA LEU G 279 16.35 -31.87 35.15
C LEU G 279 15.16 -31.84 34.16
N LEU G 280 14.36 -32.91 34.12
CA LEU G 280 13.24 -33.01 33.16
C LEU G 280 11.89 -32.55 33.70
N ASN G 281 11.83 -32.01 34.94
CA ASN G 281 10.57 -31.51 35.50
C ASN G 281 9.95 -30.47 34.54
N HIS G 282 8.61 -30.58 34.31
CA HIS G 282 7.90 -29.70 33.38
C HIS G 282 7.95 -28.21 33.74
N ASP G 283 7.93 -27.91 35.05
CA ASP G 283 8.01 -26.54 35.55
C ASP G 283 9.49 -26.14 35.78
N PRO G 284 10.00 -25.11 35.04
CA PRO G 284 11.39 -24.69 35.22
C PRO G 284 11.88 -24.48 36.66
N ALA G 285 10.99 -24.02 37.57
CA ALA G 285 11.34 -23.76 38.98
C ALA G 285 11.71 -25.01 39.77
N LYS G 286 11.15 -26.17 39.41
CA LYS G 286 11.45 -27.43 40.11
C LYS G 286 12.77 -28.09 39.62
N ARG G 287 13.31 -27.60 38.47
CA ARG G 287 14.57 -28.04 37.84
C ARG G 287 15.73 -27.41 38.60
N PRO G 288 16.92 -28.06 38.70
CA PRO G 288 18.06 -27.39 39.36
C PRO G 288 18.81 -26.43 38.44
N THR G 289 19.66 -25.56 39.04
CA THR G 289 20.57 -24.71 38.28
C THR G 289 21.79 -25.62 38.12
N ALA G 290 22.70 -25.29 37.20
CA ALA G 290 23.91 -26.12 37.01
C ALA G 290 24.80 -26.16 38.27
N THR G 291 24.97 -25.02 39.01
CA THR G 291 25.82 -25.01 40.24
C THR G 291 25.19 -25.79 41.39
N GLU G 292 23.85 -25.68 41.53
CA GLU G 292 23.00 -26.41 42.48
C GLU G 292 23.25 -27.92 42.31
N LEU G 293 23.18 -28.42 41.05
CA LEU G 293 23.42 -29.84 40.74
C LEU G 293 24.86 -30.24 41.01
N LEU G 294 25.83 -29.34 40.74
CA LEU G 294 27.26 -29.55 41.04
C LEU G 294 27.48 -29.63 42.57
N LYS G 295 26.70 -28.86 43.35
CA LYS G 295 26.72 -28.83 44.82
C LYS G 295 25.59 -29.75 45.34
N SER G 296 25.67 -31.06 45.00
CA SER G 296 24.69 -32.09 45.37
C SER G 296 25.31 -33.50 45.41
N GLU G 297 24.85 -34.33 46.36
CA GLU G 297 25.30 -35.71 46.58
C GLU G 297 24.99 -36.69 45.41
N LEU G 298 24.08 -36.29 44.49
CA LEU G 298 23.67 -37.09 43.32
C LEU G 298 24.79 -37.33 42.31
N LEU G 299 25.76 -36.41 42.26
CA LEU G 299 26.94 -36.45 41.40
C LEU G 299 28.15 -37.03 42.17
N PRO G 300 28.82 -38.05 41.60
CA PRO G 300 30.01 -38.59 42.27
C PRO G 300 31.22 -37.66 42.09
N PRO G 301 32.11 -37.55 43.11
CA PRO G 301 33.28 -36.67 42.99
C PRO G 301 34.18 -36.95 41.78
N PRO G 302 35.01 -35.95 41.34
CA PRO G 302 35.90 -36.21 40.22
C PRO G 302 37.02 -37.21 40.52
N GLN G 303 37.36 -37.99 39.49
CA GLN G 303 38.36 -39.07 39.50
C GLN G 303 39.38 -38.90 38.37
N MET G 304 40.57 -39.49 38.55
CA MET G 304 41.62 -39.56 37.53
C MET G 304 41.16 -40.70 36.58
N GLU G 305 40.88 -40.40 35.30
CA GLU G 305 40.42 -41.45 34.38
C GLU G 305 41.53 -42.39 33.92
N SER H 8 -21.79 1.21 -5.98
CA SER H 8 -22.47 0.61 -4.82
C SER H 8 -21.43 0.13 -3.79
N ARG H 9 -21.55 0.61 -2.53
CA ARG H 9 -20.69 0.25 -1.41
C ARG H 9 -20.86 -1.24 -1.09
N TYR H 10 -22.11 -1.71 -1.15
CA TYR H 10 -22.46 -3.11 -0.92
C TYR H 10 -21.66 -4.11 -1.79
N PHE H 11 -21.75 -4.00 -3.14
CA PHE H 11 -21.09 -4.91 -4.08
C PHE H 11 -19.56 -4.67 -4.19
N ILE H 12 -19.10 -3.47 -3.86
CA ILE H 12 -17.68 -3.16 -3.84
C ILE H 12 -16.99 -3.69 -2.57
N GLU H 13 -17.63 -3.57 -1.38
CA GLU H 13 -16.95 -3.92 -0.12
C GLU H 13 -17.21 -5.35 0.37
N PHE H 14 -18.33 -5.92 -0.01
CA PHE H 14 -18.76 -7.24 0.42
C PHE H 14 -18.92 -8.24 -0.70
N GLU H 15 -18.61 -9.52 -0.42
CA GLU H 15 -18.85 -10.62 -1.35
C GLU H 15 -20.10 -11.35 -0.79
N GLU H 16 -21.09 -11.61 -1.67
CA GLU H 16 -22.28 -12.30 -1.22
C GLU H 16 -21.94 -13.76 -0.95
N LEU H 17 -22.35 -14.28 0.20
CA LEU H 17 -22.07 -15.69 0.50
C LEU H 17 -23.32 -16.53 0.36
N GLN H 18 -24.45 -16.09 0.93
CA GLN H 18 -25.70 -16.83 0.96
C GLN H 18 -26.86 -15.97 1.39
N LEU H 19 -28.03 -16.24 0.81
CA LEU H 19 -29.25 -15.54 1.18
C LEU H 19 -29.76 -16.22 2.45
N LEU H 20 -30.05 -15.45 3.52
CA LEU H 20 -30.51 -16.04 4.79
C LEU H 20 -32.01 -15.95 4.93
N GLY H 21 -32.61 -14.96 4.28
CA GLY H 21 -34.05 -14.71 4.31
C GLY H 21 -34.47 -13.70 3.27
N LYS H 22 -35.72 -13.80 2.83
CA LYS H 22 -36.30 -12.89 1.84
C LYS H 22 -37.78 -12.72 2.13
N GLY H 23 -38.20 -11.47 2.19
CA GLY H 23 -39.57 -11.06 2.41
C GLY H 23 -40.09 -10.22 1.27
N ALA H 24 -41.34 -9.73 1.41
CA ALA H 24 -41.99 -8.89 0.39
C ALA H 24 -41.23 -7.56 0.28
N PHE H 25 -40.87 -6.96 1.44
CA PHE H 25 -40.16 -5.69 1.53
C PHE H 25 -38.84 -5.84 2.34
N GLY H 26 -38.03 -6.82 1.97
CA GLY H 26 -36.75 -7.10 2.63
C GLY H 26 -36.05 -8.38 2.25
N ALA H 27 -34.78 -8.49 2.68
CA ALA H 27 -33.90 -9.62 2.44
C ALA H 27 -32.70 -9.53 3.39
N VAL H 28 -32.35 -10.67 4.02
CA VAL H 28 -31.18 -10.81 4.89
C VAL H 28 -30.16 -11.64 4.09
N ILE H 29 -28.95 -11.12 3.91
CA ILE H 29 -27.88 -11.76 3.16
C ILE H 29 -26.62 -11.96 4.02
N LYS H 30 -26.07 -13.20 4.04
CA LYS H 30 -24.80 -13.50 4.71
C LYS H 30 -23.74 -13.04 3.73
N VAL H 31 -22.89 -12.11 4.15
CA VAL H 31 -21.82 -11.57 3.28
C VAL H 31 -20.45 -11.70 3.94
N GLN H 32 -19.38 -11.46 3.18
CA GLN H 32 -18.02 -11.42 3.69
C GLN H 32 -17.43 -10.06 3.31
N ASN H 33 -16.84 -9.38 4.31
CA ASN H 33 -16.18 -8.11 4.09
C ASN H 33 -14.83 -8.41 3.44
N LYS H 34 -14.61 -7.86 2.26
CA LYS H 34 -13.38 -8.06 1.50
C LYS H 34 -12.15 -7.58 2.24
N LEU H 35 -12.28 -6.61 3.12
CA LEU H 35 -11.14 -6.06 3.83
C LEU H 35 -10.85 -6.76 5.18
N ASP H 36 -11.78 -6.71 6.16
CA ASP H 36 -11.49 -7.28 7.48
C ASP H 36 -11.56 -8.85 7.49
N GLY H 37 -12.20 -9.45 6.50
CA GLY H 37 -12.31 -10.90 6.35
C GLY H 37 -13.52 -11.52 7.01
N CYS H 38 -14.21 -10.78 7.89
CA CYS H 38 -15.38 -11.24 8.66
C CYS H 38 -16.62 -11.49 7.84
N CYS H 39 -17.52 -12.28 8.41
CA CYS H 39 -18.85 -12.56 7.89
C CYS H 39 -19.86 -11.71 8.64
N TYR H 40 -20.84 -11.18 7.91
CA TYR H 40 -21.91 -10.33 8.43
C TYR H 40 -23.23 -10.74 7.87
N ALA H 41 -24.32 -10.36 8.56
CA ALA H 41 -25.70 -10.53 8.12
C ALA H 41 -26.13 -9.13 7.77
N VAL H 42 -26.41 -8.92 6.48
CA VAL H 42 -26.83 -7.63 5.97
C VAL H 42 -28.30 -7.69 5.68
N LYS H 43 -29.09 -6.75 6.24
CA LYS H 43 -30.51 -6.61 5.94
C LYS H 43 -30.64 -5.47 4.96
N ARG H 44 -31.28 -5.74 3.82
CA ARG H 44 -31.49 -4.72 2.81
C ARG H 44 -32.98 -4.50 2.71
N ILE H 45 -33.40 -3.24 2.88
CA ILE H 45 -34.80 -2.83 2.92
C ILE H 45 -35.06 -1.78 1.85
N PRO H 46 -36.12 -1.93 1.01
CA PRO H 46 -36.46 -0.84 0.07
C PRO H 46 -37.06 0.31 0.89
N ILE H 47 -36.62 1.55 0.64
CA ILE H 47 -37.16 2.69 1.41
C ILE H 47 -37.62 3.84 0.50
N ASN H 48 -38.48 4.71 1.08
CA ASN H 48 -38.98 5.96 0.51
C ASN H 48 -38.44 7.02 1.50
N PRO H 49 -37.32 7.71 1.17
CA PRO H 49 -36.75 8.71 2.10
C PRO H 49 -37.71 9.81 2.54
N ALA H 50 -38.71 10.13 1.70
CA ALA H 50 -39.72 11.13 2.00
C ALA H 50 -41.07 10.42 2.23
N SER H 51 -41.15 9.66 3.33
CA SER H 51 -42.34 8.92 3.78
C SER H 51 -42.36 8.83 5.31
N ARG H 52 -43.53 8.52 5.90
CA ARG H 52 -43.68 8.39 7.34
C ARG H 52 -43.01 7.12 7.88
N GLN H 53 -43.19 5.97 7.20
CA GLN H 53 -42.59 4.71 7.67
C GLN H 53 -41.07 4.80 7.81
N PHE H 54 -40.38 5.47 6.85
CA PHE H 54 -38.93 5.66 6.88
C PHE H 54 -38.45 6.43 8.12
N ARG H 55 -39.30 7.33 8.67
CA ARG H 55 -38.99 8.07 9.90
C ARG H 55 -38.90 7.08 11.05
N ARG H 56 -39.79 6.06 11.10
CA ARG H 56 -39.73 5.00 12.12
C ARG H 56 -38.51 4.10 11.92
N ILE H 57 -38.15 3.77 10.64
CA ILE H 57 -37.00 2.93 10.27
C ILE H 57 -35.72 3.61 10.72
N LYS H 58 -35.55 4.91 10.37
CA LYS H 58 -34.38 5.69 10.73
C LYS H 58 -34.29 5.76 12.25
N GLY H 59 -35.44 5.95 12.90
CA GLY H 59 -35.58 5.97 14.34
C GLY H 59 -35.05 4.68 14.95
N GLU H 60 -35.43 3.52 14.35
CA GLU H 60 -35.02 2.18 14.79
C GLU H 60 -33.53 1.95 14.59
N VAL H 61 -32.96 2.47 13.48
CA VAL H 61 -31.53 2.41 13.19
C VAL H 61 -30.79 3.14 14.34
N THR H 62 -31.30 4.34 14.71
CA THR H 62 -30.79 5.19 15.79
C THR H 62 -30.89 4.50 17.15
N LEU H 63 -32.01 3.82 17.42
CA LEU H 63 -32.21 3.10 18.68
C LEU H 63 -31.22 1.98 18.79
N LEU H 64 -31.02 1.23 17.68
CA LEU H 64 -30.12 0.11 17.51
C LEU H 64 -28.67 0.51 17.71
N SER H 65 -28.23 1.63 17.14
CA SER H 65 -26.85 2.08 17.27
C SER H 65 -26.48 2.50 18.70
N ARG H 66 -27.49 2.77 19.53
CA ARG H 66 -27.27 3.21 20.90
C ARG H 66 -27.02 2.06 21.87
N LEU H 67 -27.26 0.80 21.42
CA LEU H 67 -27.16 -0.45 22.21
C LEU H 67 -25.77 -1.06 22.24
N HIS H 68 -25.38 -1.67 23.38
CA HIS H 68 -24.08 -2.30 23.55
C HIS H 68 -24.18 -3.35 24.68
N HIS H 69 -24.42 -4.60 24.31
CA HIS H 69 -24.55 -5.72 25.26
C HIS H 69 -24.17 -7.01 24.58
N GLU H 70 -23.64 -7.95 25.38
CA GLU H 70 -23.22 -9.28 24.96
C GLU H 70 -24.39 -10.17 24.51
N ASN H 71 -25.65 -9.92 24.93
CA ASN H 71 -26.78 -10.80 24.54
C ASN H 71 -27.74 -10.16 23.55
N ILE H 72 -27.21 -9.23 22.78
CA ILE H 72 -27.90 -8.43 21.76
C ILE H 72 -27.04 -8.62 20.45
N VAL H 73 -27.64 -8.82 19.29
CA VAL H 73 -26.92 -8.93 18.00
C VAL H 73 -26.06 -7.65 17.81
N ARG H 74 -24.75 -7.75 17.50
CA ARG H 74 -23.83 -6.59 17.36
C ARG H 74 -24.04 -5.84 16.05
N TYR H 75 -24.23 -4.52 16.13
CA TYR H 75 -24.46 -3.62 15.00
C TYR H 75 -23.15 -3.04 14.47
N TYR H 76 -23.00 -2.97 13.14
CA TYR H 76 -21.74 -2.44 12.58
C TYR H 76 -21.91 -1.16 11.84
N ASN H 77 -22.82 -1.11 10.88
CA ASN H 77 -23.03 0.07 10.04
C ASN H 77 -24.44 0.02 9.46
N ALA H 78 -24.91 1.14 8.92
CA ALA H 78 -26.20 1.33 8.25
C ALA H 78 -25.97 2.42 7.22
N TRP H 79 -26.41 2.21 5.97
CA TRP H 79 -26.23 3.17 4.87
C TRP H 79 -27.37 3.08 3.84
N ILE H 80 -27.42 4.05 2.94
CA ILE H 80 -28.47 4.18 1.93
C ILE H 80 -27.83 4.26 0.54
N GLU H 81 -28.38 3.49 -0.41
CA GLU H 81 -27.91 3.46 -1.79
C GLU H 81 -29.10 3.75 -2.70
N ARG H 82 -28.90 4.62 -3.71
CA ARG H 82 -29.93 4.97 -4.70
C ARG H 82 -29.69 4.12 -5.92
N HIS H 83 -30.63 3.22 -6.24
CA HIS H 83 -30.58 2.32 -7.39
C HIS H 83 -31.95 2.27 -8.08
N VAL H 93 -35.11 3.92 -6.94
CA VAL H 93 -35.42 3.45 -5.58
C VAL H 93 -34.22 3.53 -4.63
N HIS H 94 -34.49 3.78 -3.34
CA HIS H 94 -33.46 3.85 -2.32
C HIS H 94 -33.51 2.60 -1.44
N TYR H 95 -32.33 2.00 -1.18
CA TYR H 95 -32.20 0.82 -0.33
C TYR H 95 -31.41 1.12 0.93
N LEU H 96 -31.98 0.76 2.08
CA LEU H 96 -31.32 0.88 3.37
C LEU H 96 -30.64 -0.47 3.67
N TYR H 97 -29.33 -0.42 3.95
CA TYR H 97 -28.55 -1.60 4.31
C TYR H 97 -28.16 -1.51 5.75
N ILE H 98 -28.38 -2.58 6.52
CA ILE H 98 -27.99 -2.63 7.92
C ILE H 98 -27.02 -3.79 8.10
N GLN H 99 -25.74 -3.50 8.37
CA GLN H 99 -24.73 -4.53 8.59
C GLN H 99 -24.62 -4.93 10.10
N MET H 100 -24.97 -6.20 10.42
CA MET H 100 -24.99 -6.80 11.76
C MET H 100 -24.02 -7.97 11.83
N GLU H 101 -23.82 -8.54 13.03
CA GLU H 101 -22.98 -9.73 13.15
C GLU H 101 -23.72 -10.90 12.53
N TYR H 102 -22.96 -11.87 12.01
CA TYR H 102 -23.50 -13.11 11.51
C TYR H 102 -23.42 -14.08 12.68
N CYS H 103 -24.54 -14.73 12.98
CA CYS H 103 -24.63 -15.72 14.03
C CYS H 103 -24.63 -17.10 13.43
N GLU H 104 -23.48 -17.77 13.63
CA GLU H 104 -23.07 -19.08 13.13
C GLU H 104 -24.00 -20.21 13.51
N LYS H 105 -24.48 -20.26 14.75
CA LYS H 105 -25.37 -21.32 15.20
C LYS H 105 -26.84 -21.04 14.83
N SER H 106 -27.09 -20.03 13.98
CA SER H 106 -28.43 -19.66 13.51
C SER H 106 -29.36 -19.18 14.65
N THR H 107 -30.60 -19.69 14.71
CA THR H 107 -31.61 -19.23 15.68
C THR H 107 -31.88 -20.19 16.82
N LEU H 108 -32.64 -19.70 17.83
CA LEU H 108 -33.11 -20.47 18.97
C LEU H 108 -34.10 -21.55 18.52
N ARG H 109 -34.88 -21.26 17.46
CA ARG H 109 -35.83 -22.21 16.86
C ARG H 109 -35.08 -23.51 16.48
N ASP H 110 -33.96 -23.39 15.73
CA ASP H 110 -33.11 -24.50 15.32
C ASP H 110 -32.68 -25.36 16.52
N THR H 111 -32.25 -24.70 17.63
CA THR H 111 -31.82 -25.32 18.89
C THR H 111 -32.99 -25.99 19.62
N ILE H 112 -34.19 -25.34 19.65
CA ILE H 112 -35.39 -25.91 20.28
C ILE H 112 -35.78 -27.22 19.60
N ASP H 113 -35.89 -27.21 18.25
CA ASP H 113 -36.23 -28.35 17.40
C ASP H 113 -35.17 -29.47 17.40
N GLN H 114 -33.89 -29.14 17.68
CA GLN H 114 -32.77 -30.08 17.74
C GLN H 114 -32.72 -30.88 19.05
N GLY H 115 -33.55 -30.50 20.04
CA GLY H 115 -33.63 -31.20 21.31
C GLY H 115 -33.14 -30.51 22.56
N LEU H 116 -33.21 -29.16 22.60
CA LEU H 116 -32.80 -28.35 23.76
C LEU H 116 -33.32 -28.85 25.13
N TYR H 117 -34.62 -29.19 25.22
CA TYR H 117 -35.32 -29.62 26.45
C TYR H 117 -34.58 -30.70 27.27
N ARG H 118 -33.83 -31.57 26.60
CA ARG H 118 -33.02 -32.63 27.19
C ARG H 118 -31.80 -32.04 27.93
N ASP H 119 -31.16 -30.99 27.37
CA ASP H 119 -29.98 -30.39 28.01
C ASP H 119 -30.36 -29.31 29.05
N THR H 120 -30.58 -29.74 30.32
CA THR H 120 -31.02 -28.87 31.45
C THR H 120 -30.10 -27.69 31.74
N VAL H 121 -28.77 -27.92 31.82
CA VAL H 121 -27.75 -26.88 32.10
C VAL H 121 -27.76 -25.81 31.00
N ARG H 122 -27.78 -26.24 29.73
CA ARG H 122 -27.79 -25.35 28.56
C ARG H 122 -29.06 -24.49 28.55
N LEU H 123 -30.23 -25.14 28.68
CA LEU H 123 -31.59 -24.60 28.73
C LEU H 123 -31.68 -23.44 29.71
N TRP H 124 -31.15 -23.61 30.94
CA TRP H 124 -31.15 -22.52 31.92
C TRP H 124 -30.12 -21.46 31.58
N ARG H 125 -28.99 -21.82 30.94
CA ARG H 125 -28.01 -20.80 30.56
C ARG H 125 -28.61 -19.90 29.49
N LEU H 126 -29.20 -20.51 28.43
CA LEU H 126 -29.83 -19.75 27.34
C LEU H 126 -30.96 -18.89 27.87
N PHE H 127 -31.73 -19.38 28.84
CA PHE H 127 -32.81 -18.58 29.44
C PHE H 127 -32.29 -17.36 30.18
N ARG H 128 -31.24 -17.53 31.03
CA ARG H 128 -30.62 -16.41 31.73
C ARG H 128 -30.05 -15.37 30.73
N GLU H 129 -29.51 -15.85 29.58
CA GLU H 129 -28.94 -14.99 28.54
C GLU H 129 -29.98 -14.09 27.85
N ILE H 130 -31.16 -14.63 27.47
CA ILE H 130 -32.28 -13.85 26.92
C ILE H 130 -32.68 -12.81 27.98
N LEU H 131 -32.81 -13.22 29.27
CA LEU H 131 -33.17 -12.33 30.39
C LEU H 131 -32.21 -11.17 30.53
N ASP H 132 -30.87 -11.44 30.49
CA ASP H 132 -29.84 -10.39 30.60
C ASP H 132 -29.97 -9.38 29.45
N GLY H 133 -30.11 -9.88 28.21
CA GLY H 133 -30.25 -9.04 27.02
C GLY H 133 -31.55 -8.26 27.02
N LEU H 134 -32.66 -8.91 27.42
CA LEU H 134 -33.99 -8.27 27.53
C LEU H 134 -33.97 -7.20 28.61
N ALA H 135 -33.42 -7.51 29.83
CA ALA H 135 -33.29 -6.56 30.94
C ALA H 135 -32.47 -5.33 30.52
N TYR H 136 -31.50 -5.53 29.64
CA TYR H 136 -30.69 -4.44 29.13
C TYR H 136 -31.54 -3.58 28.20
N ILE H 137 -32.28 -4.21 27.27
CA ILE H 137 -33.15 -3.48 26.34
C ILE H 137 -34.12 -2.56 27.14
N HIS H 138 -34.80 -3.14 28.15
CA HIS H 138 -35.73 -2.43 29.04
C HIS H 138 -35.05 -1.35 29.86
N GLU H 139 -33.83 -1.59 30.36
CA GLU H 139 -33.09 -0.62 31.15
C GLU H 139 -32.82 0.63 30.32
N LYS H 140 -32.53 0.42 29.01
CA LYS H 140 -32.24 1.49 28.04
C LYS H 140 -33.52 2.15 27.52
N GLY H 141 -34.64 1.82 28.17
CA GLY H 141 -35.97 2.36 27.90
C GLY H 141 -36.53 1.94 26.57
N MET H 142 -36.35 0.65 26.22
CA MET H 142 -36.83 0.12 24.96
C MET H 142 -37.66 -1.11 25.16
N ILE H 143 -38.45 -1.45 24.13
CA ILE H 143 -39.36 -2.60 24.07
C ILE H 143 -39.06 -3.31 22.75
N HIS H 144 -39.09 -4.66 22.78
CA HIS H 144 -38.81 -5.47 21.59
C HIS H 144 -40.05 -5.60 20.72
N ARG H 145 -41.13 -6.07 21.32
CA ARG H 145 -42.42 -6.26 20.70
C ARG H 145 -42.58 -7.50 19.83
N ASN H 146 -41.47 -8.03 19.33
CA ASN H 146 -41.47 -9.17 18.43
C ASN H 146 -40.61 -10.36 18.82
N LEU H 147 -40.56 -10.67 20.09
CA LEU H 147 -39.75 -11.74 20.63
C LEU H 147 -40.25 -13.14 20.37
N LYS H 148 -39.55 -13.87 19.52
CA LYS H 148 -39.85 -15.25 19.19
C LYS H 148 -38.57 -15.98 18.90
N PRO H 149 -38.57 -17.32 19.01
CA PRO H 149 -37.33 -18.08 18.78
C PRO H 149 -36.62 -17.82 17.44
N VAL H 150 -37.34 -17.48 16.37
CA VAL H 150 -36.70 -17.13 15.10
C VAL H 150 -35.96 -15.74 15.15
N ASN H 151 -36.22 -14.91 16.18
CA ASN H 151 -35.63 -13.58 16.35
C ASN H 151 -34.55 -13.54 17.45
N ILE H 152 -34.19 -14.73 17.98
CA ILE H 152 -33.15 -14.93 18.95
C ILE H 152 -32.16 -15.80 18.25
N PHE H 153 -30.91 -15.42 18.31
CA PHE H 153 -29.84 -16.04 17.56
C PHE H 153 -28.80 -16.59 18.46
N LEU H 154 -27.98 -17.50 17.95
CA LEU H 154 -26.91 -18.12 18.70
C LEU H 154 -25.57 -17.98 17.97
N ASP H 155 -24.54 -17.53 18.69
CA ASP H 155 -23.22 -17.38 18.09
C ASP H 155 -22.45 -18.70 18.20
N SER H 156 -21.25 -18.75 17.63
CA SER H 156 -20.41 -19.95 17.67
C SER H 156 -20.01 -20.39 19.10
N ASP H 157 -20.11 -19.50 20.11
CA ASP H 157 -19.75 -19.84 21.50
C ASP H 157 -21.01 -20.23 22.28
N ASP H 158 -22.13 -20.42 21.55
CA ASP H 158 -23.44 -20.80 22.06
C ASP H 158 -24.07 -19.71 22.94
N HIS H 159 -23.74 -18.44 22.67
CA HIS H 159 -24.34 -17.33 23.42
C HIS H 159 -25.51 -16.77 22.65
N VAL H 160 -26.60 -16.40 23.39
CA VAL H 160 -27.84 -15.80 22.87
C VAL H 160 -27.52 -14.37 22.34
N LYS H 161 -28.06 -14.01 21.19
CA LYS H 161 -27.98 -12.65 20.61
C LYS H 161 -29.42 -12.31 20.14
N ILE H 162 -30.17 -11.52 20.93
CA ILE H 162 -31.54 -11.13 20.59
C ILE H 162 -31.52 -10.13 19.43
N GLY H 163 -32.37 -10.37 18.42
CA GLY H 163 -32.57 -9.47 17.30
C GLY H 163 -32.96 -8.11 17.85
N ASP H 164 -32.28 -7.07 17.39
CA ASP H 164 -32.49 -5.73 17.89
C ASP H 164 -32.85 -4.70 16.79
N PHE H 165 -33.27 -5.17 15.60
CA PHE H 165 -33.74 -4.26 14.58
C PHE H 165 -35.27 -4.38 14.46
N GLY H 166 -35.95 -3.31 14.88
CA GLY H 166 -37.41 -3.18 14.91
C GLY H 166 -37.88 -2.77 16.29
N LEU H 167 -36.94 -2.25 17.11
CA LEU H 167 -37.13 -1.85 18.50
C LEU H 167 -38.00 -0.62 18.63
N ALA H 168 -38.61 -0.42 19.80
CA ALA H 168 -39.50 0.70 20.07
C ALA H 168 -39.14 1.34 21.43
N THR H 169 -39.55 2.59 21.68
CA THR H 169 -39.31 3.29 22.98
C THR H 169 -40.59 3.38 23.86
N ASP H 170 -40.51 4.08 25.04
CA ASP H 170 -41.60 4.36 26.00
C ASP H 170 -41.31 5.60 26.88
N HIS H 171 -40.00 5.95 27.01
CA HIS H 171 -39.48 7.10 27.76
C HIS H 171 -38.21 7.57 27.06
N ASP H 191 -40.16 -25.21 6.65
CA ASP H 191 -40.70 -26.47 7.16
C ASP H 191 -41.87 -26.97 6.29
N PRO H 192 -41.69 -28.10 5.54
CA PRO H 192 -42.80 -28.61 4.69
C PRO H 192 -43.97 -29.10 5.53
N SER H 193 -43.69 -29.62 6.74
CA SER H 193 -44.68 -30.00 7.74
C SER H 193 -44.75 -28.73 8.58
N GLY H 194 -45.86 -28.01 8.50
CA GLY H 194 -46.05 -26.72 9.17
C GLY H 194 -46.13 -26.81 10.68
N HIS H 195 -45.06 -27.35 11.31
CA HIS H 195 -44.97 -27.57 12.75
C HIS H 195 -44.99 -26.27 13.55
N LEU H 196 -44.57 -25.15 12.93
CA LEU H 196 -44.56 -23.81 13.52
C LEU H 196 -45.92 -23.10 13.39
N THR H 197 -46.86 -23.66 12.57
CA THR H 197 -48.25 -23.21 12.35
C THR H 197 -48.39 -21.76 11.84
N GLY H 198 -47.42 -21.32 11.03
CA GLY H 198 -47.39 -20.00 10.40
C GLY H 198 -47.80 -18.79 11.24
N MET H 199 -48.81 -18.05 10.76
CA MET H 199 -49.35 -16.85 11.41
C MET H 199 -49.95 -17.15 12.76
N VAL H 200 -50.72 -18.26 12.89
CA VAL H 200 -51.32 -18.66 14.17
C VAL H 200 -50.20 -18.97 15.15
N GLY H 201 -49.19 -19.71 14.69
CA GLY H 201 -48.00 -20.06 15.47
C GLY H 201 -47.20 -18.84 15.90
N THR H 202 -47.09 -17.82 15.03
CA THR H 202 -46.40 -16.56 15.36
C THR H 202 -47.25 -15.71 16.34
N ALA H 203 -48.60 -15.92 16.34
CA ALA H 203 -49.54 -15.20 17.21
C ALA H 203 -49.60 -15.75 18.65
N LEU H 204 -49.14 -16.99 18.88
CA LEU H 204 -49.17 -17.61 20.21
C LEU H 204 -48.11 -17.06 21.20
N TYR H 205 -47.24 -16.11 20.73
CA TYR H 205 -46.23 -15.41 21.54
C TYR H 205 -46.77 -14.05 21.99
N VAL H 206 -47.84 -13.57 21.33
CA VAL H 206 -48.43 -12.26 21.59
C VAL H 206 -49.22 -12.24 22.90
N SER H 207 -48.92 -11.25 23.74
CA SER H 207 -49.56 -11.05 25.04
C SER H 207 -51.09 -10.79 24.95
N PRO H 208 -51.91 -11.30 25.91
CA PRO H 208 -53.38 -11.07 25.84
C PRO H 208 -53.84 -9.61 25.80
N GLU H 209 -53.04 -8.69 26.38
CA GLU H 209 -53.28 -7.24 26.41
C GLU H 209 -53.07 -6.56 25.04
N VAL H 210 -52.50 -7.26 24.06
CA VAL H 210 -52.24 -6.70 22.72
C VAL H 210 -53.43 -6.99 21.79
N LYS H 215 -39.17 4.88 17.98
CA LYS H 215 -40.55 5.34 18.04
C LYS H 215 -41.34 4.60 19.13
N SER H 216 -42.36 5.26 19.72
CA SER H 216 -43.17 4.77 20.84
C SER H 216 -44.07 3.54 20.51
N ALA H 217 -44.61 2.80 21.54
CA ALA H 217 -45.38 1.56 21.34
C ALA H 217 -46.55 1.26 22.33
N TYR H 218 -46.29 0.26 23.25
CA TYR H 218 -47.14 -0.29 24.31
C TYR H 218 -46.27 -0.51 25.59
N ASN H 219 -46.14 -1.77 26.12
CA ASN H 219 -45.40 -2.01 27.37
C ASN H 219 -44.24 -3.03 27.33
N GLN H 220 -43.30 -2.93 28.31
CA GLN H 220 -42.15 -3.82 28.47
C GLN H 220 -42.54 -5.22 28.98
N LYS H 221 -43.73 -5.34 29.63
CA LYS H 221 -44.27 -6.60 30.18
C LYS H 221 -44.80 -7.48 29.06
N VAL H 222 -44.90 -6.91 27.85
CA VAL H 222 -45.31 -7.62 26.63
C VAL H 222 -44.23 -8.67 26.32
N ASP H 223 -42.93 -8.29 26.49
CA ASP H 223 -41.75 -9.14 26.23
C ASP H 223 -41.61 -10.25 27.24
N LEU H 224 -42.08 -10.03 28.44
CA LEU H 224 -42.01 -11.01 29.50
C LEU H 224 -43.04 -12.14 29.30
N PHE H 225 -44.21 -11.83 28.68
CA PHE H 225 -45.20 -12.83 28.31
C PHE H 225 -44.60 -13.75 27.24
N SER H 226 -44.11 -13.17 26.10
CA SER H 226 -43.52 -13.94 24.99
C SER H 226 -42.43 -14.87 25.50
N LEU H 227 -41.56 -14.37 26.39
CA LEU H 227 -40.45 -15.10 27.04
C LEU H 227 -40.93 -16.34 27.81
N GLY H 228 -42.13 -16.28 28.39
CA GLY H 228 -42.74 -17.41 29.09
C GLY H 228 -43.09 -18.54 28.15
N ILE H 229 -43.55 -18.20 26.93
CA ILE H 229 -43.89 -19.16 25.86
C ILE H 229 -42.60 -19.78 25.35
N ILE H 230 -41.58 -18.95 25.13
CA ILE H 230 -40.24 -19.34 24.64
C ILE H 230 -39.57 -20.29 25.63
N PHE H 231 -39.57 -19.95 26.93
CA PHE H 231 -38.99 -20.81 27.94
C PHE H 231 -39.73 -22.14 28.04
N PHE H 232 -41.07 -22.16 27.81
CA PHE H 232 -41.86 -23.41 27.76
C PHE H 232 -41.35 -24.29 26.63
N GLU H 233 -41.20 -23.73 25.41
CA GLU H 233 -40.73 -24.44 24.20
C GLU H 233 -39.30 -24.96 24.38
N MET H 234 -38.46 -24.14 25.01
CA MET H 234 -37.08 -24.49 25.35
C MET H 234 -37.12 -25.70 26.36
N SER H 235 -38.20 -25.82 27.17
CA SER H 235 -38.37 -26.85 28.22
C SER H 235 -39.19 -28.09 27.81
N TYR H 236 -39.81 -28.04 26.64
CA TYR H 236 -40.65 -29.10 26.10
C TYR H 236 -40.02 -29.70 24.84
N HIS H 237 -40.44 -30.92 24.49
CA HIS H 237 -39.95 -31.59 23.28
C HIS H 237 -40.37 -30.85 21.97
N PRO H 238 -39.65 -30.97 20.82
CA PRO H 238 -40.14 -30.32 19.59
C PRO H 238 -41.56 -30.80 19.25
N MET H 239 -42.40 -29.88 18.79
CA MET H 239 -43.79 -30.16 18.42
C MET H 239 -43.76 -30.36 16.92
N VAL H 240 -44.17 -31.56 16.44
CA VAL H 240 -44.00 -31.98 15.04
C VAL H 240 -45.21 -31.64 14.11
N THR H 241 -46.30 -31.07 14.62
CA THR H 241 -47.45 -30.70 13.77
C THR H 241 -48.03 -29.37 14.24
N ALA H 242 -48.66 -28.60 13.32
CA ALA H 242 -49.32 -27.34 13.64
C ALA H 242 -50.33 -27.55 14.78
N SER H 243 -51.21 -28.58 14.65
CA SER H 243 -52.25 -28.96 15.62
C SER H 243 -51.70 -29.19 17.02
N GLU H 244 -50.62 -29.98 17.15
CA GLU H 244 -49.92 -30.26 18.40
C GLU H 244 -49.50 -28.92 19.04
N ARG H 245 -48.83 -28.09 18.25
CA ARG H 245 -48.35 -26.80 18.70
C ARG H 245 -49.49 -25.87 19.16
N ILE H 246 -50.54 -25.67 18.30
CA ILE H 246 -51.71 -24.82 18.59
C ILE H 246 -52.38 -25.31 19.89
N PHE H 247 -52.64 -26.63 19.99
CA PHE H 247 -53.29 -27.23 21.16
C PHE H 247 -52.51 -27.00 22.45
N VAL H 248 -51.23 -27.43 22.49
CA VAL H 248 -50.31 -27.31 23.62
C VAL H 248 -50.17 -25.86 24.07
N LEU H 249 -49.90 -24.94 23.12
CA LEU H 249 -49.72 -23.53 23.45
C LEU H 249 -51.02 -22.79 23.83
N ASN H 250 -52.20 -23.18 23.30
CA ASN H 250 -53.45 -22.54 23.71
C ASN H 250 -53.89 -22.96 25.12
N GLN H 251 -53.65 -24.23 25.51
CA GLN H 251 -53.96 -24.72 26.85
C GLN H 251 -53.11 -24.02 27.90
N LEU H 252 -51.83 -23.82 27.58
CA LEU H 252 -50.87 -23.08 28.40
C LEU H 252 -51.30 -21.59 28.51
N ARG H 253 -52.05 -21.08 27.49
CA ARG H 253 -52.52 -19.69 27.40
C ARG H 253 -53.99 -19.44 27.77
N ASP H 254 -54.70 -20.42 28.36
CA ASP H 254 -56.12 -20.24 28.71
C ASP H 254 -56.38 -19.06 29.66
N PRO H 258 -51.49 -21.03 33.81
CA PRO H 258 -51.05 -21.89 32.70
C PRO H 258 -51.28 -23.38 32.92
N LYS H 259 -52.02 -24.02 31.99
CA LYS H 259 -52.30 -25.47 31.99
C LYS H 259 -51.19 -26.18 31.18
N PHE H 260 -50.31 -26.92 31.88
CA PHE H 260 -49.16 -27.62 31.30
C PHE H 260 -49.54 -28.98 30.70
N PRO H 261 -48.80 -29.54 29.71
CA PRO H 261 -49.18 -30.85 29.17
C PRO H 261 -48.79 -31.99 30.12
N GLU H 262 -49.39 -33.18 29.91
CA GLU H 262 -49.17 -34.37 30.74
C GLU H 262 -47.74 -34.92 30.69
N ASP H 263 -47.09 -34.87 29.50
CA ASP H 263 -45.73 -35.41 29.30
C ASP H 263 -44.61 -34.46 29.77
N PHE H 264 -45.00 -33.29 30.34
CA PHE H 264 -44.11 -32.30 30.94
C PHE H 264 -44.07 -32.69 32.42
N ASP H 265 -43.00 -33.41 32.82
CA ASP H 265 -42.80 -33.95 34.17
C ASP H 265 -42.60 -32.86 35.23
N HIS H 269 -39.12 -30.29 36.54
CA HIS H 269 -39.89 -29.24 35.89
C HIS H 269 -40.66 -28.33 36.87
N ALA H 270 -40.40 -28.47 38.18
CA ALA H 270 -41.04 -27.67 39.23
C ALA H 270 -40.57 -26.21 39.18
N LYS H 271 -39.25 -25.98 39.05
CA LYS H 271 -38.66 -24.65 38.96
C LYS H 271 -38.98 -24.00 37.61
N GLN H 272 -39.13 -24.81 36.54
CA GLN H 272 -39.51 -24.32 35.20
C GLN H 272 -40.96 -23.84 35.18
N LYS H 273 -41.91 -24.72 35.59
CA LYS H 273 -43.34 -24.45 35.65
C LYS H 273 -43.62 -23.20 36.46
N SER H 274 -42.87 -23.00 37.57
CA SER H 274 -42.97 -21.83 38.45
C SER H 274 -42.61 -20.54 37.68
N VAL H 275 -41.44 -20.53 37.00
CA VAL H 275 -40.94 -19.42 36.18
C VAL H 275 -41.93 -19.12 35.00
N ILE H 276 -42.35 -20.18 34.27
CA ILE H 276 -43.25 -20.08 33.13
C ILE H 276 -44.63 -19.50 33.54
N SER H 277 -45.23 -20.01 34.66
CA SER H 277 -46.52 -19.54 35.21
C SER H 277 -46.50 -18.06 35.54
N TRP H 278 -45.41 -17.61 36.22
CA TRP H 278 -45.20 -16.23 36.64
C TRP H 278 -45.18 -15.30 35.43
N LEU H 279 -44.44 -15.68 34.37
CA LEU H 279 -44.33 -14.89 33.15
C LEU H 279 -45.60 -14.87 32.30
N LEU H 280 -46.37 -16.00 32.31
CA LEU H 280 -47.57 -16.13 31.49
C LEU H 280 -48.87 -15.58 32.11
N ASN H 281 -48.78 -14.99 33.31
CA ASN H 281 -49.91 -14.36 33.99
C ASN H 281 -50.55 -13.33 33.04
N HIS H 282 -51.87 -13.44 32.79
CA HIS H 282 -52.58 -12.55 31.86
C HIS H 282 -52.54 -11.07 32.27
N ASP H 283 -52.38 -10.80 33.58
CA ASP H 283 -52.24 -9.44 34.07
C ASP H 283 -50.77 -9.03 34.01
N PRO H 284 -50.41 -8.05 33.14
CA PRO H 284 -49.01 -7.62 33.08
C PRO H 284 -48.47 -7.01 34.38
N ALA H 285 -49.36 -6.74 35.36
CA ALA H 285 -48.99 -6.21 36.67
C ALA H 285 -48.43 -7.33 37.54
N LYS H 286 -49.00 -8.55 37.41
CA LYS H 286 -48.57 -9.74 38.15
C LYS H 286 -47.34 -10.46 37.54
N ARG H 287 -46.91 -10.06 36.30
CA ARG H 287 -45.72 -10.57 35.59
C ARG H 287 -44.48 -9.92 36.19
N PRO H 288 -43.33 -10.64 36.32
CA PRO H 288 -42.15 -9.99 36.88
C PRO H 288 -41.42 -9.19 35.81
N THR H 289 -40.60 -8.21 36.22
CA THR H 289 -39.77 -7.54 35.23
C THR H 289 -38.57 -8.49 34.97
N ALA H 290 -37.77 -8.21 33.94
CA ALA H 290 -36.59 -9.00 33.63
C ALA H 290 -35.60 -9.04 34.79
N THR H 291 -35.28 -7.87 35.41
CA THR H 291 -34.40 -7.77 36.58
C THR H 291 -35.03 -8.42 37.82
N GLU H 292 -36.36 -8.40 37.93
CA GLU H 292 -37.09 -9.02 39.05
C GLU H 292 -36.93 -10.53 39.01
N LEU H 293 -37.03 -11.14 37.82
CA LEU H 293 -36.85 -12.58 37.60
C LEU H 293 -35.36 -13.00 37.81
N LEU H 294 -34.40 -12.16 37.35
CA LEU H 294 -32.95 -12.36 37.51
C LEU H 294 -32.56 -12.34 38.99
N LYS H 295 -33.03 -11.32 39.74
CA LYS H 295 -32.78 -11.17 41.17
C LYS H 295 -33.63 -12.15 42.02
N SER H 296 -34.50 -12.96 41.38
CA SER H 296 -35.28 -13.98 42.08
C SER H 296 -34.40 -15.23 42.23
N GLU H 297 -34.64 -16.02 43.27
CA GLU H 297 -33.80 -17.21 43.53
C GLU H 297 -34.25 -18.46 42.74
N LEU H 298 -35.26 -18.32 41.87
CA LEU H 298 -35.84 -19.37 41.02
C LEU H 298 -34.86 -19.90 39.98
N LEU H 299 -33.89 -19.07 39.60
CA LEU H 299 -32.88 -19.38 38.60
C LEU H 299 -31.68 -20.11 39.22
N PRO H 300 -31.09 -21.11 38.53
CA PRO H 300 -29.89 -21.77 39.08
C PRO H 300 -28.67 -20.85 38.96
N PRO H 301 -27.55 -21.10 39.65
CA PRO H 301 -26.40 -20.20 39.48
C PRO H 301 -25.68 -20.50 38.14
N PRO H 302 -24.83 -19.61 37.61
CA PRO H 302 -24.13 -19.93 36.36
C PRO H 302 -23.10 -21.04 36.56
N GLN H 303 -22.88 -21.85 35.49
CA GLN H 303 -21.94 -22.95 35.43
C GLN H 303 -21.00 -22.76 34.24
N MET H 304 -19.98 -23.62 34.13
CA MET H 304 -19.01 -23.63 33.04
C MET H 304 -19.43 -24.60 31.95
#